data_8DGJ
#
_entry.id   8DGJ
#
_cell.length_a   1.00
_cell.length_b   1.00
_cell.length_c   1.00
_cell.angle_alpha   90.00
_cell.angle_beta   90.00
_cell.angle_gamma   90.00
#
_symmetry.space_group_name_H-M   'P 1'
#
loop_
_entity.id
_entity.type
_entity.pdbx_description
1 polymer 'Endoribonuclease Dcr-1'
2 polymer 'Loquacious, isoform B'
#
loop_
_entity_poly.entity_id
_entity_poly.type
_entity_poly.pdbx_seq_one_letter_code
_entity_poly.pdbx_strand_id
1 'polypeptide(L)'
;MAFHWCDNNLHTTVFTPRDFQVELLATAYERNTIICLGHRSSKEFIALKLLQELSRRARRHGRVSVYLSCEVGTSTEPCS
IYTMLTHLTDLRVWQEQPDMQIPFDHCWTDYHVSILRPEGFLYLLETRELLLSRVELIVLEDCHDSAVYQRIRPLFENHI
MPAPPADRPRILGLAGPLHSAGCELQQLSAMLATLEQSVLCQIESASDIVTVLRYCSRPHEYIVQCAPFEMDELSLVLAD
VLNTHKSFLLDHRYDPYEIYGTDQFMDELKDIPDPKVDPLNVINSLLVVLHEMGPWCTQRAAHHFYQCNEKLKVKTPHER
HYLLYCLVSTALIQLYSLCEHAFHRHLGSGSDSRQTIERYSSPKVRRLLQTLRCFKPEEVHTQADGLRRMRHQVDQADFN
RLSHTLESKCRMVDQLDQPPTETRALVATLEQILHTTEDRQTNRSAARVTPTPTPAHAKPKPSSGANTAQPRTRRRVYTR
RHHRDHNDGSDTLCALIYCNQNHTARVLFELLAEISRRDPDLKFLRCQYTTDRVADPTTEPKEAELEHRRQEEVLKRFRM
HDCNVLIGTSVLEEGIDVPKCNLVVRWDPPTTYRSYVQCKGRARAAPAYHVILVAPSYKSPTVGSVQLTDRSHRYICATG
DTTEADSDSDDSAMPNSSGSDPYTFGTARGTVKILNPEVFSKQPPTACDIKLQEIQDELPASAQLDTSNSSDEAVSMSNT
SPSESSTEQKSRRFQCELSSLTEPEDTSDTTAEIDTAHSLASTTKDLVHQMAQYREIEQMLLSKCANTEPPEQEQCEAER
FSACLAAYRPKPHLLTGASVDLGSAIALVNKYCARLPSDTFTKLTALWRCTRNERAGVTLFQYTLRLPINSPLKHDIVGL
PMPTQTLARRLAALQACVELHRIGELDDQLQPIGKEGFRALEPDWECFELEPEDEQIVQLSDEPRPGTTKRRQYYYKRIA
SEFCDCRPVAGAPCYLYFIQLTLQCPIPEEQNTRGRKIYPPEDAQQGFGILTTKRIPKLSAFSIFTRSGEVKVSLELAKE
RVILTSEQIVCINGFLNYTFTNVLRLQKFLMLFDPDSTENCVFIVPTVKAPAGGKHIDWQFLELIQANGNTMPRAVPDEE
RQAQPFDPQRFQDAVVMPWYRNQDQPQYFYVAEICPHLSPLSCFPGDNYRTFKHYYLVKYGLTIQNTSQPLLDVDHTSAR
LNFLTPRYVNRKGVALPTSSEETKRAKRENLEQKQILVPELCTVHPFPASLWRTAVCLPCILYRINGLLLADDIRKQVSA
DLGLGRQQIEDEDFEWPMLDFGWSLSEVLKKSRESKQKESLKDDTINGKDLVDVEKKAISEETQIDKDSKDDKVEKSAIE
LIIEGEEKLQEADDFIEIGTWSNDMADDIASFNQEDDDEDDAFHLPVLPANVKFCDQQTRYGSPTFWDVSNGESGFKGPK
SSQNKQGGKGKAKGPAKPTFNYYDSDNSLGSSYDDDDNAGPLNYMHHNYSSDDDDVADDIDAGRIAFTSKNEAETIETAQ
EVEKRQKQLSIIQATNANERQYQQTKNLLIGFNFKHEDQKEPATIRYEESIAKLKTEIESGGMLVPHDQQLVLKRSDAAE
AQVAKVSMMELLKQLLPYVNEDVLAKKLGDRRELLLSDLVELNADWVARHEQETYNVMGCGDSFDNYNDHHRLNLDEKQL
KLQYERIEIEPPTSTKAITSAILPAGFSFDRQPDLVGHPGPSPSIILQALTMSNANDGINLERLETIGDSFLKYAITTYL
YITYENVHEGKLSHLRSKQVANLNLYRLGRRKRLGEYMIATKFEPHDNWLPPCYYVPKELEKALIEAKIPTHHWKLADLL
DIKNLSSVQICEMVREKADALGLEQNGGAQNGQLDDSNDSCNDFSCFIPYNLVSQHSIPDKSIADCVEALIGAYLIECGP
RGALLFMAWLGVRVLPITRQLDGGNQEQRIPGSTKPNAENVVTVYGAWPTPRSPLLHFAPNATEELDQLLSGFEEFEESL
GYKFRDRSYLLQAMTHASYTPNRLTDCYQRLEFLGDAVLDYLITRHLYEDPRQHSPGALTDLRSALVNNTIFASLAVRHG
FHKFFRHLSPGLNDVIDRFVRIQQENGHCISEEYYLLSEEECDDAEDVEVPKALGDVFESIAGAIFLDSNMSLDVVWHVY
SNMMSPEIEQFSNSVPKSPIRELLELEPETAKFGKPEKLADGRRVRVTVDVFCKGTFRGIGRNYRIAKCTAAKCALRQLK
KQGLIAKKD
;
A
2 'polypeptide(L)'
;MDQENFHGSSLPQQLQNLHIQPQQASPNPVQTGFAPRRHYNNLVGLGNGNAVSGSPVKGAPLGQRHVKLKKEKISAQVAQ
LSQPGQLQLSDVGDPALAGGSGLQGGVGLMGVILPSDEALKFVSETDANGLAMKTPVSILQELLSRRGITPGYELVQIEG
AIHEPTFRFRVSFKDKDTPFTAMGAGRSKKEAKHAAARALIDKLIGAQLPESPSSSAGPSVTGLTVAGSGGDGNANATGG
GDASDKTVGNPIGWLQEMCMQRRWPPPSYETETEVGLPHERLFTIACSILNYREMGKGKSKKIAKRLAAHRMWMRLQETP
IDSGKISDSICGELEGEPRSSENYYGELKDISVPTLTTQHSNKVSQFHKTLKNATGKKLLKLQKTCLKNNKIDYIKLLGE
IATENQFEVTYVDIEEKTFSGQFQCLVQLSTLPVGVCHGSGPTAADAQRHAAQNALEYLKIMTKK
;
N
#
# COMPACT_ATOMS: atom_id res chain seq x y z
N THR A 13 -13.54 5.24 20.62
CA THR A 13 -12.09 5.31 20.48
C THR A 13 -11.63 6.73 20.23
N VAL A 14 -11.69 7.56 21.26
CA VAL A 14 -11.39 8.98 21.16
C VAL A 14 -10.25 9.34 22.11
N PHE A 15 -9.56 10.43 21.82
CA PHE A 15 -8.48 10.94 22.67
C PHE A 15 -8.25 12.42 22.34
N THR A 16 -7.21 12.99 22.93
CA THR A 16 -6.91 14.42 22.80
C THR A 16 -5.60 14.60 22.06
N PRO A 17 -5.64 15.01 20.77
CA PRO A 17 -4.41 15.06 19.98
C PRO A 17 -3.54 16.29 20.18
N ARG A 18 -2.24 16.04 20.27
CA ARG A 18 -1.24 17.08 20.32
C ARG A 18 -0.28 16.93 19.15
N ASP A 19 0.57 17.92 18.96
CA ASP A 19 1.67 17.79 18.01
C ASP A 19 2.97 17.38 18.70
N PHE A 20 2.97 16.17 19.26
CA PHE A 20 4.18 15.68 19.92
C PHE A 20 5.27 15.39 18.89
N GLN A 21 6.51 15.63 19.30
CA GLN A 21 7.73 15.77 18.48
C GLN A 21 7.67 16.94 17.50
N VAL A 22 6.62 17.77 17.58
CA VAL A 22 6.46 18.92 16.70
C VAL A 22 6.32 20.21 17.51
N GLU A 23 5.90 20.12 18.78
CA GLU A 23 6.13 21.25 19.68
C GLU A 23 7.63 21.50 19.81
N LEU A 24 8.38 20.40 19.83
CA LEU A 24 9.83 20.44 19.80
C LEU A 24 10.33 21.16 18.57
N LEU A 25 9.66 20.94 17.43
CA LEU A 25 10.05 21.61 16.21
C LEU A 25 9.71 23.10 16.26
N ALA A 26 8.56 23.47 16.81
CA ALA A 26 8.19 24.88 16.92
C ALA A 26 9.14 25.62 17.87
N THR A 27 9.28 25.09 19.08
CA THR A 27 10.17 25.65 20.10
C THR A 27 11.62 25.59 19.64
N ALA A 28 11.92 24.66 18.73
CA ALA A 28 13.17 24.65 18.01
C ALA A 28 13.22 25.70 16.92
N TYR A 29 12.09 26.31 16.55
CA TYR A 29 12.23 27.38 15.59
C TYR A 29 12.42 28.75 16.25
N GLU A 30 11.66 29.08 17.31
CA GLU A 30 11.86 30.44 17.82
C GLU A 30 13.15 30.54 18.63
N ARG A 31 13.19 29.82 19.74
CA ARG A 31 14.12 30.07 20.83
C ARG A 31 15.20 29.00 20.83
N ASN A 32 16.36 29.35 21.38
CA ASN A 32 17.41 28.37 21.58
C ASN A 32 16.92 27.31 22.56
N THR A 33 17.02 26.04 22.17
CA THR A 33 16.24 25.01 22.85
C THR A 33 17.10 23.74 22.96
N ILE A 34 16.88 22.94 24.01
CA ILE A 34 17.50 21.63 24.12
C ILE A 34 16.40 20.58 24.32
N ILE A 35 16.40 19.57 23.45
CA ILE A 35 15.33 18.58 23.31
C ILE A 35 15.78 17.26 23.92
N CYS A 36 14.91 16.62 24.70
CA CYS A 36 15.22 15.34 25.33
C CYS A 36 14.29 14.22 24.85
N LEU A 37 14.82 13.37 23.95
CA LEU A 37 14.13 12.16 23.49
C LEU A 37 15.05 10.96 23.56
N GLY A 38 14.44 9.78 23.41
CA GLY A 38 15.11 8.52 23.59
C GLY A 38 15.73 7.89 22.36
N HIS A 39 14.95 7.79 21.27
CA HIS A 39 15.45 7.22 20.03
C HIS A 39 16.52 8.12 19.44
N ARG A 40 17.42 7.54 18.65
CA ARG A 40 18.31 8.38 17.88
C ARG A 40 17.69 8.68 16.53
N SER A 41 16.54 8.06 16.24
CA SER A 41 15.83 8.32 14.99
C SER A 41 15.04 9.63 15.06
N SER A 42 14.37 9.89 16.19
CA SER A 42 13.61 11.13 16.31
C SER A 42 14.53 12.33 16.44
N LYS A 43 15.72 12.14 17.03
CA LYS A 43 16.70 13.21 17.06
C LYS A 43 17.17 13.58 15.65
N GLU A 44 17.46 12.58 14.83
CA GLU A 44 17.87 12.85 13.45
C GLU A 44 16.72 13.39 12.62
N PHE A 45 15.49 12.95 12.89
CA PHE A 45 14.32 13.49 12.19
C PHE A 45 14.09 14.96 12.48
N ILE A 46 14.05 15.34 13.76
CA ILE A 46 13.85 16.72 14.14
C ILE A 46 15.03 17.57 13.74
N ALA A 47 16.23 17.00 13.73
CA ALA A 47 17.41 17.70 13.25
C ALA A 47 17.34 17.99 11.75
N LEU A 48 16.95 17.00 10.95
CA LEU A 48 16.84 17.21 9.51
C LEU A 48 15.76 18.23 9.17
N LYS A 49 14.62 18.14 9.87
CA LYS A 49 13.52 19.06 9.61
C LYS A 49 13.91 20.47 9.94
N LEU A 50 14.63 20.65 11.05
CA LEU A 50 15.05 21.99 11.42
C LEU A 50 16.14 22.53 10.50
N LEU A 51 17.05 21.69 10.02
CA LEU A 51 18.03 22.17 9.05
C LEU A 51 17.37 22.58 7.73
N GLN A 52 16.36 21.85 7.26
CA GLN A 52 15.74 22.29 6.00
C GLN A 52 14.84 23.50 6.23
N GLU A 53 14.27 23.62 7.44
CA GLU A 53 13.33 24.71 7.68
C GLU A 53 14.07 26.01 7.91
N LEU A 54 15.31 25.93 8.39
CA LEU A 54 16.18 27.11 8.44
C LEU A 54 17.08 27.22 7.21
N SER A 55 17.04 26.24 6.31
CA SER A 55 17.85 26.29 5.10
C SER A 55 17.47 27.43 4.17
N ARG A 56 16.18 27.79 4.09
CA ARG A 56 15.77 28.88 3.21
C ARG A 56 16.32 30.20 3.70
N ARG A 57 16.34 30.38 5.03
CA ARG A 57 16.90 31.59 5.60
C ARG A 57 18.42 31.57 5.52
N ALA A 58 19.01 30.37 5.46
CA ALA A 58 20.44 30.25 5.23
C ALA A 58 20.81 30.59 3.79
N ARG A 59 19.99 30.17 2.83
CA ARG A 59 20.40 30.23 1.43
C ARG A 59 20.35 31.65 0.86
N ARG A 60 19.32 32.42 1.21
CA ARG A 60 19.26 33.84 0.85
C ARG A 60 20.45 34.66 1.31
N HIS A 61 20.92 34.49 2.53
CA HIS A 61 22.13 35.18 2.96
C HIS A 61 23.39 34.35 2.71
N GLY A 62 23.26 33.22 2.01
CA GLY A 62 24.37 32.38 1.61
C GLY A 62 25.11 31.77 2.77
N ARG A 63 24.39 31.47 3.85
CA ARG A 63 25.02 31.06 5.09
C ARG A 63 25.41 29.58 5.04
N VAL A 64 25.95 29.09 6.14
CA VAL A 64 26.41 27.72 6.23
C VAL A 64 25.70 27.02 7.38
N SER A 65 25.05 25.91 7.07
CA SER A 65 24.25 25.17 8.03
C SER A 65 25.05 23.99 8.54
N VAL A 66 25.19 23.90 9.87
CA VAL A 66 26.15 23.03 10.52
C VAL A 66 25.43 22.12 11.51
N TYR A 67 25.77 20.82 11.48
CA TYR A 67 25.24 19.84 12.42
C TYR A 67 26.43 19.27 13.17
N LEU A 68 26.49 19.48 14.48
CA LEU A 68 27.64 19.06 15.28
C LEU A 68 27.31 17.78 16.04
N SER A 69 28.20 16.79 15.92
CA SER A 69 27.97 15.48 16.50
C SER A 69 29.31 14.81 16.79
N CYS A 70 29.26 13.75 17.58
CA CYS A 70 30.46 13.02 17.96
C CYS A 70 30.46 11.56 17.53
N GLU A 71 29.39 11.08 16.91
CA GLU A 71 29.40 9.74 16.31
C GLU A 71 29.67 9.78 14.83
N VAL A 72 30.53 10.73 14.48
CA VAL A 72 30.95 11.00 13.11
C VAL A 72 32.42 10.66 12.97
N GLY A 73 32.76 9.98 11.88
CA GLY A 73 34.10 9.50 11.70
C GLY A 73 34.37 8.14 12.29
N THR A 74 33.35 7.33 12.52
CA THR A 74 33.57 6.00 13.06
C THR A 74 33.59 4.96 11.95
N SER A 75 32.93 5.25 10.82
CA SER A 75 32.90 4.33 9.70
C SER A 75 33.06 5.11 8.39
N THR A 76 33.75 4.48 7.44
CA THR A 76 33.75 4.97 6.07
C THR A 76 32.43 4.64 5.38
N GLU A 77 31.67 3.69 5.91
CA GLU A 77 30.25 3.62 5.66
C GLU A 77 29.64 4.95 6.12
N PRO A 78 28.75 5.56 5.33
CA PRO A 78 28.28 6.91 5.64
C PRO A 78 27.52 6.96 6.97
N CYS A 79 27.69 8.07 7.68
CA CYS A 79 26.97 8.28 8.93
C CYS A 79 25.49 8.42 8.64
N SER A 80 24.68 8.15 9.67
CA SER A 80 23.23 8.12 9.47
C SER A 80 22.71 9.48 9.05
N ILE A 81 23.21 10.55 9.67
CA ILE A 81 22.70 11.90 9.39
C ILE A 81 23.11 12.35 7.99
N TYR A 82 24.34 12.01 7.58
CA TYR A 82 24.79 12.28 6.21
C TYR A 82 23.92 11.58 5.20
N THR A 83 23.58 10.33 5.47
CA THR A 83 22.66 9.58 4.63
C THR A 83 21.30 10.26 4.53
N MET A 84 20.70 10.56 5.70
CA MET A 84 19.39 11.20 5.83
C MET A 84 19.31 12.44 4.97
N LEU A 85 20.33 13.27 5.03
CA LEU A 85 20.19 14.65 4.64
C LEU A 85 20.85 14.90 3.29
N THR A 86 21.81 14.06 2.90
CA THR A 86 22.28 14.04 1.53
C THR A 86 21.23 13.51 0.59
N HIS A 87 20.55 12.42 0.94
CA HIS A 87 19.66 11.90 -0.07
C HIS A 87 18.21 11.85 0.39
N LEU A 88 17.79 12.74 1.27
CA LEU A 88 16.37 12.68 1.58
C LEU A 88 15.66 14.03 1.57
N THR A 89 16.31 15.13 1.86
CA THR A 89 15.71 16.44 1.69
C THR A 89 16.55 17.23 0.70
N ASP A 90 16.24 18.52 0.62
CA ASP A 90 16.75 19.46 -0.38
C ASP A 90 18.26 19.53 -0.47
N LEU A 91 18.96 19.26 0.62
CA LEU A 91 20.29 19.82 0.82
C LEU A 91 21.38 18.91 0.28
N ARG A 92 22.32 19.53 -0.43
CA ARG A 92 23.63 18.93 -0.72
C ARG A 92 24.48 18.97 0.55
N VAL A 93 25.05 17.82 0.92
CA VAL A 93 25.44 17.56 2.30
C VAL A 93 26.83 16.96 2.33
N TRP A 94 27.66 17.37 3.28
CA TRP A 94 28.99 16.80 3.43
C TRP A 94 29.22 16.30 4.86
N GLN A 95 29.73 15.07 4.95
CA GLN A 95 30.23 14.48 6.19
C GLN A 95 31.73 14.29 6.08
N GLU A 96 32.44 14.67 7.14
CA GLU A 96 33.89 14.54 7.17
C GLU A 96 34.29 13.23 7.83
N GLN A 97 34.81 12.32 7.02
CA GLN A 97 35.50 11.13 7.49
C GLN A 97 36.74 11.53 8.27
N PRO A 98 37.13 10.76 9.31
CA PRO A 98 37.99 11.35 10.35
C PRO A 98 39.42 11.59 9.92
N ASP A 99 39.84 11.06 8.78
CA ASP A 99 41.20 11.21 8.33
C ASP A 99 41.33 11.77 6.92
N MET A 100 40.30 12.43 6.40
CA MET A 100 40.54 13.22 5.19
C MET A 100 41.17 14.55 5.59
N GLN A 101 41.61 15.29 4.59
CA GLN A 101 42.31 16.54 4.86
C GLN A 101 41.38 17.73 5.00
N ILE A 102 40.08 17.48 5.04
CA ILE A 102 39.02 18.49 5.14
C ILE A 102 39.19 19.53 4.03
N PRO A 103 38.82 19.22 2.78
CA PRO A 103 38.96 20.20 1.68
C PRO A 103 38.11 21.45 1.92
N PHE A 104 38.68 22.60 1.58
CA PHE A 104 38.05 23.89 1.82
C PHE A 104 37.46 24.51 0.56
N ASP A 105 37.32 23.73 -0.51
CA ASP A 105 36.94 24.28 -1.81
C ASP A 105 35.49 24.73 -1.90
N HIS A 106 34.51 23.82 -1.79
CA HIS A 106 33.12 24.24 -1.80
C HIS A 106 32.28 23.46 -0.79
N CYS A 107 32.88 22.95 0.28
CA CYS A 107 32.21 22.09 1.24
C CYS A 107 31.23 22.83 2.15
N TRP A 108 31.18 24.15 2.10
CA TRP A 108 30.21 24.87 2.90
C TRP A 108 29.52 25.95 2.07
N THR A 109 30.21 26.43 1.03
CA THR A 109 29.58 27.41 0.14
C THR A 109 28.58 26.73 -0.77
N ASP A 110 29.06 25.80 -1.60
CA ASP A 110 28.22 25.02 -2.51
C ASP A 110 27.86 23.69 -1.87
N TYR A 111 27.72 23.67 -0.54
CA TYR A 111 27.20 22.53 0.21
C TYR A 111 26.50 23.08 1.44
N HIS A 112 25.24 22.70 1.62
CA HIS A 112 24.42 23.34 2.64
C HIS A 112 24.78 22.89 4.04
N VAL A 113 24.57 21.61 4.34
CA VAL A 113 24.82 21.05 5.65
C VAL A 113 26.21 20.46 5.66
N SER A 114 27.00 20.84 6.65
CA SER A 114 28.19 20.10 7.01
C SER A 114 27.95 19.45 8.37
N ILE A 115 27.90 18.12 8.39
CA ILE A 115 27.92 17.40 9.66
C ILE A 115 29.37 17.29 10.08
N LEU A 116 29.70 17.94 11.19
CA LEU A 116 31.09 18.09 11.61
C LEU A 116 31.25 17.61 13.03
N ARG A 117 32.45 17.13 13.32
CA ARG A 117 32.89 17.04 14.69
C ARG A 117 33.08 18.45 15.25
N PRO A 118 32.88 18.64 16.55
CA PRO A 118 33.14 19.96 17.15
C PRO A 118 34.58 20.42 17.02
N GLU A 119 35.55 19.51 16.99
CA GLU A 119 36.92 19.91 16.70
C GLU A 119 37.08 20.30 15.24
N GLY A 120 36.31 19.69 14.34
CA GLY A 120 36.28 20.13 12.96
C GLY A 120 35.69 21.51 12.80
N PHE A 121 34.64 21.80 13.59
CA PHE A 121 34.07 23.14 13.60
C PHE A 121 35.05 24.15 14.19
N LEU A 122 35.83 23.72 15.19
CA LEU A 122 36.88 24.57 15.75
C LEU A 122 37.95 24.88 14.72
N TYR A 123 38.31 23.86 13.92
CA TYR A 123 39.27 24.06 12.83
C TYR A 123 38.68 24.97 11.75
N LEU A 124 37.36 24.90 11.57
CA LEU A 124 36.68 25.71 10.56
C LEU A 124 36.63 27.19 10.96
N LEU A 125 36.42 27.45 12.25
CA LEU A 125 36.25 28.84 12.68
C LEU A 125 37.59 29.51 13.02
N GLU A 126 38.51 28.77 13.66
CA GLU A 126 39.76 29.40 14.09
C GLU A 126 40.70 29.70 12.93
N THR A 127 40.47 29.13 11.76
CA THR A 127 41.23 29.43 10.57
C THR A 127 40.59 30.51 9.71
N ARG A 128 39.50 31.12 10.20
CA ARG A 128 38.74 32.18 9.54
C ARG A 128 38.18 31.77 8.19
N GLU A 129 37.91 30.47 8.00
CA GLU A 129 37.31 30.02 6.74
C GLU A 129 35.83 30.38 6.69
N LEU A 130 35.16 30.33 7.83
CA LEU A 130 33.72 30.57 7.91
C LEU A 130 33.46 31.66 8.93
N LEU A 131 32.52 32.55 8.62
CA LEU A 131 32.04 33.55 9.56
C LEU A 131 30.81 33.01 10.30
N LEU A 132 30.74 33.32 11.61
CA LEU A 132 29.60 32.90 12.41
C LEU A 132 28.31 33.61 11.99
N SER A 133 28.44 34.80 11.40
CA SER A 133 27.28 35.47 10.82
C SER A 133 26.76 34.70 9.61
N ARG A 134 27.63 33.93 8.94
CA ARG A 134 27.22 33.02 7.89
C ARG A 134 26.89 31.64 8.42
N VAL A 135 26.48 31.53 9.68
CA VAL A 135 26.08 30.27 10.28
C VAL A 135 24.64 30.41 10.73
N GLU A 136 23.76 29.55 10.22
CA GLU A 136 22.33 29.74 10.48
C GLU A 136 21.88 28.95 11.70
N LEU A 137 22.02 27.63 11.65
CA LEU A 137 21.49 26.78 12.71
C LEU A 137 22.54 25.75 13.10
N ILE A 138 22.77 25.58 14.39
CA ILE A 138 23.61 24.50 14.88
C ILE A 138 22.79 23.65 15.82
N VAL A 139 22.77 22.34 15.57
CA VAL A 139 22.15 21.36 16.44
C VAL A 139 23.26 20.46 17.00
N LEU A 140 23.32 20.37 18.32
CA LEU A 140 24.42 19.70 19.03
C LEU A 140 23.94 18.33 19.45
N GLU A 141 24.53 17.27 18.88
CA GLU A 141 24.04 15.92 19.17
C GLU A 141 24.61 15.40 20.48
N ASP A 142 23.71 14.87 21.32
CA ASP A 142 24.01 14.21 22.61
C ASP A 142 24.78 15.12 23.56
N CYS A 143 24.23 16.31 23.81
CA CYS A 143 24.91 17.28 24.66
C CYS A 143 24.76 16.94 26.14
N HIS A 144 23.98 15.91 26.47
CA HIS A 144 23.84 15.51 27.87
C HIS A 144 25.08 14.81 28.38
N ASP A 145 26.01 14.44 27.51
CA ASP A 145 27.27 13.87 27.95
C ASP A 145 28.14 14.94 28.59
N SER A 146 28.88 14.53 29.62
CA SER A 146 29.89 15.41 30.21
C SER A 146 31.08 15.56 29.27
N ALA A 147 31.37 14.52 28.49
CA ALA A 147 32.48 14.56 27.56
C ALA A 147 32.14 15.43 26.35
N VAL A 148 30.90 15.31 25.85
CA VAL A 148 30.41 16.23 24.83
C VAL A 148 30.34 17.65 25.38
N TYR A 149 30.03 17.79 26.67
CA TYR A 149 30.09 19.10 27.32
C TYR A 149 31.52 19.63 27.31
N GLN A 150 32.49 18.73 27.50
CA GLN A 150 33.89 19.13 27.50
C GLN A 150 34.36 19.59 26.12
N ARG A 151 33.93 18.93 25.05
CA ARG A 151 34.22 19.49 23.72
C ARG A 151 33.46 20.79 23.44
N ILE A 152 32.18 20.88 23.81
CA ILE A 152 31.43 22.08 23.42
C ILE A 152 31.68 23.27 24.33
N ARG A 153 32.38 23.06 25.46
CA ARG A 153 32.67 24.18 26.35
C ARG A 153 33.62 25.22 25.76
N PRO A 154 34.77 24.89 25.14
CA PRO A 154 35.56 25.97 24.53
C PRO A 154 34.94 26.52 23.26
N LEU A 155 34.03 25.77 22.63
CA LEU A 155 33.33 26.28 21.45
C LEU A 155 32.41 27.43 21.82
N PHE A 156 31.68 27.29 22.92
CA PHE A 156 30.90 28.41 23.44
C PHE A 156 31.80 29.47 24.07
N GLU A 157 32.92 29.05 24.66
CA GLU A 157 33.77 29.98 25.40
C GLU A 157 34.49 30.95 24.48
N ASN A 158 35.03 30.46 23.36
CA ASN A 158 35.82 31.30 22.48
C ASN A 158 35.01 31.97 21.39
N HIS A 159 33.93 31.33 20.90
CA HIS A 159 33.28 31.78 19.67
C HIS A 159 31.83 32.14 19.87
N ILE A 160 31.02 31.30 20.52
CA ILE A 160 29.58 31.47 20.48
C ILE A 160 29.12 32.58 21.42
N MET A 161 29.46 32.45 22.71
CA MET A 161 29.13 33.49 23.68
C MET A 161 29.79 34.84 23.43
N PRO A 162 31.08 34.95 23.00
CA PRO A 162 31.57 36.29 22.62
C PRO A 162 30.88 36.93 21.43
N ALA A 163 30.21 36.15 20.59
CA ALA A 163 29.40 36.74 19.54
C ALA A 163 28.15 37.39 20.13
N PRO A 164 27.76 38.56 19.63
CA PRO A 164 26.54 39.22 20.12
C PRO A 164 25.30 38.47 19.66
N PRO A 165 24.16 38.65 20.34
CA PRO A 165 22.91 38.03 19.87
C PRO A 165 22.43 38.55 18.52
N ALA A 166 22.91 39.73 18.10
CA ALA A 166 22.72 40.15 16.71
C ALA A 166 23.51 39.27 15.75
N ASP A 167 24.63 38.70 16.20
CA ASP A 167 25.50 37.89 15.35
C ASP A 167 25.46 36.40 15.67
N ARG A 168 24.53 35.97 16.52
CA ARG A 168 24.46 34.58 16.94
C ARG A 168 23.67 33.74 15.95
N PRO A 169 24.05 32.48 15.75
CA PRO A 169 23.16 31.52 15.09
C PRO A 169 22.03 31.04 16.01
N ARG A 170 21.29 30.03 15.58
CA ARG A 170 20.27 29.42 16.42
C ARG A 170 20.79 28.12 17.01
N ILE A 171 20.74 28.01 18.34
CA ILE A 171 21.37 26.91 19.06
C ILE A 171 20.31 25.93 19.53
N LEU A 172 20.46 24.68 19.11
CA LEU A 172 19.60 23.60 19.53
C LEU A 172 20.51 22.51 20.08
N GLY A 173 20.04 21.79 21.09
CA GLY A 173 20.76 20.66 21.63
C GLY A 173 19.90 19.41 21.67
N LEU A 174 20.57 18.26 21.68
CA LEU A 174 19.92 16.97 21.79
C LEU A 174 20.43 16.26 23.03
N ALA A 175 19.53 15.66 23.79
CA ALA A 175 19.93 15.10 25.07
C ALA A 175 19.22 13.78 25.30
N GLY A 176 19.89 12.91 26.06
CA GLY A 176 19.27 11.73 26.58
C GLY A 176 18.20 12.15 27.56
N PRO A 177 17.19 11.31 27.76
CA PRO A 177 15.95 11.78 28.39
C PRO A 177 16.11 12.06 29.87
N LEU A 178 16.48 13.32 30.17
CA LEU A 178 16.91 13.82 31.46
C LEU A 178 15.92 13.63 32.60
N HIS A 179 14.72 13.12 32.32
CA HIS A 179 13.84 12.66 33.38
C HIS A 179 14.33 11.37 34.03
N SER A 180 15.29 10.67 33.41
CA SER A 180 15.98 9.57 34.08
C SER A 180 17.46 9.58 33.77
N ALA A 181 18.11 10.73 33.83
CA ALA A 181 19.55 10.76 33.63
C ALA A 181 20.26 10.15 34.82
N GLY A 182 21.50 9.71 34.60
CA GLY A 182 22.25 8.96 35.59
C GLY A 182 22.77 9.83 36.70
N CYS A 183 21.87 10.28 37.56
CA CYS A 183 22.21 11.32 38.52
C CYS A 183 21.21 11.29 39.66
N GLU A 184 21.73 11.51 40.87
CA GLU A 184 20.89 11.90 41.99
C GLU A 184 20.41 13.33 41.76
N LEU A 185 19.37 13.72 42.51
CA LEU A 185 18.56 14.88 42.17
C LEU A 185 19.33 16.20 42.23
N GLN A 186 20.38 16.28 43.07
CA GLN A 186 21.21 17.47 43.12
C GLN A 186 22.03 17.63 41.85
N GLN A 187 22.58 16.52 41.34
CA GLN A 187 23.23 16.57 40.03
C GLN A 187 22.23 16.90 38.92
N LEU A 188 20.97 16.49 39.06
CA LEU A 188 19.96 16.78 38.04
C LEU A 188 19.66 18.27 37.96
N SER A 189 19.43 18.91 39.11
CA SER A 189 19.16 20.35 39.11
C SER A 189 20.40 21.15 38.72
N ALA A 190 21.58 20.72 39.17
CA ALA A 190 22.81 21.35 38.75
C ALA A 190 23.05 21.18 37.25
N MET A 191 22.67 20.02 36.72
CA MET A 191 22.79 19.76 35.28
C MET A 191 21.87 20.67 34.48
N LEU A 192 20.61 20.81 34.91
CA LEU A 192 19.67 21.63 34.17
C LEU A 192 20.10 23.09 34.18
N ALA A 193 20.57 23.57 35.34
CA ALA A 193 21.13 24.92 35.44
C ALA A 193 22.35 25.10 34.56
N THR A 194 23.27 24.12 34.58
CA THR A 194 24.54 24.27 33.89
C THR A 194 24.37 24.20 32.37
N LEU A 195 23.52 23.29 31.89
CA LEU A 195 23.24 23.23 30.45
C LEU A 195 22.48 24.45 29.98
N GLU A 196 21.52 24.93 30.76
CA GLU A 196 20.75 26.09 30.32
C GLU A 196 21.55 27.39 30.43
N GLN A 197 22.65 27.41 31.18
CA GLN A 197 23.50 28.60 31.12
C GLN A 197 24.62 28.44 30.09
N SER A 198 25.01 27.20 29.80
CA SER A 198 26.17 26.98 28.93
C SER A 198 25.79 27.02 27.46
N VAL A 199 24.74 26.28 27.08
CA VAL A 199 24.41 26.14 25.66
C VAL A 199 23.52 27.30 25.19
N LEU A 200 23.20 28.23 26.10
CA LEU A 200 22.39 29.44 25.86
C LEU A 200 20.96 29.10 25.45
N CYS A 201 20.45 27.98 25.91
CA CYS A 201 19.15 27.48 25.47
C CYS A 201 18.17 27.45 26.64
N GLN A 202 16.99 26.89 26.35
CA GLN A 202 16.02 26.51 27.37
C GLN A 202 15.82 25.01 27.28
N ILE A 203 15.80 24.34 28.42
CA ILE A 203 15.59 22.89 28.45
C ILE A 203 14.12 22.65 28.10
N GLU A 204 13.82 21.53 27.46
CA GLU A 204 12.45 21.26 27.08
C GLU A 204 12.02 19.89 27.53
N SER A 205 10.86 19.83 28.17
CA SER A 205 10.41 18.58 28.77
C SER A 205 9.87 17.61 27.73
N ALA A 206 9.27 18.12 26.65
CA ALA A 206 8.25 17.40 25.90
C ALA A 206 8.78 16.15 25.20
N SER A 207 8.42 15.00 25.75
CA SER A 207 8.52 13.71 25.09
C SER A 207 7.12 13.14 25.03
N ASP A 208 7.00 11.88 24.62
CA ASP A 208 5.69 11.23 24.60
C ASP A 208 5.16 11.01 26.02
N ILE A 209 6.06 10.76 26.96
CA ILE A 209 5.73 10.70 28.38
C ILE A 209 5.11 12.01 28.84
N VAL A 210 5.77 13.12 28.50
CA VAL A 210 5.32 14.44 28.92
C VAL A 210 4.02 14.80 28.22
N THR A 211 3.83 14.30 27.01
CA THR A 211 2.58 14.51 26.28
C THR A 211 1.40 13.83 26.96
N VAL A 212 1.57 12.54 27.29
CA VAL A 212 0.48 11.80 27.92
C VAL A 212 0.33 12.17 29.39
N LEU A 213 1.30 12.87 29.97
CA LEU A 213 1.12 13.36 31.34
C LEU A 213 0.53 14.76 31.34
N ARG A 214 0.80 15.55 30.30
CA ARG A 214 0.28 16.91 30.20
C ARG A 214 -1.19 16.88 29.83
N TYR A 215 -1.53 16.38 28.65
CA TYR A 215 -2.95 16.36 28.32
C TYR A 215 -3.57 14.97 28.33
N CYS A 216 -3.15 14.13 29.27
CA CYS A 216 -4.02 13.15 29.89
C CYS A 216 -3.72 13.22 31.38
N SER A 217 -4.77 13.15 32.21
CA SER A 217 -4.65 13.49 33.61
C SER A 217 -3.84 12.45 34.36
N ARG A 218 -3.31 12.84 35.51
CA ARG A 218 -2.46 11.95 36.27
C ARG A 218 -3.31 10.97 37.08
N PRO A 219 -2.90 9.72 37.20
CA PRO A 219 -3.60 8.78 38.08
C PRO A 219 -3.33 9.04 39.55
N HIS A 220 -4.14 8.41 40.39
CA HIS A 220 -3.87 8.34 41.82
C HIS A 220 -2.73 7.36 42.05
N GLU A 221 -1.64 7.82 42.67
CA GLU A 221 -0.50 6.96 42.91
C GLU A 221 -0.58 6.36 44.31
N TYR A 222 -0.43 5.05 44.39
CA TYR A 222 -0.41 4.31 45.64
C TYR A 222 0.86 3.47 45.73
N ILE A 223 1.39 3.32 46.93
CA ILE A 223 2.22 2.18 47.29
C ILE A 223 1.39 1.32 48.20
N VAL A 224 1.31 0.03 47.90
CA VAL A 224 0.57 -0.89 48.76
C VAL A 224 1.56 -1.91 49.31
N GLN A 225 1.66 -1.96 50.63
CA GLN A 225 2.55 -2.90 51.29
C GLN A 225 1.92 -4.29 51.30
N CYS A 226 2.77 -5.31 51.42
CA CYS A 226 2.31 -6.69 51.37
C CYS A 226 2.88 -7.43 52.57
N ALA A 227 2.06 -8.25 53.22
CA ALA A 227 2.52 -8.96 54.40
C ALA A 227 3.47 -10.08 53.99
N PRO A 228 4.43 -10.42 54.86
CA PRO A 228 5.36 -11.51 54.53
C PRO A 228 4.68 -12.88 54.54
N PHE A 229 5.30 -13.81 53.82
CA PHE A 229 4.81 -15.19 53.79
C PHE A 229 5.02 -15.87 55.13
N GLU A 230 4.03 -16.66 55.52
CA GLU A 230 4.08 -17.47 56.73
C GLU A 230 4.41 -18.91 56.33
N MET A 231 5.68 -19.28 56.46
CA MET A 231 6.21 -20.54 55.96
C MET A 231 5.60 -21.70 56.74
N ASP A 232 5.49 -22.85 56.09
CA ASP A 232 4.88 -24.04 56.66
C ASP A 232 5.67 -25.27 56.24
N GLU A 233 5.02 -26.44 56.34
CA GLU A 233 5.66 -27.72 56.03
C GLU A 233 6.15 -27.77 54.58
N LEU A 234 5.23 -27.56 53.63
CA LEU A 234 5.56 -27.76 52.21
C LEU A 234 6.59 -26.74 51.74
N SER A 235 6.45 -25.49 52.18
CA SER A 235 7.37 -24.43 51.76
C SER A 235 8.79 -24.69 52.25
N LEU A 236 8.92 -25.14 53.49
CA LEU A 236 10.25 -25.40 54.01
C LEU A 236 10.86 -26.64 53.38
N VAL A 237 10.03 -27.64 53.02
CA VAL A 237 10.61 -28.83 52.40
C VAL A 237 10.99 -28.55 50.94
N LEU A 238 10.24 -27.67 50.25
CA LEU A 238 10.68 -27.19 48.94
C LEU A 238 11.98 -26.41 49.03
N ALA A 239 12.11 -25.56 50.05
CA ALA A 239 13.36 -24.83 50.26
C ALA A 239 14.50 -25.80 50.53
N ASP A 240 14.21 -26.90 51.23
CA ASP A 240 15.21 -27.95 51.46
C ASP A 240 15.61 -28.62 50.15
N VAL A 241 14.63 -28.86 49.27
CA VAL A 241 14.92 -29.53 47.99
C VAL A 241 15.79 -28.66 47.10
N LEU A 242 15.41 -27.38 46.95
CA LEU A 242 16.18 -26.48 46.09
C LEU A 242 17.55 -26.20 46.68
N ASN A 243 17.64 -26.06 48.01
CA ASN A 243 18.93 -25.84 48.63
C ASN A 243 19.80 -27.09 48.55
N THR A 244 19.19 -28.28 48.49
CA THR A 244 19.95 -29.50 48.28
C THR A 244 20.57 -29.53 46.89
N HIS A 245 19.76 -29.21 45.87
CA HIS A 245 20.28 -29.21 44.51
C HIS A 245 21.30 -28.10 44.31
N LYS A 246 21.08 -26.95 44.95
CA LYS A 246 22.03 -25.84 44.91
C LYS A 246 23.34 -26.18 45.60
N SER A 247 23.28 -26.85 46.75
CA SER A 247 24.51 -27.21 47.46
C SER A 247 25.30 -28.25 46.70
N PHE A 248 24.59 -29.16 46.01
CA PHE A 248 25.32 -30.14 45.19
C PHE A 248 25.94 -29.48 43.97
N LEU A 249 25.24 -28.50 43.37
CA LEU A 249 25.81 -27.87 42.17
C LEU A 249 26.94 -26.90 42.50
N LEU A 250 26.87 -26.17 43.62
CA LEU A 250 28.02 -25.38 44.05
C LEU A 250 29.12 -26.26 44.61
N ASP A 251 28.79 -27.49 45.02
CA ASP A 251 29.80 -28.41 45.50
C ASP A 251 30.61 -29.00 44.34
N HIS A 252 30.15 -28.83 43.10
CA HIS A 252 30.91 -29.20 41.92
C HIS A 252 32.16 -28.35 41.81
N ARG A 253 33.27 -28.98 41.44
CA ARG A 253 34.41 -28.28 40.87
C ARG A 253 34.50 -28.62 39.40
N TYR A 254 34.11 -27.68 38.56
CA TYR A 254 34.12 -27.88 37.12
C TYR A 254 35.46 -27.44 36.54
N ASP A 255 36.02 -28.26 35.68
CA ASP A 255 37.24 -27.94 34.95
C ASP A 255 37.28 -28.74 33.66
N PRO A 256 37.25 -28.09 32.49
CA PRO A 256 37.37 -28.85 31.24
C PRO A 256 38.74 -29.48 31.03
N TYR A 257 39.77 -29.01 31.74
CA TYR A 257 41.06 -29.69 31.73
C TYR A 257 40.99 -31.01 32.49
N GLU A 258 40.17 -31.07 33.54
CA GLU A 258 40.04 -32.27 34.35
C GLU A 258 38.91 -33.18 33.87
N ILE A 259 38.24 -32.83 32.78
CA ILE A 259 37.15 -33.62 32.23
C ILE A 259 37.48 -34.12 30.84
N TYR A 260 37.77 -33.21 29.91
CA TYR A 260 38.19 -33.55 28.56
C TYR A 260 39.68 -33.79 28.45
N GLY A 261 40.50 -32.88 28.96
CA GLY A 261 41.95 -33.03 28.93
C GLY A 261 42.54 -33.00 27.54
N THR A 262 41.95 -32.20 26.65
CA THR A 262 42.36 -32.16 25.24
C THR A 262 43.24 -30.93 25.02
N ASP A 263 44.54 -31.17 24.89
CA ASP A 263 45.50 -30.10 24.58
C ASP A 263 45.33 -29.56 23.16
N GLN A 264 44.85 -30.38 22.23
CA GLN A 264 44.70 -29.99 20.84
C GLN A 264 43.45 -29.16 20.57
N PHE A 265 42.57 -29.00 21.56
CA PHE A 265 41.29 -28.33 21.38
C PHE A 265 41.19 -27.10 22.29
N MET A 266 42.23 -26.27 22.25
CA MET A 266 42.25 -25.02 23.03
C MET A 266 41.11 -24.09 22.65
N ASP A 267 40.74 -24.05 21.37
CA ASP A 267 39.56 -23.31 20.95
C ASP A 267 38.28 -23.92 21.52
N GLU A 268 38.21 -25.25 21.58
CA GLU A 268 37.01 -25.92 22.06
C GLU A 268 36.96 -26.10 23.58
N LEU A 269 38.03 -25.77 24.30
CA LEU A 269 37.97 -25.85 25.76
C LEU A 269 37.14 -24.70 26.34
N LYS A 270 37.07 -23.58 25.63
CA LYS A 270 36.24 -22.46 26.05
C LYS A 270 34.96 -22.33 25.24
N ASP A 271 34.89 -22.95 24.07
CA ASP A 271 33.67 -22.89 23.27
C ASP A 271 32.58 -23.79 23.84
N ILE A 272 32.96 -24.88 24.50
CA ILE A 272 32.01 -25.75 25.18
C ILE A 272 31.45 -24.99 26.37
N PRO A 273 30.13 -24.87 26.49
CA PRO A 273 29.56 -24.04 27.56
C PRO A 273 29.64 -24.71 28.91
N ASP A 274 29.42 -23.90 29.95
CA ASP A 274 29.33 -24.43 31.30
C ASP A 274 28.04 -25.23 31.45
N PRO A 275 28.09 -26.42 32.06
CA PRO A 275 26.86 -27.17 32.35
C PRO A 275 26.08 -26.65 33.54
N LYS A 276 26.49 -25.52 34.13
CA LYS A 276 25.94 -25.03 35.38
C LYS A 276 25.05 -23.80 35.23
N VAL A 277 25.29 -22.96 34.20
CA VAL A 277 24.71 -21.62 34.19
C VAL A 277 23.21 -21.65 33.92
N ASP A 278 22.76 -22.57 33.07
CA ASP A 278 21.32 -22.75 32.91
C ASP A 278 20.67 -23.50 34.09
N PRO A 279 21.30 -24.53 34.69
CA PRO A 279 20.85 -24.92 36.05
C PRO A 279 20.87 -23.80 37.07
N LEU A 280 21.88 -22.92 37.02
CA LEU A 280 21.90 -21.78 37.93
C LEU A 280 20.70 -20.87 37.71
N ASN A 281 20.36 -20.62 36.45
CA ASN A 281 19.22 -19.75 36.13
C ASN A 281 17.90 -20.37 36.57
N VAL A 282 17.69 -21.66 36.27
CA VAL A 282 16.43 -22.33 36.64
C VAL A 282 16.28 -22.39 38.15
N ILE A 283 17.35 -22.76 38.86
CA ILE A 283 17.22 -22.98 40.29
C ILE A 283 17.20 -21.66 41.06
N ASN A 284 17.96 -20.64 40.61
CA ASN A 284 17.84 -19.31 41.20
C ASN A 284 16.45 -18.72 41.00
N SER A 285 15.86 -18.93 39.82
CA SER A 285 14.54 -18.41 39.53
C SER A 285 13.49 -19.07 40.43
N LEU A 286 13.59 -20.38 40.61
CA LEU A 286 12.61 -21.04 41.48
C LEU A 286 12.81 -20.67 42.95
N LEU A 287 14.07 -20.41 43.34
CA LEU A 287 14.35 -19.90 44.69
C LEU A 287 13.68 -18.55 44.93
N VAL A 288 13.81 -17.63 43.98
CA VAL A 288 13.24 -16.29 44.12
C VAL A 288 11.72 -16.36 44.11
N VAL A 289 11.15 -17.23 43.27
CA VAL A 289 9.70 -17.34 43.16
C VAL A 289 9.11 -17.92 44.45
N LEU A 290 9.82 -18.85 45.09
CA LEU A 290 9.39 -19.27 46.42
C LEU A 290 9.58 -18.16 47.45
N HIS A 291 10.71 -17.45 47.37
CA HIS A 291 11.11 -16.46 48.37
C HIS A 291 10.16 -15.28 48.42
N GLU A 292 9.50 -14.98 47.30
CA GLU A 292 8.57 -13.86 47.24
C GLU A 292 7.13 -14.28 46.98
N MET A 293 6.88 -15.04 45.91
CA MET A 293 5.51 -15.28 45.48
C MET A 293 4.93 -16.54 46.08
N GLY A 294 5.74 -17.58 46.26
CA GLY A 294 5.31 -18.72 47.03
C GLY A 294 5.64 -20.08 46.42
N PRO A 295 5.07 -21.12 47.01
CA PRO A 295 5.27 -22.46 46.47
C PRO A 295 4.32 -22.86 45.35
N TRP A 296 3.08 -22.34 45.31
CA TRP A 296 2.23 -22.56 44.15
C TRP A 296 2.80 -21.91 42.91
N CYS A 297 3.30 -20.69 43.05
CA CYS A 297 3.96 -20.01 41.95
C CYS A 297 5.22 -20.77 41.56
N THR A 298 5.93 -21.34 42.53
CA THR A 298 7.10 -22.16 42.26
C THR A 298 6.72 -23.42 41.51
N GLN A 299 5.57 -23.99 41.86
CA GLN A 299 5.05 -25.18 41.16
C GLN A 299 4.77 -24.90 39.70
N ARG A 300 4.02 -23.83 39.40
CA ARG A 300 3.70 -23.56 38.00
C ARG A 300 4.94 -23.12 37.22
N ALA A 301 5.82 -22.34 37.86
CA ALA A 301 7.08 -21.95 37.23
C ALA A 301 7.96 -23.16 36.94
N ALA A 302 8.02 -24.10 37.88
CA ALA A 302 8.84 -25.29 37.74
C ALA A 302 8.30 -26.21 36.65
N HIS A 303 6.97 -26.29 36.53
CA HIS A 303 6.36 -27.03 35.43
C HIS A 303 6.75 -26.43 34.08
N HIS A 304 6.68 -25.10 33.97
CA HIS A 304 7.01 -24.45 32.71
C HIS A 304 8.50 -24.55 32.41
N PHE A 305 9.32 -24.55 33.46
CA PHE A 305 10.75 -24.77 33.28
C PHE A 305 11.03 -26.21 32.87
N TYR A 306 10.20 -27.15 33.30
CA TYR A 306 10.34 -28.53 32.83
C TYR A 306 10.01 -28.63 31.35
N GLN A 307 9.00 -27.85 30.91
CA GLN A 307 8.67 -27.76 29.48
C GLN A 307 9.86 -27.27 28.66
N CYS A 308 10.57 -26.26 29.14
CA CYS A 308 11.71 -25.79 28.33
C CYS A 308 12.95 -26.66 28.52
N ASN A 309 13.15 -27.23 29.71
CA ASN A 309 14.37 -27.99 29.96
C ASN A 309 14.39 -29.36 29.32
N GLU A 310 13.24 -29.97 29.03
CA GLU A 310 13.29 -31.20 28.23
C GLU A 310 13.68 -30.90 26.79
N LYS A 311 13.28 -29.72 26.29
CA LYS A 311 13.78 -29.26 25.00
C LYS A 311 15.29 -29.04 25.04
N LEU A 312 15.79 -28.50 26.16
CA LEU A 312 17.23 -28.37 26.32
C LEU A 312 17.93 -29.72 26.47
N LYS A 313 17.23 -30.75 26.97
CA LYS A 313 17.77 -32.10 26.92
C LYS A 313 17.93 -32.58 25.48
N VAL A 314 16.91 -32.32 24.65
CA VAL A 314 16.94 -32.73 23.25
C VAL A 314 18.08 -32.02 22.51
N LYS A 315 18.25 -30.72 22.78
CA LYS A 315 19.28 -29.91 22.14
C LYS A 315 20.70 -30.29 22.55
N THR A 316 20.89 -30.85 23.75
CA THR A 316 22.20 -30.95 24.37
C THR A 316 23.07 -32.00 23.67
N PRO A 317 24.23 -31.62 23.12
CA PRO A 317 25.13 -32.62 22.52
C PRO A 317 26.05 -33.32 23.51
N HIS A 318 26.52 -32.61 24.53
CA HIS A 318 27.60 -33.09 25.38
C HIS A 318 27.10 -34.06 26.43
N GLU A 319 27.95 -34.37 27.42
CA GLU A 319 27.68 -35.45 28.36
C GLU A 319 27.37 -34.94 29.78
N ARG A 320 28.27 -34.14 30.37
CA ARG A 320 28.00 -33.61 31.71
C ARG A 320 26.92 -32.55 31.68
N HIS A 321 26.81 -31.85 30.55
CA HIS A 321 25.71 -30.93 30.33
C HIS A 321 24.38 -31.69 30.36
N TYR A 322 24.34 -32.84 29.70
CA TYR A 322 23.15 -33.68 29.72
C TYR A 322 22.89 -34.22 31.11
N LEU A 323 23.95 -34.57 31.85
CA LEU A 323 23.81 -35.04 33.24
C LEU A 323 23.15 -33.99 34.12
N LEU A 324 23.66 -32.76 34.07
CA LEU A 324 23.14 -31.73 34.97
C LEU A 324 21.77 -31.23 34.52
N TYR A 325 21.50 -31.23 33.22
CA TYR A 325 20.17 -30.84 32.76
C TYR A 325 19.13 -31.90 33.12
N CYS A 326 19.51 -33.18 33.06
CA CYS A 326 18.64 -34.23 33.54
C CYS A 326 18.44 -34.13 35.05
N LEU A 327 19.47 -33.68 35.78
CA LEU A 327 19.34 -33.45 37.22
C LEU A 327 18.34 -32.34 37.53
N VAL A 328 18.42 -31.23 36.78
CA VAL A 328 17.47 -30.14 36.94
C VAL A 328 16.07 -30.59 36.63
N SER A 329 15.90 -31.38 35.56
CA SER A 329 14.60 -31.93 35.21
C SER A 329 14.07 -32.85 36.31
N THR A 330 14.94 -33.66 36.90
CA THR A 330 14.56 -34.52 38.00
C THR A 330 14.09 -33.71 39.21
N ALA A 331 14.78 -32.60 39.49
CA ALA A 331 14.37 -31.69 40.55
C ALA A 331 12.98 -31.12 40.28
N LEU A 332 12.69 -30.82 39.01
CA LEU A 332 11.36 -30.31 38.66
C LEU A 332 10.29 -31.38 38.80
N ILE A 333 10.63 -32.64 38.44
CA ILE A 333 9.74 -33.78 38.68
C ILE A 333 9.44 -33.88 40.17
N GLN A 334 10.48 -33.74 40.99
CA GLN A 334 10.34 -33.79 42.44
C GLN A 334 9.38 -32.72 42.93
N LEU A 335 9.64 -31.46 42.56
CA LEU A 335 8.87 -30.33 43.06
C LEU A 335 7.42 -30.40 42.64
N TYR A 336 7.15 -30.90 41.43
CA TYR A 336 5.77 -31.11 41.05
C TYR A 336 5.14 -32.21 41.91
N SER A 337 5.91 -33.26 42.26
CA SER A 337 5.33 -34.30 43.11
C SER A 337 5.04 -33.80 44.53
N LEU A 338 5.98 -33.04 45.13
CA LEU A 338 5.76 -32.50 46.47
C LEU A 338 4.57 -31.54 46.51
N CYS A 339 4.56 -30.55 45.61
CA CYS A 339 3.46 -29.58 45.62
C CYS A 339 2.16 -30.22 45.18
N GLU A 340 2.23 -31.25 44.34
CA GLU A 340 1.04 -31.91 43.86
C GLU A 340 0.36 -32.71 44.96
N HIS A 341 1.15 -33.41 45.78
CA HIS A 341 0.56 -34.09 46.93
C HIS A 341 0.09 -33.09 47.98
N ALA A 342 0.85 -32.03 48.23
CA ALA A 342 0.49 -31.13 49.31
C ALA A 342 -0.63 -30.19 48.93
N PHE A 343 -0.93 -30.10 47.63
CA PHE A 343 -2.09 -29.35 47.19
C PHE A 343 -3.26 -30.29 46.91
N HIS A 344 -2.97 -31.58 46.78
CA HIS A 344 -4.02 -32.57 46.69
C HIS A 344 -4.32 -33.23 48.03
N ARG A 345 -3.52 -32.95 49.06
CA ARG A 345 -3.89 -33.40 50.40
C ARG A 345 -5.07 -32.60 50.95
N HIS A 346 -5.30 -31.39 50.43
CA HIS A 346 -6.47 -30.60 50.76
C HIS A 346 -7.65 -30.92 49.87
N LEU A 347 -7.45 -31.68 48.79
CA LEU A 347 -8.49 -31.88 47.79
C LEU A 347 -9.41 -33.05 48.12
N GLY A 348 -10.11 -32.96 49.24
CA GLY A 348 -11.20 -33.87 49.48
C GLY A 348 -12.45 -33.45 48.72
N SER A 349 -13.44 -34.35 48.70
CA SER A 349 -14.72 -34.00 48.07
C SER A 349 -15.46 -32.99 48.94
N GLY A 350 -16.11 -32.03 48.28
CA GLY A 350 -16.76 -30.96 49.00
C GLY A 350 -15.82 -29.92 49.54
N SER A 351 -14.59 -29.85 49.04
CA SER A 351 -13.59 -28.89 49.51
C SER A 351 -13.19 -27.98 48.34
N ASP A 352 -13.22 -26.67 48.57
CA ASP A 352 -12.72 -25.72 47.59
C ASP A 352 -11.22 -25.53 47.78
N SER A 353 -10.47 -25.67 46.69
CA SER A 353 -9.03 -25.54 46.75
C SER A 353 -8.56 -24.10 46.79
N ARG A 354 -9.48 -23.14 46.62
CA ARG A 354 -9.09 -21.73 46.50
C ARG A 354 -8.57 -21.18 47.83
N GLN A 355 -9.06 -21.72 48.95
CA GLN A 355 -8.54 -21.30 50.26
C GLN A 355 -7.09 -21.73 50.42
N THR A 356 -6.75 -22.93 49.93
CA THR A 356 -5.36 -23.38 49.97
C THR A 356 -4.52 -22.64 48.93
N ILE A 357 -5.14 -22.25 47.81
CA ILE A 357 -4.46 -21.48 46.77
C ILE A 357 -4.05 -20.11 47.33
N GLU A 358 -5.01 -19.41 47.93
CA GLU A 358 -4.73 -18.11 48.53
C GLU A 358 -3.83 -18.25 49.75
N ARG A 359 -3.93 -19.38 50.46
CA ARG A 359 -3.09 -19.61 51.62
C ARG A 359 -1.64 -19.78 51.22
N TYR A 360 -1.38 -20.65 50.24
CA TYR A 360 -0.02 -20.80 49.76
C TYR A 360 0.40 -19.67 48.84
N SER A 361 -0.55 -18.87 48.37
CA SER A 361 -0.19 -17.57 47.84
C SER A 361 0.39 -16.74 48.97
N SER A 362 1.48 -16.04 48.68
CA SER A 362 1.98 -15.06 49.62
C SER A 362 1.03 -13.88 49.68
N PRO A 363 1.08 -13.08 50.75
CA PRO A 363 0.24 -11.87 50.77
C PRO A 363 0.68 -10.80 49.79
N LYS A 364 1.79 -10.96 49.08
CA LYS A 364 1.98 -10.20 47.86
C LYS A 364 0.90 -10.55 46.86
N VAL A 365 0.65 -11.85 46.67
CA VAL A 365 -0.42 -12.30 45.79
C VAL A 365 -1.78 -11.94 46.39
N ARG A 366 -1.95 -12.10 47.70
CA ARG A 366 -3.24 -11.79 48.31
C ARG A 366 -3.53 -10.30 48.26
N ARG A 367 -2.48 -9.48 48.36
CA ARG A 367 -2.65 -8.04 48.29
C ARG A 367 -2.94 -7.60 46.87
N LEU A 368 -2.31 -8.25 45.89
CA LEU A 368 -2.69 -8.09 44.50
C LEU A 368 -4.14 -8.47 44.28
N LEU A 369 -4.59 -9.52 44.96
CA LEU A 369 -5.93 -10.02 44.73
C LEU A 369 -6.99 -9.12 45.36
N GLN A 370 -6.68 -8.46 46.48
CA GLN A 370 -7.65 -7.50 47.00
C GLN A 370 -7.63 -6.20 46.19
N THR A 371 -6.46 -5.84 45.64
CA THR A 371 -6.40 -4.74 44.67
C THR A 371 -7.28 -5.04 43.46
N LEU A 372 -7.27 -6.28 43.00
CA LEU A 372 -8.14 -6.65 41.89
C LEU A 372 -9.58 -6.84 42.33
N ARG A 373 -9.80 -7.12 43.63
CA ARG A 373 -11.16 -7.23 44.15
C ARG A 373 -11.87 -5.88 44.20
N CYS A 374 -11.11 -4.80 44.38
CA CYS A 374 -11.69 -3.46 44.45
C CYS A 374 -12.26 -2.92 43.12
N PHE A 375 -12.30 -3.74 42.08
CA PHE A 375 -12.68 -3.35 40.73
C PHE A 375 -13.78 -4.26 40.20
N LYS A 376 -14.85 -4.42 40.97
CA LYS A 376 -16.03 -5.17 40.51
C LYS A 376 -16.65 -4.60 39.24
N THR A 492 -15.96 -0.75 33.81
CA THR A 492 -14.97 -0.86 32.74
C THR A 492 -13.58 -1.05 33.31
N LEU A 493 -13.28 -2.26 33.74
CA LEU A 493 -11.93 -2.56 34.22
C LEU A 493 -10.98 -2.59 33.04
N CYS A 494 -9.85 -1.93 33.20
CA CYS A 494 -8.75 -2.02 32.23
C CYS A 494 -7.46 -1.98 33.04
N ALA A 495 -6.88 -3.15 33.30
CA ALA A 495 -5.71 -3.27 34.15
C ALA A 495 -4.50 -3.79 33.39
N LEU A 496 -3.48 -2.96 33.33
CA LEU A 496 -2.17 -3.34 32.82
C LEU A 496 -1.24 -3.61 33.99
N ILE A 497 -0.62 -4.79 34.01
CA ILE A 497 0.25 -5.18 35.10
C ILE A 497 1.65 -5.43 34.55
N TYR A 498 2.63 -4.67 35.02
CA TYR A 498 4.02 -4.92 34.65
C TYR A 498 4.61 -6.04 35.48
N CYS A 499 5.77 -6.53 35.05
CA CYS A 499 6.76 -7.25 35.83
C CYS A 499 8.01 -7.37 34.97
N ASN A 500 9.17 -7.19 35.58
CA ASN A 500 10.41 -7.11 34.82
C ASN A 500 11.05 -8.47 34.54
N GLN A 501 10.25 -9.54 34.54
CA GLN A 501 10.75 -10.88 34.23
C GLN A 501 9.67 -11.63 33.47
N ASN A 502 10.07 -12.38 32.43
CA ASN A 502 9.09 -12.96 31.52
C ASN A 502 8.34 -14.12 32.14
N HIS A 503 9.04 -15.04 32.81
CA HIS A 503 8.35 -16.19 33.38
C HIS A 503 7.56 -15.79 34.61
N THR A 504 7.95 -14.68 35.23
CA THR A 504 7.07 -14.02 36.20
C THR A 504 5.75 -13.63 35.55
N ALA A 505 5.80 -13.15 34.30
CA ALA A 505 4.55 -12.85 33.60
C ALA A 505 3.78 -14.11 33.27
N ARG A 506 4.47 -15.20 32.90
CA ARG A 506 3.77 -16.47 32.67
C ARG A 506 3.11 -17.00 33.94
N VAL A 507 3.78 -16.93 35.09
CA VAL A 507 3.17 -17.48 36.29
C VAL A 507 2.07 -16.57 36.80
N LEU A 508 2.22 -15.25 36.64
CA LEU A 508 1.15 -14.34 37.02
C LEU A 508 -0.06 -14.57 36.13
N PHE A 509 0.18 -14.84 34.84
CA PHE A 509 -0.86 -15.30 33.94
C PHE A 509 -1.52 -16.58 34.43
N GLU A 510 -0.73 -17.51 34.94
CA GLU A 510 -1.30 -18.80 35.32
C GLU A 510 -2.10 -18.71 36.61
N LEU A 511 -1.62 -17.90 37.58
CA LEU A 511 -2.43 -17.58 38.75
C LEU A 511 -3.74 -16.90 38.38
N LEU A 512 -3.68 -15.89 37.51
CA LEU A 512 -4.91 -15.20 37.17
C LEU A 512 -5.85 -16.07 36.35
N ALA A 513 -5.32 -16.98 35.54
CA ALA A 513 -6.17 -17.91 34.80
C ALA A 513 -6.84 -18.91 35.72
N GLU A 514 -6.09 -19.45 36.68
CA GLU A 514 -6.67 -20.38 37.66
C GLU A 514 -7.67 -19.68 38.56
N ILE A 515 -7.43 -18.39 38.84
CA ILE A 515 -8.36 -17.63 39.65
C ILE A 515 -9.65 -17.36 38.86
N SER A 516 -9.50 -16.96 37.59
CA SER A 516 -10.66 -16.63 36.77
C SER A 516 -11.49 -17.87 36.45
N ARG A 517 -10.86 -19.04 36.43
CA ARG A 517 -11.60 -20.26 36.19
C ARG A 517 -12.13 -20.91 37.47
N ARG A 518 -11.84 -20.36 38.64
CA ARG A 518 -12.33 -20.90 39.90
C ARG A 518 -13.05 -19.88 40.78
N ASP A 519 -12.56 -18.66 40.89
CA ASP A 519 -13.11 -17.70 41.84
C ASP A 519 -14.39 -17.10 41.28
N PRO A 520 -15.54 -17.23 41.96
CA PRO A 520 -16.75 -16.55 41.48
C PRO A 520 -16.70 -15.05 41.73
N ASP A 521 -15.86 -14.58 42.66
CA ASP A 521 -15.70 -13.16 42.88
C ASP A 521 -14.99 -12.51 41.68
N LEU A 522 -13.95 -13.16 41.17
CA LEU A 522 -13.09 -12.59 40.15
C LEU A 522 -13.27 -13.31 38.81
N LYS A 523 -14.50 -13.74 38.54
CA LYS A 523 -14.83 -14.51 37.35
C LYS A 523 -14.88 -13.67 36.08
N PHE A 524 -14.85 -12.35 36.20
CA PHE A 524 -15.14 -11.47 35.09
C PHE A 524 -13.89 -10.92 34.41
N LEU A 525 -12.84 -11.72 34.26
CA LEU A 525 -11.59 -11.28 33.64
C LEU A 525 -11.26 -12.16 32.44
N ARG A 526 -10.64 -11.55 31.42
CA ARG A 526 -10.06 -12.24 30.27
C ARG A 526 -8.61 -11.74 30.17
N CYS A 527 -7.67 -12.61 30.52
CA CYS A 527 -6.28 -12.21 30.76
C CYS A 527 -5.36 -12.63 29.62
N GLN A 528 -4.41 -11.76 29.29
CA GLN A 528 -3.38 -12.13 28.31
C GLN A 528 -2.01 -11.74 28.84
N TYR A 529 -0.96 -12.13 28.11
CA TYR A 529 0.41 -11.79 28.50
C TYR A 529 1.25 -11.51 27.27
N THR A 530 2.54 -11.24 27.49
CA THR A 530 3.53 -11.02 26.44
C THR A 530 4.92 -11.13 27.04
N THR A 531 5.95 -11.02 26.18
CA THR A 531 7.35 -11.10 26.59
C THR A 531 8.21 -10.12 25.81
N ASP A 532 9.30 -9.71 26.42
CA ASP A 532 10.35 -8.96 25.73
C ASP A 532 11.50 -9.86 25.28
N ARG A 533 11.21 -10.92 24.56
CA ARG A 533 12.25 -11.85 24.12
C ARG A 533 12.03 -12.17 22.63
N VAL A 534 12.03 -11.10 21.82
CA VAL A 534 12.14 -11.32 20.39
C VAL A 534 13.46 -11.99 20.09
N ALA A 535 13.40 -13.15 19.43
CA ALA A 535 14.56 -14.00 19.22
C ALA A 535 15.51 -13.37 18.19
N ASP A 536 16.73 -13.89 18.17
CA ASP A 536 17.73 -13.33 17.28
C ASP A 536 17.47 -13.79 15.84
N PRO A 537 17.23 -12.86 14.91
CA PRO A 537 16.87 -13.25 13.55
C PRO A 537 18.04 -13.73 12.72
N THR A 538 19.27 -13.49 13.21
CA THR A 538 20.46 -13.94 12.50
C THR A 538 20.60 -15.46 12.55
N THR A 539 19.98 -16.08 13.55
CA THR A 539 19.96 -17.54 13.65
C THR A 539 18.57 -18.12 13.49
N GLU A 540 17.62 -17.68 14.31
CA GLU A 540 16.30 -18.32 14.40
C GLU A 540 15.24 -17.21 14.31
N PRO A 541 14.77 -16.90 13.09
CA PRO A 541 13.71 -15.89 12.96
C PRO A 541 12.32 -16.47 12.80
N LYS A 542 12.19 -17.79 12.61
CA LYS A 542 10.90 -18.41 12.31
C LYS A 542 9.94 -18.29 13.49
N GLU A 543 10.43 -18.49 14.71
CA GLU A 543 9.61 -18.26 15.88
C GLU A 543 9.67 -16.82 16.38
N ALA A 544 10.57 -15.99 15.85
CA ALA A 544 10.43 -14.56 16.05
C ALA A 544 9.19 -14.04 15.34
N GLU A 545 8.90 -14.61 14.17
CA GLU A 545 7.62 -14.35 13.51
C GLU A 545 6.44 -14.79 14.37
N LEU A 546 6.58 -15.93 15.05
CA LEU A 546 5.50 -16.41 15.90
C LEU A 546 5.35 -15.56 17.16
N GLU A 547 6.47 -15.02 17.66
CA GLU A 547 6.44 -14.03 18.74
C GLU A 547 5.63 -12.80 18.32
N HIS A 548 5.90 -12.29 17.11
CA HIS A 548 5.18 -11.12 16.62
C HIS A 548 3.71 -11.43 16.36
N ARG A 549 3.42 -12.63 15.86
CA ARG A 549 2.04 -13.07 15.66
C ARG A 549 1.29 -13.19 16.98
N ARG A 550 1.98 -13.67 18.01
CA ARG A 550 1.39 -13.79 19.33
C ARG A 550 1.05 -12.42 19.91
N GLN A 551 1.97 -11.47 19.79
CA GLN A 551 1.71 -10.09 20.24
C GLN A 551 0.56 -9.47 19.46
N GLU A 552 0.49 -9.75 18.15
CA GLU A 552 -0.61 -9.29 17.30
C GLU A 552 -1.96 -9.80 17.76
N GLU A 553 -2.06 -11.11 18.00
CA GLU A 553 -3.35 -11.71 18.35
C GLU A 553 -3.79 -11.24 19.74
N VAL A 554 -2.84 -11.08 20.66
CA VAL A 554 -3.15 -10.55 21.99
C VAL A 554 -3.71 -9.14 21.90
N LEU A 555 -3.04 -8.26 21.12
CA LEU A 555 -3.49 -6.87 21.06
C LEU A 555 -4.82 -6.74 20.32
N LYS A 556 -5.07 -7.59 19.32
CA LYS A 556 -6.33 -7.49 18.58
C LYS A 556 -7.49 -8.01 19.44
N ARG A 557 -7.24 -8.98 20.32
CA ARG A 557 -8.27 -9.33 21.30
C ARG A 557 -8.44 -8.23 22.34
N PHE A 558 -7.36 -7.51 22.65
CA PHE A 558 -7.37 -6.50 23.70
C PHE A 558 -8.22 -5.29 23.33
N ARG A 559 -8.02 -4.74 22.13
CA ARG A 559 -8.72 -3.52 21.77
C ARG A 559 -10.13 -3.74 21.24
N MET A 560 -10.72 -4.92 21.44
CA MET A 560 -12.05 -5.24 20.94
C MET A 560 -13.17 -4.49 21.66
N HIS A 561 -12.86 -3.87 22.81
CA HIS A 561 -13.80 -3.44 23.84
C HIS A 561 -14.64 -4.60 24.34
N ASP A 562 -14.02 -5.78 24.39
CA ASP A 562 -14.62 -7.01 24.90
C ASP A 562 -13.61 -7.81 25.72
N CYS A 563 -12.48 -7.21 26.08
CA CYS A 563 -11.43 -7.89 26.84
C CYS A 563 -10.67 -6.85 27.66
N ASN A 564 -10.16 -7.26 28.83
CA ASN A 564 -9.76 -6.32 29.87
C ASN A 564 -8.31 -6.41 30.34
N VAL A 565 -7.82 -7.57 30.76
CA VAL A 565 -6.66 -7.60 31.67
C VAL A 565 -5.40 -8.03 30.93
N LEU A 566 -4.33 -7.27 31.10
CA LEU A 566 -3.07 -7.59 30.46
C LEU A 566 -1.98 -7.72 31.51
N ILE A 567 -1.05 -8.65 31.28
CA ILE A 567 0.13 -8.83 32.13
C ILE A 567 1.37 -8.72 31.25
N GLY A 568 1.92 -7.53 31.14
CA GLY A 568 2.93 -7.24 30.16
C GLY A 568 4.32 -7.61 30.63
N THR A 569 5.30 -7.02 29.96
CA THR A 569 6.71 -7.05 30.35
C THR A 569 7.25 -5.67 29.92
N SER A 570 8.57 -5.51 29.87
CA SER A 570 9.14 -4.24 29.42
C SER A 570 9.18 -4.11 27.90
N VAL A 571 8.55 -5.03 27.15
CA VAL A 571 8.39 -4.85 25.72
C VAL A 571 7.37 -3.75 25.45
N LEU A 572 6.40 -3.58 26.34
CA LEU A 572 5.37 -2.56 26.17
C LEU A 572 5.76 -1.24 26.79
N GLU A 573 7.06 -1.01 27.00
CA GLU A 573 7.49 0.20 27.67
C GLU A 573 7.40 1.40 26.72
N GLU A 574 8.19 1.42 25.66
CA GLU A 574 8.26 2.59 24.81
C GLU A 574 8.19 2.17 23.34
N GLY A 575 7.69 3.07 22.51
CA GLY A 575 7.53 2.81 21.09
C GLY A 575 6.21 2.16 20.77
N ILE A 576 5.86 1.12 21.53
CA ILE A 576 4.63 0.39 21.31
C ILE A 576 3.49 1.09 22.05
N ASP A 577 2.42 1.38 21.32
CA ASP A 577 1.34 2.22 21.82
C ASP A 577 0.13 1.35 22.16
N VAL A 578 -0.46 1.60 23.32
CA VAL A 578 -1.55 0.81 23.91
C VAL A 578 -2.64 1.80 24.34
N PRO A 579 -3.95 1.47 24.23
CA PRO A 579 -5.00 2.42 24.60
C PRO A 579 -5.09 2.75 26.09
N LYS A 580 -6.12 3.53 26.46
CA LYS A 580 -6.33 3.94 27.85
C LYS A 580 -6.62 2.72 28.72
N CYS A 581 -6.01 2.67 29.90
CA CYS A 581 -5.99 1.49 30.75
C CYS A 581 -5.88 1.95 32.20
N ASN A 582 -7.00 1.93 32.92
CA ASN A 582 -7.14 2.77 34.11
C ASN A 582 -6.30 2.29 35.29
N LEU A 583 -6.31 0.99 35.56
CA LEU A 583 -5.58 0.41 36.69
C LEU A 583 -4.25 -0.14 36.21
N VAL A 584 -3.17 0.48 36.64
CA VAL A 584 -1.84 0.06 36.25
C VAL A 584 -1.12 -0.38 37.51
N VAL A 585 -0.76 -1.65 37.58
CA VAL A 585 -0.08 -2.21 38.74
C VAL A 585 1.34 -2.55 38.34
N ARG A 586 2.30 -1.91 38.99
CA ARG A 586 3.70 -2.28 38.84
C ARG A 586 4.05 -3.29 39.93
N TRP A 587 4.49 -4.46 39.50
CA TRP A 587 4.94 -5.49 40.43
C TRP A 587 6.29 -5.13 41.00
N ASP A 588 7.27 -5.05 40.14
CA ASP A 588 8.60 -4.63 40.53
C ASP A 588 8.54 -3.17 40.98
N PRO A 589 9.19 -2.81 42.09
CA PRO A 589 9.52 -1.42 42.31
C PRO A 589 10.34 -0.89 41.15
N PRO A 590 10.02 0.31 40.67
CA PRO A 590 10.77 0.87 39.54
C PRO A 590 12.19 1.26 39.90
N THR A 591 13.10 1.03 38.96
CA THR A 591 14.49 1.43 39.12
C THR A 591 14.86 2.43 38.03
N THR A 592 13.95 2.62 37.10
CA THR A 592 14.06 3.69 36.12
C THR A 592 12.83 4.59 36.27
N TYR A 593 13.00 5.84 35.86
CA TYR A 593 11.85 6.74 35.89
C TYR A 593 10.85 6.37 34.82
N ARG A 594 11.35 5.95 33.64
CA ARG A 594 10.52 5.81 32.44
C ARG A 594 9.42 4.79 32.63
N SER A 595 9.73 3.67 33.30
CA SER A 595 8.73 2.63 33.47
C SER A 595 7.64 3.08 34.42
N TYR A 596 8.03 3.74 35.50
CA TYR A 596 7.06 4.27 36.47
C TYR A 596 6.16 5.31 35.81
N VAL A 597 6.75 6.22 35.05
CA VAL A 597 5.95 7.33 34.52
C VAL A 597 5.22 6.91 33.25
N GLN A 598 5.69 5.86 32.57
CA GLN A 598 4.98 5.42 31.38
C GLN A 598 3.87 4.47 31.75
N CYS A 599 4.06 3.72 32.83
CA CYS A 599 2.95 3.02 33.48
C CYS A 599 1.91 4.01 33.97
N LYS A 600 2.37 5.15 34.48
CA LYS A 600 1.48 6.25 34.82
C LYS A 600 0.76 6.78 33.58
N GLY A 601 1.48 6.83 32.45
CA GLY A 601 0.88 7.36 31.23
C GLY A 601 -0.07 6.39 30.56
N ARG A 602 0.11 5.09 30.77
CA ARG A 602 -0.84 4.10 30.28
C ARG A 602 -2.12 4.10 31.09
N ALA A 603 -2.10 4.71 32.26
CA ALA A 603 -3.30 5.09 32.97
C ALA A 603 -3.72 6.47 32.47
N ARG A 604 -4.56 6.49 31.45
CA ARG A 604 -5.10 7.73 30.91
C ARG A 604 -6.47 8.06 31.49
N ALA A 605 -7.34 7.06 31.55
CA ALA A 605 -8.74 7.31 31.87
C ALA A 605 -8.91 7.61 33.34
N ALA A 606 -9.10 8.89 33.66
CA ALA A 606 -9.47 9.31 35.00
C ALA A 606 -10.86 8.77 35.32
N PRO A 607 -11.11 8.21 36.50
CA PRO A 607 -10.18 8.02 37.63
C PRO A 607 -9.27 6.82 37.40
N ALA A 608 -7.96 7.02 37.52
CA ALA A 608 -6.97 6.00 37.19
C ALA A 608 -6.13 5.71 38.42
N TYR A 609 -5.73 4.46 38.58
CA TYR A 609 -5.11 3.98 39.81
C TYR A 609 -3.77 3.32 39.49
N HIS A 610 -2.69 4.02 39.82
CA HIS A 610 -1.33 3.57 39.55
C HIS A 610 -0.81 3.02 40.86
N VAL A 611 -0.80 1.71 40.99
CA VAL A 611 -0.53 1.02 42.25
C VAL A 611 0.79 0.26 42.13
N ILE A 612 1.72 0.53 43.02
CA ILE A 612 2.97 -0.23 43.06
C ILE A 612 2.92 -1.15 44.27
N LEU A 613 3.17 -2.44 44.04
CA LEU A 613 3.14 -3.39 45.15
C LEU A 613 4.52 -3.52 45.76
N VAL A 614 4.57 -3.72 47.08
CA VAL A 614 5.85 -3.92 47.79
C VAL A 614 5.66 -4.89 48.96
N ALA A 615 6.64 -5.76 49.16
CA ALA A 615 6.63 -6.76 50.24
C ALA A 615 7.95 -6.75 51.02
N SER A 762 10.61 -3.95 55.68
CA SER A 762 10.55 -2.50 55.70
C SER A 762 11.47 -1.87 54.66
N THR A 763 11.18 -2.14 53.38
CA THR A 763 11.77 -1.40 52.29
C THR A 763 10.79 -0.31 51.83
N THR A 764 9.65 -0.24 52.51
CA THR A 764 8.63 0.78 52.28
C THR A 764 9.20 2.18 52.47
N LYS A 765 10.13 2.34 53.41
CA LYS A 765 10.86 3.60 53.58
C LYS A 765 11.61 3.99 52.30
N ASP A 766 12.35 3.05 51.72
CA ASP A 766 13.14 3.39 50.55
C ASP A 766 12.27 3.54 49.31
N LEU A 767 11.14 2.84 49.24
CA LEU A 767 10.23 3.02 48.13
C LEU A 767 9.49 4.36 48.21
N VAL A 768 9.12 4.80 49.40
CA VAL A 768 8.54 6.13 49.59
C VAL A 768 9.57 7.18 49.22
N HIS A 769 10.83 6.96 49.58
CA HIS A 769 11.90 7.84 49.13
C HIS A 769 12.05 7.82 47.62
N GLN A 770 11.81 6.66 46.99
CA GLN A 770 11.90 6.57 45.54
C GLN A 770 10.78 7.35 44.85
N MET A 771 9.55 7.23 45.37
CA MET A 771 8.46 8.02 44.80
C MET A 771 8.64 9.49 45.07
N ALA A 772 9.34 9.86 46.15
CA ALA A 772 9.62 11.27 46.37
C ALA A 772 10.65 11.79 45.37
N GLN A 773 11.70 10.99 45.08
CA GLN A 773 12.67 11.35 44.06
C GLN A 773 12.01 11.53 42.70
N TYR A 774 11.14 10.60 42.34
CA TYR A 774 10.51 10.67 41.03
C TYR A 774 9.40 11.71 41.01
N ARG A 775 8.87 12.07 42.18
CA ARG A 775 7.88 13.14 42.20
C ARG A 775 8.54 14.50 41.99
N GLU A 776 9.75 14.71 42.53
CA GLU A 776 10.39 15.98 42.22
C GLU A 776 10.89 15.98 40.78
N ILE A 777 11.18 14.78 40.24
CA ILE A 777 11.56 14.70 38.82
C ILE A 777 10.37 15.08 37.94
N GLU A 778 9.16 14.67 38.33
CA GLU A 778 7.95 15.11 37.61
C GLU A 778 7.75 16.62 37.73
N GLN A 779 7.88 17.17 38.94
CA GLN A 779 7.67 18.60 39.08
C GLN A 779 8.85 19.44 38.59
N MET A 780 9.96 18.81 38.23
CA MET A 780 11.01 19.50 37.51
C MET A 780 10.88 19.27 36.00
N LEU A 781 10.07 18.29 35.61
CA LEU A 781 9.68 18.14 34.21
C LEU A 781 8.68 19.22 33.82
N LEU A 782 7.52 19.25 34.49
CA LEU A 782 6.41 20.07 34.02
C LEU A 782 6.69 21.56 34.16
N SER A 783 7.51 21.96 35.12
CA SER A 783 7.90 23.36 35.20
C SER A 783 8.84 23.76 34.06
N LYS A 784 9.52 22.80 33.45
CA LYS A 784 10.44 23.07 32.35
C LYS A 784 9.81 22.82 31.00
N CYS A 785 8.53 23.13 30.85
CA CYS A 785 7.85 23.06 29.57
C CYS A 785 7.78 24.44 28.92
N ALA A 786 7.05 24.53 27.82
CA ALA A 786 6.60 25.82 27.31
C ALA A 786 5.08 25.85 27.41
N ASN A 787 4.43 24.85 26.83
CA ASN A 787 2.99 24.63 26.97
C ASN A 787 2.67 24.21 28.39
N THR A 788 1.52 24.63 28.91
CA THR A 788 1.11 24.13 30.22
C THR A 788 -0.34 23.64 30.22
N GLU A 789 -0.61 22.67 31.08
CA GLU A 789 -1.95 22.19 31.39
C GLU A 789 -2.59 23.22 32.31
N PRO A 790 -3.90 23.41 32.25
CA PRO A 790 -4.56 24.23 33.28
C PRO A 790 -4.63 23.50 34.60
N PRO A 791 -4.33 24.17 35.71
CA PRO A 791 -4.49 23.54 37.01
C PRO A 791 -5.96 23.44 37.41
N GLU A 792 -6.17 22.91 38.62
CA GLU A 792 -7.53 22.66 39.11
C GLU A 792 -8.30 23.96 39.37
N GLN A 793 -7.59 25.04 39.70
CA GLN A 793 -8.21 26.35 39.85
C GLN A 793 -8.85 26.81 38.55
N GLU A 794 -8.14 26.63 37.44
CA GLU A 794 -8.67 27.06 36.15
C GLU A 794 -9.78 26.14 35.67
N GLN A 795 -9.71 24.86 36.05
CA GLN A 795 -10.83 23.95 35.83
C GLN A 795 -12.07 24.41 36.59
N CYS A 796 -11.89 24.85 37.84
CA CYS A 796 -13.02 25.35 38.63
C CYS A 796 -13.58 26.63 38.06
N GLU A 797 -12.72 27.50 37.53
CA GLU A 797 -13.19 28.73 36.88
C GLU A 797 -13.99 28.43 35.64
N ALA A 798 -13.57 27.44 34.86
CA ALA A 798 -14.35 27.02 33.69
C ALA A 798 -15.69 26.43 34.10
N GLU A 799 -15.69 25.62 35.17
CA GLU A 799 -16.93 25.03 35.68
C GLU A 799 -17.90 26.09 36.18
N ARG A 800 -17.37 27.14 36.80
CA ARG A 800 -18.19 28.27 37.21
C ARG A 800 -18.77 29.01 36.01
N PHE A 801 -17.91 29.35 35.04
CA PHE A 801 -18.33 30.21 33.95
C PHE A 801 -18.98 29.47 32.80
N SER A 802 -19.26 28.17 32.96
CA SER A 802 -19.81 27.34 31.88
C SER A 802 -21.13 27.84 31.33
N ALA A 803 -21.92 28.57 32.13
CA ALA A 803 -23.26 28.95 31.72
C ALA A 803 -23.43 30.43 31.45
N CYS A 804 -22.39 31.25 31.63
CA CYS A 804 -22.56 32.70 31.50
C CYS A 804 -22.47 33.16 30.05
N LEU A 805 -21.90 32.36 29.16
CA LEU A 805 -21.81 32.71 27.75
C LEU A 805 -22.91 31.94 27.01
N ALA A 806 -23.45 32.59 25.97
CA ALA A 806 -24.46 31.95 25.13
C ALA A 806 -23.88 30.76 24.40
N ALA A 807 -24.67 29.70 24.32
CA ALA A 807 -24.30 28.51 23.56
C ALA A 807 -24.39 28.85 22.08
N TYR A 808 -23.24 28.92 21.41
CA TYR A 808 -23.22 29.17 19.98
C TYR A 808 -23.81 27.98 19.25
N ARG A 809 -24.78 28.25 18.39
CA ARG A 809 -25.36 27.25 17.53
C ARG A 809 -25.41 27.80 16.12
N PRO A 810 -24.92 27.06 15.13
CA PRO A 810 -25.26 27.38 13.74
C PRO A 810 -26.76 27.32 13.48
N LYS A 811 -27.46 26.39 14.13
CA LYS A 811 -28.91 26.37 14.16
C LYS A 811 -29.39 26.70 15.57
N PRO A 812 -29.55 27.98 15.92
CA PRO A 812 -30.07 28.31 17.25
C PRO A 812 -31.56 28.08 17.40
N HIS A 813 -32.29 27.93 16.30
CA HIS A 813 -33.72 27.68 16.36
C HIS A 813 -34.03 26.26 16.83
N LEU A 814 -33.14 25.31 16.57
CA LEU A 814 -33.36 23.94 17.02
C LEU A 814 -33.10 23.84 18.52
N LEU A 815 -34.13 23.40 19.25
CA LEU A 815 -33.97 23.18 20.69
C LEU A 815 -33.04 22.00 20.95
N THR A 816 -33.28 20.87 20.29
CA THR A 816 -32.47 19.68 20.46
C THR A 816 -31.48 19.57 19.27
N GLY A 817 -30.98 20.72 18.82
CA GLY A 817 -29.91 20.69 17.84
C GLY A 817 -28.57 20.48 18.51
N ALA A 818 -27.57 20.13 17.71
CA ALA A 818 -26.22 20.02 18.23
C ALA A 818 -25.68 21.39 18.60
N SER A 819 -25.02 21.48 19.73
CA SER A 819 -24.55 22.75 20.27
C SER A 819 -23.04 22.73 20.43
N VAL A 820 -22.43 23.91 20.32
CA VAL A 820 -21.04 24.10 20.71
C VAL A 820 -20.98 25.30 21.65
N ASP A 821 -20.76 25.02 22.93
CA ASP A 821 -20.58 26.04 23.95
C ASP A 821 -19.11 26.46 23.98
N LEU A 822 -18.71 27.15 25.03
CA LEU A 822 -17.29 27.38 25.25
C LEU A 822 -16.55 26.08 25.55
N GLY A 823 -17.13 25.22 26.39
CA GLY A 823 -16.47 24.03 26.90
C GLY A 823 -16.14 22.93 25.93
N SER A 824 -17.07 22.59 25.03
CA SER A 824 -16.84 21.48 24.11
C SER A 824 -16.14 21.91 22.83
N ALA A 825 -15.81 23.20 22.71
CA ALA A 825 -15.27 23.71 21.46
C ALA A 825 -13.85 23.25 21.21
N ILE A 826 -13.05 23.09 22.27
CA ILE A 826 -11.68 22.61 22.09
C ILE A 826 -11.69 21.14 21.69
N ALA A 827 -12.64 20.38 22.24
CA ALA A 827 -12.81 18.99 21.84
C ALA A 827 -13.23 18.90 20.37
N LEU A 828 -14.13 19.79 19.93
CA LEU A 828 -14.57 19.73 18.54
C LEU A 828 -13.49 20.16 17.56
N VAL A 829 -12.64 21.13 17.94
CA VAL A 829 -11.54 21.51 17.06
C VAL A 829 -10.48 20.40 17.01
N ASN A 830 -10.25 19.71 18.14
CA ASN A 830 -9.36 18.55 18.11
C ASN A 830 -9.93 17.42 17.25
N LYS A 831 -11.25 17.22 17.31
CA LYS A 831 -11.91 16.22 16.47
C LYS A 831 -11.84 16.60 14.99
N TYR A 832 -11.99 17.89 14.68
CA TYR A 832 -11.83 18.37 13.31
C TYR A 832 -10.42 18.18 12.80
N CYS A 833 -9.44 18.26 13.68
CA CYS A 833 -8.08 18.00 13.26
C CYS A 833 -7.76 16.51 13.18
N ALA A 834 -8.59 15.68 13.80
CA ALA A 834 -8.33 14.24 13.77
C ALA A 834 -9.31 13.47 12.88
N ARG A 835 -10.21 14.17 12.20
CA ARG A 835 -11.17 13.54 11.30
C ARG A 835 -10.87 13.87 9.83
N LEU A 836 -10.11 14.92 9.56
CA LEU A 836 -9.55 15.12 8.23
C LEU A 836 -8.58 13.98 7.93
N PRO A 837 -8.81 13.19 6.88
CA PRO A 837 -7.99 11.98 6.68
C PRO A 837 -6.66 12.30 6.02
N SER A 838 -5.66 11.51 6.38
CA SER A 838 -4.34 11.57 5.75
C SER A 838 -3.62 10.25 6.01
N ASP A 839 -2.30 10.26 5.82
CA ASP A 839 -1.41 9.16 6.14
C ASP A 839 -1.39 8.95 7.65
N THR A 840 -0.97 7.74 8.04
CA THR A 840 -0.72 7.46 9.44
C THR A 840 0.65 7.99 9.88
N PHE A 841 1.43 8.51 8.94
CA PHE A 841 2.75 9.07 9.23
C PHE A 841 2.70 10.57 9.40
N THR A 842 1.58 11.21 9.06
CA THR A 842 1.38 12.64 9.23
C THR A 842 0.42 12.85 10.39
N LYS A 843 0.76 13.78 11.28
CA LYS A 843 -0.07 14.05 12.44
C LYS A 843 -0.61 15.48 12.34
N LEU A 844 -1.94 15.60 12.34
CA LEU A 844 -2.65 16.83 12.05
C LEU A 844 -3.42 17.27 13.29
N THR A 845 -3.27 18.53 13.66
CA THR A 845 -3.70 19.04 14.94
C THR A 845 -3.83 20.56 14.86
N ALA A 846 -4.65 21.12 15.74
CA ALA A 846 -4.81 22.57 15.77
C ALA A 846 -3.55 23.20 16.34
N LEU A 847 -3.41 24.52 16.15
CA LEU A 847 -2.26 25.24 16.70
C LEU A 847 -2.71 26.56 17.29
N TRP A 848 -3.04 26.54 18.57
CA TRP A 848 -3.26 27.73 19.39
C TRP A 848 -1.95 28.30 19.88
N ARG A 849 -1.95 29.61 20.17
CA ARG A 849 -0.87 30.24 20.93
C ARG A 849 -1.43 31.19 21.97
N CYS A 850 -0.59 31.46 22.98
CA CYS A 850 -0.88 32.39 24.06
C CYS A 850 -0.25 33.74 23.77
N THR A 851 -1.05 34.79 23.90
CA THR A 851 -0.59 36.16 23.79
C THR A 851 -1.14 36.92 24.98
N ARG A 852 -0.26 37.58 25.72
CA ARG A 852 -0.66 38.29 26.92
C ARG A 852 -0.85 39.77 26.57
N ASN A 853 -2.05 40.28 26.86
CA ASN A 853 -2.38 41.68 26.67
C ASN A 853 -2.84 42.24 28.01
N GLU A 854 -2.29 43.39 28.38
CA GLU A 854 -2.55 43.99 29.70
C GLU A 854 -3.39 45.25 29.50
N ARG A 855 -4.63 45.23 29.99
CA ARG A 855 -5.54 46.34 29.77
C ARG A 855 -6.22 46.70 31.08
N ALA A 856 -6.20 48.01 31.39
CA ALA A 856 -6.96 48.61 32.52
C ALA A 856 -6.61 47.98 33.86
N GLY A 857 -5.33 47.66 34.04
CA GLY A 857 -4.88 47.01 35.26
C GLY A 857 -5.21 45.54 35.36
N VAL A 858 -5.68 44.91 34.29
CA VAL A 858 -6.06 43.51 34.30
C VAL A 858 -5.20 42.76 33.28
N THR A 859 -4.61 41.65 33.71
CA THR A 859 -3.90 40.73 32.82
C THR A 859 -4.93 39.93 32.05
N LEU A 860 -4.74 39.85 30.72
CA LEU A 860 -5.63 39.12 29.83
C LEU A 860 -4.81 38.16 29.00
N PHE A 861 -5.24 36.91 28.94
CA PHE A 861 -4.60 35.95 28.07
C PHE A 861 -5.42 35.79 26.80
N GLN A 862 -4.71 35.79 25.67
CA GLN A 862 -5.40 35.78 24.38
C GLN A 862 -4.80 34.69 23.52
N TYR A 863 -5.68 33.86 22.97
CA TYR A 863 -5.28 32.71 22.15
C TYR A 863 -5.60 32.95 20.69
N THR A 864 -4.61 32.79 19.83
CA THR A 864 -4.93 32.66 18.41
C THR A 864 -4.97 31.18 18.08
N LEU A 865 -5.56 30.84 16.95
CA LEU A 865 -5.90 29.46 16.66
C LEU A 865 -5.85 29.18 15.16
N ARG A 866 -4.73 28.63 14.68
CA ARG A 866 -4.55 28.27 13.28
C ARG A 866 -4.91 26.80 13.08
N LEU A 867 -5.72 26.54 12.07
CA LEU A 867 -6.01 25.19 11.63
C LEU A 867 -5.04 24.81 10.52
N PRO A 868 -4.65 23.53 10.40
CA PRO A 868 -3.49 23.19 9.56
C PRO A 868 -3.81 23.32 8.08
N ILE A 869 -2.75 23.19 7.27
CA ILE A 869 -2.79 23.67 5.89
C ILE A 869 -3.70 22.81 5.03
N ASN A 870 -4.04 21.60 5.47
CA ASN A 870 -4.96 20.77 4.73
C ASN A 870 -6.38 21.33 4.81
N SER A 871 -6.72 21.92 5.93
CA SER A 871 -7.99 22.58 6.02
C SER A 871 -7.91 23.93 5.30
N PRO A 872 -8.97 24.32 4.58
CA PRO A 872 -8.90 25.55 3.77
C PRO A 872 -9.20 26.82 4.54
N LEU A 873 -9.41 26.72 5.85
CA LEU A 873 -9.38 27.91 6.68
C LEU A 873 -7.93 28.09 7.11
N LYS A 874 -7.20 28.95 6.42
CA LYS A 874 -5.78 29.08 6.68
C LYS A 874 -5.41 30.44 7.24
N HIS A 875 -6.30 31.42 7.14
CA HIS A 875 -6.16 32.66 7.89
C HIS A 875 -6.22 32.36 9.38
N ASP A 876 -5.40 33.05 10.15
CA ASP A 876 -5.40 32.86 11.60
C ASP A 876 -6.74 33.29 12.18
N ILE A 877 -7.19 32.58 13.19
CA ILE A 877 -8.35 33.00 13.98
C ILE A 877 -7.83 33.53 15.31
N VAL A 878 -8.15 34.77 15.62
CA VAL A 878 -7.65 35.45 16.81
C VAL A 878 -8.77 35.57 17.84
N GLY A 879 -8.44 35.29 19.09
CA GLY A 879 -9.42 35.33 20.15
C GLY A 879 -9.51 36.70 20.79
N LEU A 880 -10.51 36.85 21.64
CA LEU A 880 -10.63 38.09 22.37
C LEU A 880 -9.96 37.97 23.72
N PRO A 881 -9.44 39.07 24.28
CA PRO A 881 -8.76 39.01 25.58
C PRO A 881 -9.72 38.59 26.68
N MET A 882 -9.18 37.93 27.71
CA MET A 882 -10.01 37.20 28.63
C MET A 882 -9.12 36.89 29.84
N PRO A 883 -9.69 36.92 31.06
CA PRO A 883 -8.82 36.85 32.26
C PRO A 883 -7.99 35.58 32.48
N THR A 884 -8.44 34.40 32.07
CA THR A 884 -7.71 33.18 32.41
C THR A 884 -7.23 32.45 31.17
N GLN A 885 -6.55 31.32 31.41
CA GLN A 885 -6.16 30.44 30.31
C GLN A 885 -7.37 29.71 29.75
N THR A 886 -8.06 28.93 30.58
CA THR A 886 -9.03 27.95 30.08
C THR A 886 -10.24 28.63 29.47
N LEU A 887 -10.67 29.74 30.05
CA LEU A 887 -11.81 30.46 29.51
C LEU A 887 -11.46 31.09 28.16
N ALA A 888 -10.24 31.61 28.02
CA ALA A 888 -9.81 32.20 26.76
C ALA A 888 -9.64 31.13 25.68
N ARG A 889 -9.13 29.95 26.05
CA ARG A 889 -8.97 28.85 25.11
C ARG A 889 -10.33 28.33 24.67
N ARG A 890 -11.28 28.26 25.59
CA ARG A 890 -12.63 27.88 25.25
C ARG A 890 -13.26 28.89 24.32
N LEU A 891 -12.99 30.17 24.53
CA LEU A 891 -13.54 31.20 23.64
C LEU A 891 -12.89 31.15 22.25
N ALA A 892 -11.57 30.92 22.19
CA ALA A 892 -10.87 30.88 20.91
C ALA A 892 -11.29 29.67 20.09
N ALA A 893 -11.50 28.53 20.75
CA ALA A 893 -12.00 27.37 20.03
C ALA A 893 -13.46 27.56 19.65
N LEU A 894 -14.22 28.35 20.42
CA LEU A 894 -15.57 28.70 20.01
C LEU A 894 -15.55 29.56 18.75
N GLN A 895 -14.62 30.50 18.67
CA GLN A 895 -14.45 31.33 17.46
C GLN A 895 -14.10 30.47 16.26
N ALA A 896 -13.23 29.48 16.46
CA ALA A 896 -12.88 28.57 15.38
C ALA A 896 -14.07 27.79 14.90
N CYS A 897 -14.93 27.35 15.82
CA CYS A 897 -16.13 26.62 15.41
C CYS A 897 -17.09 27.53 14.66
N VAL A 898 -17.20 28.81 15.08
CA VAL A 898 -18.06 29.76 14.37
C VAL A 898 -17.58 29.99 12.95
N GLU A 899 -16.30 30.32 12.77
CA GLU A 899 -15.81 30.66 11.44
C GLU A 899 -15.69 29.42 10.56
N LEU A 900 -15.45 28.25 11.15
CA LEU A 900 -15.41 27.03 10.37
C LEU A 900 -16.79 26.64 9.89
N HIS A 901 -17.84 26.93 10.68
CA HIS A 901 -19.16 26.71 10.12
C HIS A 901 -19.52 27.81 9.13
N ARG A 902 -18.93 28.99 9.26
CA ARG A 902 -19.17 30.08 8.32
C ARG A 902 -18.66 29.72 6.93
N ILE A 903 -17.44 29.19 6.84
CA ILE A 903 -16.91 28.74 5.56
C ILE A 903 -17.66 27.51 5.06
N GLY A 904 -17.86 26.53 5.92
CA GLY A 904 -18.56 25.33 5.51
C GLY A 904 -17.77 24.07 5.78
N GLU A 905 -16.62 24.20 6.44
CA GLU A 905 -15.80 23.04 6.77
C GLU A 905 -16.40 22.21 7.89
N LEU A 906 -17.36 22.75 8.62
CA LEU A 906 -18.19 21.99 9.52
C LEU A 906 -19.59 21.92 8.94
N ASP A 907 -20.32 20.86 9.23
CA ASP A 907 -21.68 20.76 8.70
C ASP A 907 -22.69 21.33 9.69
N ASP A 908 -23.97 21.18 9.34
CA ASP A 908 -25.04 21.62 10.24
C ASP A 908 -25.13 20.76 11.49
N GLN A 909 -24.72 19.50 11.43
CA GLN A 909 -24.71 18.62 12.59
C GLN A 909 -23.39 18.65 13.34
N LEU A 910 -22.50 19.58 12.99
CA LEU A 910 -21.26 19.95 13.69
C LEU A 910 -20.18 18.88 13.68
N GLN A 911 -20.42 17.72 13.08
CA GLN A 911 -19.29 16.82 12.94
C GLN A 911 -18.41 17.27 11.78
N PRO A 912 -17.13 16.89 11.73
CA PRO A 912 -16.31 17.25 10.57
C PRO A 912 -16.72 16.50 9.32
N ILE A 913 -16.23 16.99 8.18
CA ILE A 913 -16.65 16.49 6.87
C ILE A 913 -16.03 15.11 6.64
N GLY A 914 -16.66 14.30 5.77
CA GLY A 914 -16.13 13.01 5.42
C GLY A 914 -16.11 12.83 3.92
N LYS A 915 -15.45 11.76 3.48
CA LYS A 915 -15.36 11.48 2.04
C LYS A 915 -16.69 11.02 1.48
N GLU A 916 -17.51 10.36 2.30
CA GLU A 916 -18.81 9.88 1.89
C GLU A 916 -19.93 10.80 2.33
N GLY A 917 -19.67 11.67 3.29
CA GLY A 917 -20.63 12.65 3.77
C GLY A 917 -20.65 13.96 3.02
N PHE A 918 -20.01 14.01 1.85
CA PHE A 918 -19.93 15.23 1.05
C PHE A 918 -20.53 15.01 -0.32
N ARG A 919 -21.27 16.01 -0.79
CA ARG A 919 -21.79 16.03 -2.15
C ARG A 919 -21.38 17.35 -2.81
N ALA A 920 -20.98 17.25 -4.07
CA ALA A 920 -20.55 18.40 -4.86
C ALA A 920 -21.76 19.16 -5.40
N LEU A 921 -21.52 20.05 -6.36
CA LEU A 921 -22.57 20.90 -6.90
C LEU A 921 -23.55 20.08 -7.72
N GLU A 922 -24.83 20.50 -7.69
CA GLU A 922 -25.93 19.55 -7.90
C GLU A 922 -26.22 19.15 -9.36
N PRO A 923 -26.10 20.01 -10.38
CA PRO A 923 -26.25 19.48 -11.75
C PRO A 923 -25.16 18.49 -12.17
N ASP A 924 -24.01 18.44 -11.49
CA ASP A 924 -23.04 17.37 -11.72
C ASP A 924 -23.45 16.05 -11.08
N TRP A 925 -24.39 16.07 -10.14
CA TRP A 925 -24.88 14.86 -9.50
C TRP A 925 -25.96 14.14 -10.32
N GLU A 926 -26.19 14.57 -11.57
CA GLU A 926 -27.15 13.91 -12.44
C GLU A 926 -26.68 12.52 -12.84
N CYS A 927 -25.37 12.27 -12.79
CA CYS A 927 -24.80 11.00 -13.22
C CYS A 927 -24.89 9.91 -12.15
N PHE A 928 -25.56 10.16 -11.03
CA PHE A 928 -25.57 9.24 -9.90
C PHE A 928 -26.98 8.91 -9.42
N GLU A 929 -27.94 8.87 -10.35
CA GLU A 929 -29.25 8.30 -10.11
C GLU A 929 -29.36 7.02 -10.91
N LEU A 930 -29.82 5.95 -10.27
CA LEU A 930 -29.79 4.64 -10.89
C LEU A 930 -30.83 4.52 -12.00
N GLU A 931 -30.56 3.60 -12.93
CA GLU A 931 -31.32 3.48 -14.16
C GLU A 931 -32.58 2.65 -13.95
N PRO A 932 -33.56 2.78 -14.85
CA PRO A 932 -34.68 1.82 -14.86
C PRO A 932 -34.25 0.37 -15.06
N GLU A 933 -33.16 0.16 -15.81
CA GLU A 933 -32.59 -1.19 -15.91
C GLU A 933 -31.70 -1.51 -14.72
N ASP A 934 -31.41 -0.51 -13.87
CA ASP A 934 -30.65 -0.75 -12.65
C ASP A 934 -31.53 -0.77 -11.41
N GLU A 935 -32.79 -0.37 -11.51
CA GLU A 935 -33.71 -0.40 -10.38
C GLU A 935 -34.82 -1.44 -10.60
N PRO A 944 -24.54 -12.22 -10.79
CA PRO A 944 -24.57 -11.21 -11.85
C PRO A 944 -24.81 -9.81 -11.31
N ARG A 945 -23.91 -9.33 -10.45
CA ARG A 945 -24.05 -8.00 -9.88
C ARG A 945 -23.80 -6.93 -10.94
N PRO A 946 -24.63 -5.89 -10.97
CA PRO A 946 -24.49 -4.87 -12.01
C PRO A 946 -23.27 -3.99 -11.81
N GLY A 947 -22.59 -3.70 -12.92
CA GLY A 947 -21.44 -2.82 -12.90
C GLY A 947 -20.11 -3.52 -12.72
N THR A 948 -20.16 -4.78 -12.30
CA THR A 948 -18.95 -5.58 -12.10
C THR A 948 -18.55 -6.22 -13.43
N THR A 949 -17.57 -7.12 -13.37
CA THR A 949 -17.04 -7.79 -14.56
C THR A 949 -18.06 -8.71 -15.24
N LYS A 950 -19.05 -9.18 -14.50
CA LYS A 950 -20.06 -10.07 -15.07
C LYS A 950 -21.08 -9.29 -15.90
N GLY A 971 -37.72 2.67 -59.74
CA GLY A 971 -37.27 3.78 -60.57
C GLY A 971 -36.57 4.86 -59.79
N ALA A 972 -35.25 4.70 -59.61
CA ALA A 972 -34.48 5.66 -58.82
C ALA A 972 -33.03 5.69 -59.27
N PRO A 973 -32.51 6.85 -59.66
CA PRO A 973 -31.08 6.95 -59.96
C PRO A 973 -30.24 6.93 -58.68
N CYS A 974 -30.03 5.75 -58.13
CA CYS A 974 -29.31 5.61 -56.87
C CYS A 974 -27.82 5.78 -57.09
N TYR A 975 -27.08 5.96 -55.99
CA TYR A 975 -25.63 6.12 -56.03
C TYR A 975 -24.96 4.86 -56.56
N LEU A 976 -24.02 5.05 -57.49
CA LEU A 976 -23.34 3.95 -58.16
C LEU A 976 -21.83 4.17 -58.12
N TYR A 977 -21.10 3.08 -57.83
CA TYR A 977 -19.65 3.12 -57.80
C TYR A 977 -19.10 1.82 -58.35
N PHE A 978 -17.86 1.87 -58.85
CA PHE A 978 -17.19 0.71 -59.42
C PHE A 978 -16.16 0.17 -58.44
N ILE A 979 -16.19 -1.15 -58.21
CA ILE A 979 -15.34 -1.77 -57.19
C ILE A 979 -14.07 -2.20 -57.92
N GLN A 980 -13.11 -1.28 -58.00
CA GLN A 980 -11.89 -1.53 -58.77
C GLN A 980 -10.94 -2.40 -57.96
N LEU A 981 -10.71 -3.62 -58.43
CA LEU A 981 -9.76 -4.56 -57.84
C LEU A 981 -8.57 -4.72 -58.78
N THR A 982 -7.58 -3.84 -58.65
CA THR A 982 -6.41 -3.84 -59.51
C THR A 982 -5.26 -4.55 -58.81
N LEU A 983 -4.71 -5.58 -59.45
CA LEU A 983 -3.58 -6.30 -58.87
C LEU A 983 -2.33 -5.43 -58.89
N GLN A 984 -1.78 -5.15 -57.70
CA GLN A 984 -0.59 -4.31 -57.60
C GLN A 984 0.68 -5.14 -57.44
N CYS A 985 0.68 -6.10 -56.53
CA CYS A 985 1.81 -7.01 -56.33
C CYS A 985 1.29 -8.43 -56.44
N PRO A 986 1.70 -9.17 -57.48
CA PRO A 986 1.37 -10.60 -57.55
C PRO A 986 2.12 -11.39 -56.48
N ILE A 987 1.63 -12.60 -56.22
CA ILE A 987 2.29 -13.49 -55.27
C ILE A 987 3.64 -13.92 -55.83
N PRO A 988 4.71 -13.94 -55.01
CA PRO A 988 5.99 -14.45 -55.50
C PRO A 988 5.91 -15.94 -55.78
N GLU A 989 6.73 -16.38 -56.74
CA GLU A 989 6.82 -17.80 -57.05
C GLU A 989 7.49 -18.60 -55.93
N GLU A 990 8.33 -17.93 -55.12
CA GLU A 990 8.85 -18.55 -53.91
C GLU A 990 7.75 -18.81 -52.90
N GLN A 991 6.81 -17.88 -52.77
CA GLN A 991 5.65 -18.05 -51.89
C GLN A 991 4.51 -18.80 -52.56
N ASN A 992 4.64 -19.11 -53.85
CA ASN A 992 3.63 -19.90 -54.56
C ASN A 992 3.87 -21.37 -54.24
N THR A 993 3.37 -21.79 -53.08
CA THR A 993 3.49 -23.17 -52.65
C THR A 993 2.58 -24.11 -53.44
N ARG A 994 1.51 -23.58 -54.03
CA ARG A 994 0.65 -24.37 -54.88
C ARG A 994 1.32 -24.73 -56.20
N GLY A 995 2.29 -23.94 -56.64
CA GLY A 995 3.00 -24.20 -57.89
C GLY A 995 2.13 -24.04 -59.12
N ARG A 996 1.34 -22.97 -59.19
CA ARG A 996 0.42 -22.76 -60.29
C ARG A 996 0.58 -21.35 -60.84
N LYS A 997 -0.24 -21.04 -61.85
CA LYS A 997 -0.21 -19.74 -62.48
C LYS A 997 -0.88 -18.69 -61.59
N ILE A 998 -0.35 -17.47 -61.66
CA ILE A 998 -0.98 -16.34 -60.97
C ILE A 998 -2.15 -15.84 -61.80
N TYR A 999 -3.30 -15.67 -61.15
CA TYR A 999 -4.54 -15.25 -61.81
C TYR A 999 -4.92 -13.86 -61.31
N PRO A 1000 -4.62 -12.80 -62.08
CA PRO A 1000 -4.97 -11.46 -61.64
C PRO A 1000 -6.48 -11.23 -61.72
N PRO A 1001 -7.02 -10.31 -60.91
CA PRO A 1001 -8.46 -10.05 -60.96
C PRO A 1001 -8.88 -9.15 -62.12
N GLU A 1002 -7.99 -8.27 -62.58
CA GLU A 1002 -8.34 -7.36 -63.68
C GLU A 1002 -7.92 -7.86 -65.04
N ASP A 1003 -7.42 -9.10 -65.16
CA ASP A 1003 -7.11 -9.63 -66.48
C ASP A 1003 -8.39 -9.86 -67.28
N ALA A 1004 -9.50 -10.15 -66.60
CA ALA A 1004 -10.80 -10.16 -67.25
C ALA A 1004 -11.31 -8.75 -67.42
N GLN A 1005 -12.35 -8.59 -68.23
CA GLN A 1005 -13.02 -7.31 -68.38
C GLN A 1005 -14.38 -7.28 -67.70
N GLN A 1006 -14.57 -8.06 -66.65
CA GLN A 1006 -15.82 -8.10 -65.91
C GLN A 1006 -15.54 -7.70 -64.46
N GLY A 1007 -16.33 -6.76 -63.95
CA GLY A 1007 -16.19 -6.29 -62.58
C GLY A 1007 -17.51 -6.10 -61.87
N PHE A 1008 -17.51 -5.35 -60.78
CA PHE A 1008 -18.72 -5.20 -59.96
C PHE A 1008 -18.89 -3.75 -59.54
N GLY A 1009 -20.10 -3.45 -59.05
CA GLY A 1009 -20.42 -2.09 -58.64
C GLY A 1009 -21.45 -2.08 -57.53
N ILE A 1010 -21.47 -0.96 -56.82
CA ILE A 1010 -22.37 -0.73 -55.69
C ILE A 1010 -23.44 0.25 -56.12
N LEU A 1011 -24.70 -0.08 -55.83
CA LEU A 1011 -25.86 0.74 -56.17
C LEU A 1011 -26.73 0.86 -54.92
N THR A 1012 -26.68 2.03 -54.28
CA THR A 1012 -27.32 2.24 -52.97
C THR A 1012 -28.11 3.55 -52.97
N THR A 1013 -29.21 3.56 -52.21
CA THR A 1013 -29.94 4.81 -51.98
C THR A 1013 -29.29 5.68 -50.92
N LYS A 1014 -28.38 5.15 -50.11
CA LYS A 1014 -27.68 5.91 -49.09
C LYS A 1014 -26.29 6.31 -49.57
N ARG A 1015 -25.69 7.27 -48.87
CA ARG A 1015 -24.40 7.81 -49.29
C ARG A 1015 -23.27 6.86 -48.91
N ILE A 1016 -22.31 6.73 -49.81
CA ILE A 1016 -21.12 5.91 -49.62
C ILE A 1016 -19.95 6.85 -49.33
N PRO A 1017 -19.20 6.65 -48.23
CA PRO A 1017 -18.13 7.59 -47.89
C PRO A 1017 -16.87 7.37 -48.72
N LYS A 1018 -15.89 8.26 -48.54
CA LYS A 1018 -14.60 8.16 -49.21
C LYS A 1018 -13.58 7.55 -48.25
N LEU A 1019 -12.86 6.55 -48.71
CA LEU A 1019 -11.89 5.84 -47.88
C LEU A 1019 -10.56 5.76 -48.62
N SER A 1020 -9.48 5.62 -47.83
CA SER A 1020 -8.16 5.40 -48.40
C SER A 1020 -8.08 3.99 -48.99
N ALA A 1021 -7.20 3.82 -49.98
CA ALA A 1021 -7.09 2.56 -50.69
C ALA A 1021 -6.38 1.52 -49.84
N PHE A 1022 -6.98 0.33 -49.75
CA PHE A 1022 -6.40 -0.82 -49.05
C PHE A 1022 -6.11 -1.93 -50.06
N SER A 1023 -5.60 -3.05 -49.56
CA SER A 1023 -5.21 -4.15 -50.43
C SER A 1023 -5.70 -5.47 -49.86
N ILE A 1024 -6.46 -6.19 -50.66
CA ILE A 1024 -6.89 -7.56 -50.35
C ILE A 1024 -5.78 -8.51 -50.77
N PHE A 1025 -5.39 -9.38 -49.86
CA PHE A 1025 -4.27 -10.29 -50.07
C PHE A 1025 -4.85 -11.69 -50.27
N THR A 1026 -5.24 -12.02 -51.49
CA THR A 1026 -5.79 -13.33 -51.76
C THR A 1026 -4.65 -14.31 -52.05
N ARG A 1027 -4.99 -15.52 -52.50
CA ARG A 1027 -3.96 -16.47 -52.94
C ARG A 1027 -3.23 -15.97 -54.19
N SER A 1028 -3.91 -15.18 -55.01
CA SER A 1028 -3.32 -14.66 -56.24
C SER A 1028 -2.35 -13.51 -55.99
N GLY A 1029 -2.35 -12.91 -54.81
CA GLY A 1029 -1.40 -11.85 -54.51
C GLY A 1029 -2.09 -10.65 -53.88
N GLU A 1030 -1.46 -9.49 -54.04
CA GLU A 1030 -1.94 -8.26 -53.42
C GLU A 1030 -2.72 -7.44 -54.44
N VAL A 1031 -3.96 -7.10 -54.09
CA VAL A 1031 -4.89 -6.42 -54.98
C VAL A 1031 -5.33 -5.13 -54.31
N LYS A 1032 -4.95 -4.00 -54.89
CA LYS A 1032 -5.45 -2.71 -54.43
C LYS A 1032 -6.93 -2.58 -54.78
N VAL A 1033 -7.73 -2.22 -53.77
CA VAL A 1033 -9.17 -2.07 -53.92
C VAL A 1033 -9.50 -0.59 -53.76
N SER A 1034 -10.18 -0.04 -54.77
CA SER A 1034 -10.61 1.35 -54.75
C SER A 1034 -12.05 1.43 -55.24
N LEU A 1035 -12.64 2.61 -55.08
CA LEU A 1035 -13.99 2.88 -55.59
C LEU A 1035 -13.86 3.93 -56.68
N GLU A 1036 -14.01 3.49 -57.92
CA GLU A 1036 -14.07 4.42 -59.04
C GLU A 1036 -15.43 5.11 -59.06
N LEU A 1037 -15.42 6.43 -59.23
CA LEU A 1037 -16.65 7.19 -59.29
C LEU A 1037 -17.34 6.93 -60.62
N ALA A 1038 -18.52 6.31 -60.56
CA ALA A 1038 -19.27 6.03 -61.78
C ALA A 1038 -19.87 7.31 -62.32
N LYS A 1039 -19.57 7.61 -63.58
CA LYS A 1039 -20.03 8.84 -64.21
C LYS A 1039 -21.51 8.82 -64.53
N GLU A 1040 -22.14 7.66 -64.52
CA GLU A 1040 -23.54 7.51 -64.90
C GLU A 1040 -24.36 7.10 -63.68
N ARG A 1041 -25.53 7.72 -63.54
CA ARG A 1041 -26.51 7.33 -62.54
C ARG A 1041 -27.78 6.91 -63.27
N VAL A 1042 -28.18 5.65 -63.09
CA VAL A 1042 -29.18 5.01 -63.93
C VAL A 1042 -30.44 4.81 -63.11
N ILE A 1043 -31.59 5.12 -63.70
CA ILE A 1043 -32.89 4.91 -63.08
C ILE A 1043 -33.19 3.42 -63.07
N LEU A 1044 -33.81 2.95 -61.98
CA LEU A 1044 -34.04 1.52 -61.78
C LEU A 1044 -35.03 0.95 -62.79
N THR A 1045 -34.82 -0.32 -63.13
CA THR A 1045 -35.70 -1.09 -64.00
C THR A 1045 -36.05 -2.40 -63.30
N SER A 1046 -37.35 -2.69 -63.18
CA SER A 1046 -37.85 -3.63 -62.19
C SER A 1046 -37.44 -5.08 -62.49
N GLU A 1047 -37.67 -5.53 -63.72
CA GLU A 1047 -37.34 -6.92 -64.06
C GLU A 1047 -35.84 -7.14 -64.12
N GLN A 1048 -35.08 -6.10 -64.45
CA GLN A 1048 -33.63 -6.18 -64.37
C GLN A 1048 -33.15 -6.22 -62.91
N ILE A 1049 -33.89 -5.59 -62.00
CA ILE A 1049 -33.62 -5.77 -60.57
C ILE A 1049 -33.93 -7.20 -60.14
N VAL A 1050 -34.96 -7.82 -60.73
CA VAL A 1050 -35.24 -9.23 -60.46
C VAL A 1050 -34.11 -10.12 -60.98
N CYS A 1051 -33.53 -9.75 -62.12
CA CYS A 1051 -32.30 -10.41 -62.60
C CYS A 1051 -31.16 -10.28 -61.61
N ILE A 1052 -30.98 -9.08 -61.05
CA ILE A 1052 -29.93 -8.83 -60.06
C ILE A 1052 -30.16 -9.67 -58.81
N ASN A 1053 -31.41 -9.73 -58.35
CA ASN A 1053 -31.73 -10.45 -57.11
C ASN A 1053 -31.59 -11.96 -57.28
N GLY A 1054 -32.00 -12.49 -58.44
CA GLY A 1054 -31.76 -13.89 -58.71
C GLY A 1054 -30.28 -14.21 -58.84
N PHE A 1055 -29.51 -13.28 -59.42
CA PHE A 1055 -28.06 -13.44 -59.49
C PHE A 1055 -27.43 -13.43 -58.11
N LEU A 1056 -27.90 -12.55 -57.23
CA LEU A 1056 -27.38 -12.48 -55.88
C LEU A 1056 -27.74 -13.73 -55.08
N ASN A 1057 -28.94 -14.28 -55.34
CA ASN A 1057 -29.35 -15.51 -54.68
C ASN A 1057 -28.50 -16.69 -55.15
N TYR A 1058 -28.23 -16.77 -56.45
CA TYR A 1058 -27.36 -17.83 -56.98
C TYR A 1058 -25.93 -17.67 -56.49
N THR A 1059 -25.48 -16.43 -56.33
CA THR A 1059 -24.10 -16.17 -55.90
C THR A 1059 -23.92 -16.47 -54.43
N PHE A 1060 -24.76 -15.90 -53.57
CA PHE A 1060 -24.63 -16.08 -52.14
C PHE A 1060 -25.27 -17.37 -51.65
N THR A 1061 -25.84 -18.17 -52.55
CA THR A 1061 -26.30 -19.50 -52.24
C THR A 1061 -25.38 -20.58 -52.77
N ASN A 1062 -24.91 -20.43 -54.01
CA ASN A 1062 -24.20 -21.51 -54.68
C ASN A 1062 -22.79 -21.13 -55.15
N VAL A 1063 -22.49 -19.85 -55.32
CA VAL A 1063 -21.15 -19.46 -55.75
C VAL A 1063 -20.33 -19.07 -54.53
N LEU A 1064 -20.73 -18.00 -53.84
CA LEU A 1064 -20.06 -17.62 -52.61
C LEU A 1064 -20.70 -18.26 -51.39
N ARG A 1065 -21.96 -18.72 -51.53
CA ARG A 1065 -22.65 -19.59 -50.57
C ARG A 1065 -22.78 -18.97 -49.18
N LEU A 1066 -22.96 -17.64 -49.11
CA LEU A 1066 -23.12 -16.97 -47.83
C LEU A 1066 -24.49 -17.20 -47.21
N GLN A 1067 -25.54 -17.30 -48.03
CA GLN A 1067 -26.91 -17.46 -47.55
C GLN A 1067 -27.15 -18.95 -47.29
N LYS A 1068 -26.96 -19.34 -46.03
CA LYS A 1068 -27.21 -20.71 -45.64
C LYS A 1068 -28.69 -20.93 -45.38
N PHE A 1069 -29.04 -22.14 -44.94
CA PHE A 1069 -30.43 -22.45 -44.66
C PHE A 1069 -30.76 -22.11 -43.21
N LEU A 1070 -31.97 -22.48 -42.78
CA LEU A 1070 -32.61 -22.01 -41.54
C LEU A 1070 -32.61 -20.48 -41.49
N MET A 1071 -33.24 -19.86 -42.48
CA MET A 1071 -32.93 -18.49 -42.85
C MET A 1071 -34.18 -17.81 -43.40
N LEU A 1072 -34.21 -16.47 -43.24
CA LEU A 1072 -35.10 -15.58 -43.96
C LEU A 1072 -34.28 -14.38 -44.42
N PHE A 1073 -34.60 -13.86 -45.61
CA PHE A 1073 -33.85 -12.74 -46.15
C PHE A 1073 -34.72 -12.00 -47.15
N ASP A 1074 -34.53 -10.68 -47.22
CA ASP A 1074 -35.31 -9.82 -48.13
C ASP A 1074 -34.42 -8.65 -48.54
N PRO A 1075 -33.84 -8.67 -49.76
CA PRO A 1075 -32.98 -7.58 -50.25
C PRO A 1075 -33.76 -6.43 -50.89
N ASP A 1076 -34.83 -5.99 -50.23
CA ASP A 1076 -35.63 -4.85 -50.69
C ASP A 1076 -36.30 -4.25 -49.45
N SER A 1077 -35.68 -3.23 -48.88
CA SER A 1077 -36.15 -2.63 -47.63
C SER A 1077 -35.69 -1.18 -47.56
N THR A 1078 -36.30 -0.41 -46.66
CA THR A 1078 -35.87 0.97 -46.43
C THR A 1078 -34.49 1.02 -45.79
N GLU A 1079 -34.25 0.16 -44.81
CA GLU A 1079 -32.92 0.07 -44.19
C GLU A 1079 -31.96 -0.59 -45.17
N ASN A 1080 -31.19 0.25 -45.88
CA ASN A 1080 -30.19 -0.06 -46.90
C ASN A 1080 -30.83 -0.62 -48.17
N CYS A 1081 -30.35 -0.16 -49.33
CA CYS A 1081 -30.82 -0.62 -50.63
C CYS A 1081 -29.64 -1.07 -51.46
N VAL A 1082 -28.78 -1.90 -50.87
CA VAL A 1082 -27.50 -2.21 -51.48
C VAL A 1082 -27.67 -3.25 -52.57
N PHE A 1083 -27.28 -2.89 -53.79
CA PHE A 1083 -27.29 -3.78 -54.93
C PHE A 1083 -25.88 -3.89 -55.46
N ILE A 1084 -25.30 -5.08 -55.38
CA ILE A 1084 -23.97 -5.35 -55.93
C ILE A 1084 -24.18 -6.01 -57.29
N VAL A 1085 -23.68 -5.37 -58.34
CA VAL A 1085 -24.06 -5.75 -59.70
C VAL A 1085 -22.82 -6.04 -60.54
N PRO A 1086 -22.89 -6.99 -61.49
CA PRO A 1086 -21.77 -7.23 -62.40
C PRO A 1086 -21.84 -6.39 -63.67
N THR A 1087 -20.72 -5.77 -64.01
CA THR A 1087 -20.59 -4.96 -65.21
C THR A 1087 -19.46 -5.53 -66.07
N VAL A 1088 -19.41 -5.08 -67.33
CA VAL A 1088 -18.38 -5.50 -68.26
C VAL A 1088 -17.60 -4.25 -68.70
N LYS A 1089 -16.27 -4.37 -68.73
CA LYS A 1089 -15.41 -3.25 -69.08
C LYS A 1089 -15.49 -2.99 -70.57
N ALA A 1090 -15.66 -1.72 -70.95
CA ALA A 1090 -15.64 -1.34 -72.35
C ALA A 1090 -14.20 -1.36 -72.88
N PRO A 1091 -14.03 -1.54 -74.20
CA PRO A 1091 -12.69 -1.39 -74.78
C PRO A 1091 -12.13 0.02 -74.72
N ALA A 1092 -12.98 1.04 -74.56
CA ALA A 1092 -12.54 2.42 -74.45
C ALA A 1092 -12.22 2.84 -73.03
N GLY A 1093 -12.26 1.90 -72.07
CA GLY A 1093 -11.97 2.20 -70.68
C GLY A 1093 -13.19 2.28 -69.79
N GLY A 1094 -14.40 2.38 -70.36
CA GLY A 1094 -15.61 2.43 -69.58
C GLY A 1094 -15.98 1.08 -69.00
N LYS A 1095 -17.00 1.11 -68.15
CA LYS A 1095 -17.53 -0.10 -67.50
C LYS A 1095 -19.05 -0.08 -67.62
N HIS A 1096 -19.56 -0.63 -68.72
CA HIS A 1096 -20.99 -0.63 -68.98
C HIS A 1096 -21.65 -1.79 -68.26
N ILE A 1097 -22.92 -1.61 -67.93
CA ILE A 1097 -23.70 -2.64 -67.26
C ILE A 1097 -23.85 -3.88 -68.15
N ASP A 1098 -23.63 -5.05 -67.54
CA ASP A 1098 -23.70 -6.32 -68.26
C ASP A 1098 -25.02 -7.02 -67.89
N TRP A 1099 -26.06 -6.67 -68.64
CA TRP A 1099 -27.36 -7.29 -68.41
C TRP A 1099 -27.41 -8.69 -69.02
N GLN A 1100 -26.45 -9.01 -69.90
CA GLN A 1100 -26.43 -10.28 -70.61
C GLN A 1100 -26.17 -11.45 -69.67
N PHE A 1101 -25.11 -11.33 -68.86
CA PHE A 1101 -24.83 -12.35 -67.86
C PHE A 1101 -25.88 -12.37 -66.76
N LEU A 1102 -26.51 -11.22 -66.50
CA LEU A 1102 -27.53 -11.14 -65.47
C LEU A 1102 -28.80 -11.91 -65.87
N GLU A 1103 -29.23 -11.75 -67.12
CA GLU A 1103 -30.37 -12.55 -67.58
C GLU A 1103 -29.99 -14.01 -67.81
N LEU A 1104 -28.71 -14.26 -68.15
CA LEU A 1104 -28.24 -15.64 -68.25
C LEU A 1104 -28.30 -16.35 -66.91
N ILE A 1105 -27.91 -15.66 -65.83
CA ILE A 1105 -27.97 -16.24 -64.49
C ILE A 1105 -29.42 -16.29 -63.99
N GLN A 1106 -30.27 -15.39 -64.49
CA GLN A 1106 -31.71 -15.50 -64.22
C GLN A 1106 -32.28 -16.79 -64.81
N ALA A 1107 -31.96 -17.08 -66.07
CA ALA A 1107 -32.45 -18.29 -66.71
C ALA A 1107 -31.74 -19.54 -66.22
N ASN A 1108 -30.55 -19.41 -65.63
CA ASN A 1108 -29.73 -20.54 -65.22
C ASN A 1108 -29.20 -20.35 -63.80
N GLY A 1109 -30.09 -20.01 -62.86
CA GLY A 1109 -29.72 -19.89 -61.47
C GLY A 1109 -29.80 -21.19 -60.71
N ASN A 1110 -30.05 -22.28 -61.43
CA ASN A 1110 -30.07 -23.62 -60.88
C ASN A 1110 -29.18 -24.54 -61.72
N THR A 1111 -27.96 -24.09 -62.01
CA THR A 1111 -27.01 -24.90 -62.77
C THR A 1111 -26.52 -26.02 -61.86
N MET A 1112 -27.05 -27.21 -62.07
CA MET A 1112 -26.78 -28.33 -61.19
C MET A 1112 -26.45 -29.57 -62.00
N PRO A 1113 -25.21 -30.04 -61.93
CA PRO A 1113 -24.88 -31.34 -62.56
C PRO A 1113 -25.64 -32.49 -61.92
N ARG A 1114 -26.05 -33.43 -62.76
CA ARG A 1114 -26.89 -34.56 -62.36
C ARG A 1114 -26.22 -35.84 -62.82
N ALA A 1115 -26.99 -36.93 -62.77
CA ALA A 1115 -26.53 -38.21 -63.28
C ALA A 1115 -26.47 -38.13 -64.80
N VAL A 1116 -25.33 -37.71 -65.33
CA VAL A 1116 -25.11 -37.55 -66.76
C VAL A 1116 -25.07 -38.93 -67.42
N PRO A 1117 -25.88 -39.16 -68.46
CA PRO A 1117 -25.85 -40.46 -69.13
C PRO A 1117 -24.58 -40.65 -69.95
N ASP A 1118 -24.31 -41.91 -70.29
CA ASP A 1118 -23.12 -42.24 -71.06
C ASP A 1118 -23.26 -41.84 -72.52
N GLU A 1119 -24.50 -41.66 -72.99
CA GLU A 1119 -24.73 -41.30 -74.39
C GLU A 1119 -24.36 -39.84 -74.66
N GLU A 1120 -24.67 -38.95 -73.71
CA GLU A 1120 -24.30 -37.54 -73.85
C GLU A 1120 -22.79 -37.37 -73.74
N ARG A 1121 -22.12 -38.28 -73.01
CA ARG A 1121 -20.67 -38.17 -72.88
C ARG A 1121 -19.96 -38.88 -74.04
N GLN A 1122 -20.66 -39.80 -74.72
CA GLN A 1122 -20.28 -40.13 -76.09
C GLN A 1122 -20.37 -38.90 -76.99
N ALA A 1123 -21.46 -38.13 -76.87
CA ALA A 1123 -21.68 -36.97 -77.71
C ALA A 1123 -20.99 -35.71 -77.19
N GLN A 1124 -20.29 -35.80 -76.06
CA GLN A 1124 -19.64 -34.63 -75.47
C GLN A 1124 -18.37 -34.30 -76.25
N PRO A 1125 -18.25 -33.09 -76.81
CA PRO A 1125 -17.02 -32.74 -77.55
C PRO A 1125 -15.91 -32.21 -76.65
N PHE A 1126 -14.81 -31.77 -77.27
CA PHE A 1126 -13.66 -31.25 -76.54
C PHE A 1126 -13.19 -29.95 -77.19
N ASP A 1127 -12.88 -28.95 -76.36
CA ASP A 1127 -12.35 -27.68 -76.83
C ASP A 1127 -11.56 -27.00 -75.73
N PRO A 1128 -10.39 -26.43 -76.05
CA PRO A 1128 -9.58 -25.79 -74.99
C PRO A 1128 -10.11 -24.45 -74.53
N GLN A 1129 -10.85 -23.73 -75.38
CA GLN A 1129 -11.31 -22.40 -75.03
C GLN A 1129 -12.47 -22.45 -74.05
N ARG A 1130 -13.24 -23.54 -74.07
CA ARG A 1130 -14.38 -23.65 -73.16
C ARG A 1130 -13.93 -23.88 -71.72
N PHE A 1131 -12.83 -24.61 -71.53
CA PHE A 1131 -12.24 -24.80 -70.21
C PHE A 1131 -11.00 -23.93 -70.03
N GLN A 1132 -10.89 -22.84 -70.80
CA GLN A 1132 -9.73 -21.95 -70.69
C GLN A 1132 -9.73 -21.19 -69.37
N ASP A 1133 -10.86 -20.58 -69.03
CA ASP A 1133 -11.00 -19.86 -67.78
C ASP A 1133 -12.36 -20.14 -67.15
N ALA A 1134 -12.73 -21.40 -67.09
CA ALA A 1134 -14.01 -21.83 -66.53
C ALA A 1134 -13.78 -22.53 -65.21
N VAL A 1135 -14.88 -22.99 -64.61
CA VAL A 1135 -14.87 -23.72 -63.35
C VAL A 1135 -15.36 -25.13 -63.64
N VAL A 1136 -14.57 -26.13 -63.24
CA VAL A 1136 -14.84 -27.52 -63.59
C VAL A 1136 -15.65 -28.17 -62.48
N MET A 1137 -16.55 -29.07 -62.87
CA MET A 1137 -17.53 -29.68 -61.98
C MET A 1137 -17.47 -31.20 -62.12
N PRO A 1138 -16.93 -31.92 -61.14
CA PRO A 1138 -16.98 -33.39 -61.20
C PRO A 1138 -18.31 -33.92 -60.67
N TRP A 1139 -19.06 -34.57 -61.57
CA TRP A 1139 -20.43 -34.96 -61.29
C TRP A 1139 -20.59 -36.36 -60.69
N TYR A 1140 -19.54 -37.17 -60.68
CA TYR A 1140 -19.74 -38.61 -60.54
C TYR A 1140 -19.88 -39.08 -59.09
N ARG A 1141 -19.63 -38.23 -58.10
CA ARG A 1141 -19.81 -38.64 -56.72
C ARG A 1141 -20.13 -37.44 -55.85
N ASN A 1142 -20.98 -37.68 -54.84
CA ASN A 1142 -21.34 -36.74 -53.76
C ASN A 1142 -21.91 -35.44 -54.35
N GLN A 1143 -23.02 -35.61 -55.06
CA GLN A 1143 -23.62 -34.51 -55.81
C GLN A 1143 -24.33 -33.48 -54.94
N ASP A 1144 -24.79 -33.89 -53.75
CA ASP A 1144 -25.67 -33.03 -52.95
C ASP A 1144 -24.91 -31.84 -52.37
N GLN A 1145 -23.63 -32.00 -52.05
CA GLN A 1145 -22.78 -30.92 -51.58
C GLN A 1145 -21.54 -30.88 -52.47
N PRO A 1146 -21.67 -30.33 -53.67
CA PRO A 1146 -20.58 -30.44 -54.65
C PRO A 1146 -19.47 -29.43 -54.38
N GLN A 1147 -18.29 -29.74 -54.90
CA GLN A 1147 -17.14 -28.84 -54.84
C GLN A 1147 -16.77 -28.41 -56.25
N TYR A 1148 -16.25 -27.20 -56.36
CA TYR A 1148 -16.02 -26.55 -57.63
C TYR A 1148 -14.52 -26.35 -57.79
N PHE A 1149 -13.96 -26.73 -58.94
CA PHE A 1149 -12.50 -26.67 -59.01
C PHE A 1149 -12.07 -25.79 -60.16
N TYR A 1150 -10.81 -25.41 -60.16
CA TYR A 1150 -10.29 -24.36 -61.03
C TYR A 1150 -9.42 -25.00 -62.11
N VAL A 1151 -9.19 -24.26 -63.20
CA VAL A 1151 -8.28 -24.71 -64.26
C VAL A 1151 -6.91 -24.11 -64.01
N ALA A 1152 -5.87 -24.96 -64.04
CA ALA A 1152 -4.51 -24.52 -63.76
C ALA A 1152 -3.57 -24.59 -64.96
N GLU A 1153 -3.56 -25.69 -65.70
CA GLU A 1153 -2.64 -25.85 -66.83
C GLU A 1153 -3.25 -26.82 -67.83
N ILE A 1154 -3.04 -26.53 -69.11
CA ILE A 1154 -3.48 -27.39 -70.20
C ILE A 1154 -2.28 -28.22 -70.67
N CYS A 1155 -2.30 -29.51 -70.39
CA CYS A 1155 -1.18 -30.41 -70.68
C CYS A 1155 -1.50 -31.29 -71.87
N PRO A 1156 -0.81 -31.15 -73.00
CA PRO A 1156 -1.04 -32.07 -74.13
C PRO A 1156 -0.47 -33.46 -73.91
N HIS A 1157 0.40 -33.64 -72.91
CA HIS A 1157 1.00 -34.94 -72.68
C HIS A 1157 0.20 -35.81 -71.72
N LEU A 1158 -0.91 -35.29 -71.17
CA LEU A 1158 -1.72 -36.06 -70.24
C LEU A 1158 -2.89 -36.70 -70.96
N SER A 1159 -3.21 -37.94 -70.58
CA SER A 1159 -4.27 -38.71 -71.21
C SER A 1159 -4.75 -39.78 -70.26
N PRO A 1160 -5.99 -40.28 -70.40
CA PRO A 1160 -6.39 -41.47 -69.65
C PRO A 1160 -5.65 -42.72 -70.07
N LEU A 1161 -5.10 -42.74 -71.28
CA LEU A 1161 -4.35 -43.90 -71.75
C LEU A 1161 -2.94 -43.90 -71.18
N SER A 1162 -2.52 -42.79 -70.59
CA SER A 1162 -1.21 -42.69 -69.97
C SER A 1162 -1.15 -43.50 -68.68
N CYS A 1163 0.07 -43.71 -68.19
CA CYS A 1163 0.27 -44.54 -67.00
C CYS A 1163 -0.19 -43.80 -65.74
N PHE A 1164 -0.91 -44.52 -64.89
CA PHE A 1164 -1.34 -43.98 -63.61
C PHE A 1164 -0.12 -43.80 -62.70
N PRO A 1165 0.07 -42.63 -62.09
CA PRO A 1165 1.22 -42.44 -61.19
C PRO A 1165 1.07 -43.23 -59.90
N GLY A 1166 1.34 -44.53 -59.98
CA GLY A 1166 1.14 -45.45 -58.88
C GLY A 1166 0.97 -46.85 -59.40
N ASP A 1167 1.43 -47.84 -58.64
CA ASP A 1167 1.37 -49.22 -59.11
C ASP A 1167 0.07 -49.93 -58.75
N ASN A 1168 -0.88 -49.21 -58.13
CA ASN A 1168 -2.16 -49.82 -57.79
C ASN A 1168 -2.99 -50.12 -59.04
N TYR A 1169 -2.96 -49.20 -60.02
CA TYR A 1169 -3.73 -49.37 -61.25
C TYR A 1169 -2.87 -48.95 -62.43
N ARG A 1170 -3.19 -49.48 -63.61
CA ARG A 1170 -2.40 -49.20 -64.80
C ARG A 1170 -2.72 -47.82 -65.37
N THR A 1171 -4.00 -47.59 -65.68
CA THR A 1171 -4.42 -46.33 -66.29
C THR A 1171 -5.43 -45.65 -65.38
N PHE A 1172 -5.84 -44.45 -65.80
CA PHE A 1172 -6.91 -43.75 -65.11
C PHE A 1172 -8.25 -44.46 -65.35
N LYS A 1173 -8.40 -45.07 -66.52
CA LYS A 1173 -9.58 -45.86 -66.84
C LYS A 1173 -9.73 -47.05 -65.90
N HIS A 1174 -8.65 -47.81 -65.70
CA HIS A 1174 -8.68 -48.96 -64.80
C HIS A 1174 -8.92 -48.52 -63.36
N TYR A 1175 -8.30 -47.42 -62.95
CA TYR A 1175 -8.43 -46.90 -61.60
C TYR A 1175 -9.88 -46.48 -61.31
N TYR A 1176 -10.47 -45.68 -62.19
CA TYR A 1176 -11.85 -45.24 -62.04
C TYR A 1176 -12.84 -46.39 -62.14
N LEU A 1177 -12.62 -47.32 -63.08
CA LEU A 1177 -13.59 -48.39 -63.31
C LEU A 1177 -13.56 -49.42 -62.19
N VAL A 1178 -12.39 -49.72 -61.63
CA VAL A 1178 -12.34 -50.62 -60.49
C VAL A 1178 -12.86 -49.95 -59.24
N LYS A 1179 -12.45 -48.69 -58.99
CA LYS A 1179 -12.80 -48.05 -57.73
C LYS A 1179 -14.25 -47.56 -57.68
N TYR A 1180 -14.92 -47.38 -58.81
CA TYR A 1180 -16.29 -46.86 -58.76
C TYR A 1180 -17.29 -47.59 -59.65
N GLY A 1181 -16.84 -48.44 -60.59
CA GLY A 1181 -17.76 -49.07 -61.52
C GLY A 1181 -18.37 -48.09 -62.51
N LEU A 1182 -17.59 -47.12 -62.99
CA LEU A 1182 -18.08 -46.09 -63.88
C LEU A 1182 -17.24 -46.06 -65.15
N THR A 1183 -17.90 -45.75 -66.27
CA THR A 1183 -17.30 -45.84 -67.59
C THR A 1183 -17.06 -44.46 -68.18
N ILE A 1184 -15.81 -44.17 -68.54
CA ILE A 1184 -15.45 -42.98 -69.28
C ILE A 1184 -15.56 -43.30 -70.76
N GLN A 1185 -16.23 -42.43 -71.50
CA GLN A 1185 -16.52 -42.70 -72.91
C GLN A 1185 -15.29 -42.52 -73.81
N ASN A 1186 -14.71 -41.32 -73.81
CA ASN A 1186 -13.61 -41.00 -74.70
C ASN A 1186 -12.32 -40.78 -73.92
N THR A 1187 -11.23 -41.38 -74.38
CA THR A 1187 -9.91 -41.23 -73.78
C THR A 1187 -8.91 -40.57 -74.71
N SER A 1188 -9.32 -40.18 -75.92
CA SER A 1188 -8.39 -39.58 -76.86
C SER A 1188 -8.03 -38.14 -76.50
N GLN A 1189 -8.94 -37.42 -75.85
CA GLN A 1189 -8.73 -36.03 -75.48
C GLN A 1189 -7.71 -35.91 -74.35
N PRO A 1190 -6.98 -34.80 -74.27
CA PRO A 1190 -6.15 -34.55 -73.09
C PRO A 1190 -6.99 -34.18 -71.88
N LEU A 1191 -6.37 -34.27 -70.72
CA LEU A 1191 -7.06 -34.10 -69.44
C LEU A 1191 -6.80 -32.71 -68.88
N LEU A 1192 -7.27 -32.47 -67.64
CA LEU A 1192 -7.22 -31.15 -67.05
C LEU A 1192 -6.52 -31.21 -65.70
N ASP A 1193 -5.66 -30.21 -65.49
CA ASP A 1193 -5.04 -29.88 -64.22
C ASP A 1193 -5.96 -28.93 -63.47
N VAL A 1194 -6.38 -29.33 -62.27
CA VAL A 1194 -7.35 -28.58 -61.49
C VAL A 1194 -6.66 -27.95 -60.29
N ASP A 1195 -7.27 -26.90 -59.77
CA ASP A 1195 -6.80 -26.24 -58.56
C ASP A 1195 -7.94 -26.25 -57.54
N HIS A 1196 -7.58 -26.46 -56.28
CA HIS A 1196 -8.58 -26.59 -55.23
C HIS A 1196 -8.86 -25.24 -54.58
N THR A 1197 -10.12 -25.01 -54.25
CA THR A 1197 -10.53 -23.73 -53.70
C THR A 1197 -10.08 -23.59 -52.25
N SER A 1198 -9.96 -22.34 -51.80
CA SER A 1198 -9.66 -22.08 -50.39
C SER A 1198 -10.87 -22.42 -49.53
N ALA A 1199 -10.59 -22.96 -48.34
CA ALA A 1199 -11.63 -23.42 -47.42
C ALA A 1199 -11.93 -22.38 -46.36
N ARG A 1200 -11.86 -21.10 -46.71
CA ARG A 1200 -11.91 -20.01 -45.75
C ARG A 1200 -12.29 -18.72 -46.47
N LEU A 1201 -13.32 -18.04 -45.95
CA LEU A 1201 -13.85 -16.81 -46.56
C LEU A 1201 -12.96 -15.60 -46.30
N ASN A 1202 -12.39 -15.52 -45.10
CA ASN A 1202 -11.65 -14.34 -44.66
C ASN A 1202 -10.25 -14.30 -45.25
N PHE A 1203 -10.15 -14.01 -46.56
CA PHE A 1203 -8.86 -13.80 -47.21
C PHE A 1203 -8.61 -12.35 -47.57
N LEU A 1204 -9.37 -11.41 -47.04
CA LEU A 1204 -9.17 -10.02 -47.42
C LEU A 1204 -8.25 -9.25 -46.49
N THR A 1205 -8.64 -9.03 -45.19
CA THR A 1205 -7.92 -8.57 -43.98
C THR A 1205 -6.84 -7.56 -44.36
N PRO A 1206 -7.21 -6.31 -44.68
CA PRO A 1206 -6.46 -5.47 -45.62
C PRO A 1206 -4.98 -5.15 -45.33
N ARG A 1207 -4.46 -5.55 -44.17
CA ARG A 1207 -3.05 -5.33 -43.87
C ARG A 1207 -2.17 -6.53 -44.12
N TYR A 1208 -2.64 -7.76 -43.82
CA TYR A 1208 -1.82 -8.95 -44.02
C TYR A 1208 -2.68 -10.20 -44.15
N VAL A 1209 -2.64 -10.88 -45.30
CA VAL A 1209 -3.11 -12.26 -45.35
C VAL A 1209 -1.99 -13.09 -45.96
N ASN A 1210 -1.18 -12.48 -46.83
CA ASN A 1210 -0.07 -13.19 -47.45
C ASN A 1210 1.04 -13.48 -46.44
N ARG A 1211 1.27 -12.57 -45.50
CA ARG A 1211 2.16 -12.83 -44.38
C ARG A 1211 1.45 -13.71 -43.36
N LYS A 1212 0.12 -13.71 -43.38
CA LYS A 1212 -0.69 -14.51 -42.48
C LYS A 1212 -1.03 -15.84 -43.14
N GLY A 1213 -0.52 -16.07 -44.36
CA GLY A 1213 -0.82 -17.29 -45.07
C GLY A 1213 -0.10 -18.50 -44.53
N VAL A 1214 1.05 -18.29 -43.89
CA VAL A 1214 1.71 -19.40 -43.21
C VAL A 1214 0.93 -19.81 -41.97
N ALA A 1215 0.19 -18.88 -41.36
CA ALA A 1215 -0.79 -19.26 -40.35
C ALA A 1215 -1.99 -19.91 -41.03
N LEU A 1216 -2.34 -21.12 -40.55
CA LEU A 1216 -3.25 -22.12 -41.10
C LEU A 1216 -2.74 -22.64 -42.44
N PRO A 1217 -2.72 -23.97 -42.64
CA PRO A 1217 -2.09 -24.53 -43.85
C PRO A 1217 -2.85 -24.25 -45.14
N THR A 1218 -2.72 -23.03 -45.65
CA THR A 1218 -3.34 -22.54 -46.90
C THR A 1218 -4.85 -22.74 -46.87
N SER A 1219 -5.48 -21.92 -46.00
CA SER A 1219 -6.91 -21.92 -45.68
C SER A 1219 -7.31 -23.17 -44.92
N SER A 1220 -6.33 -23.80 -44.26
CA SER A 1220 -6.48 -24.86 -43.27
C SER A 1220 -7.04 -26.18 -43.79
N GLU A 1221 -7.45 -26.20 -45.07
CA GLU A 1221 -7.99 -27.35 -45.77
C GLU A 1221 -9.11 -28.07 -45.03
N GLU A 1222 -10.28 -27.41 -44.93
CA GLU A 1222 -11.47 -28.07 -44.41
C GLU A 1222 -11.88 -29.26 -45.25
N THR A 1223 -11.54 -29.27 -46.54
CA THR A 1223 -11.87 -30.37 -47.44
C THR A 1223 -10.72 -30.88 -48.29
N LYS A 1224 -9.63 -30.12 -48.48
CA LYS A 1224 -8.59 -30.51 -49.43
C LYS A 1224 -7.78 -31.70 -48.93
N ARG A 1225 -7.42 -31.70 -47.65
CA ARG A 1225 -6.67 -32.84 -47.10
C ARG A 1225 -7.53 -34.09 -47.05
N ALA A 1226 -8.83 -33.94 -46.77
CA ALA A 1226 -9.75 -35.07 -46.77
C ALA A 1226 -9.91 -35.66 -48.17
N LYS A 1227 -10.04 -34.80 -49.19
CA LYS A 1227 -10.23 -35.33 -50.54
C LYS A 1227 -8.93 -35.89 -51.11
N ARG A 1228 -7.78 -35.34 -50.71
CA ARG A 1228 -6.52 -35.90 -51.20
C ARG A 1228 -6.15 -37.17 -50.43
N GLU A 1229 -6.72 -37.36 -49.24
CA GLU A 1229 -6.62 -38.67 -48.59
C GLU A 1229 -7.54 -39.68 -49.24
N ASN A 1230 -8.77 -39.26 -49.59
CA ASN A 1230 -9.73 -40.17 -50.20
C ASN A 1230 -9.35 -40.55 -51.62
N LEU A 1231 -8.60 -39.69 -52.31
CA LEU A 1231 -8.22 -39.95 -53.69
C LEU A 1231 -6.75 -40.31 -53.86
N GLU A 1232 -5.93 -40.20 -52.79
CA GLU A 1232 -4.53 -40.61 -52.73
C GLU A 1232 -3.66 -39.92 -53.77
N GLN A 1233 -3.80 -40.34 -55.03
CA GLN A 1233 -3.08 -39.73 -56.13
C GLN A 1233 -3.65 -38.34 -56.43
N LYS A 1234 -2.86 -37.49 -57.08
CA LYS A 1234 -3.24 -36.12 -57.38
C LYS A 1234 -4.43 -36.09 -58.34
N GLN A 1235 -5.26 -35.06 -58.19
CA GLN A 1235 -6.50 -34.92 -58.96
C GLN A 1235 -6.22 -34.41 -60.37
N ILE A 1236 -5.89 -35.34 -61.25
CA ILE A 1236 -5.86 -35.06 -62.68
C ILE A 1236 -7.19 -35.52 -63.27
N LEU A 1237 -8.00 -34.58 -63.73
CA LEU A 1237 -9.40 -34.88 -63.99
C LEU A 1237 -9.71 -34.88 -65.47
N VAL A 1238 -10.85 -35.46 -65.81
CA VAL A 1238 -11.26 -35.66 -67.20
C VAL A 1238 -12.19 -34.51 -67.58
N PRO A 1239 -12.01 -33.87 -68.74
CA PRO A 1239 -12.98 -32.86 -69.20
C PRO A 1239 -14.35 -33.44 -69.50
N GLU A 1240 -14.44 -34.74 -69.77
CA GLU A 1240 -15.74 -35.37 -69.99
C GLU A 1240 -16.51 -35.53 -68.68
N LEU A 1241 -15.80 -35.89 -67.60
CA LEU A 1241 -16.42 -36.00 -66.29
C LEU A 1241 -16.53 -34.66 -65.57
N CYS A 1242 -15.93 -33.60 -66.09
CA CYS A 1242 -16.01 -32.29 -65.47
C CYS A 1242 -16.76 -31.34 -66.38
N THR A 1243 -18.00 -31.02 -65.99
CA THR A 1243 -18.82 -30.07 -66.75
C THR A 1243 -18.45 -28.64 -66.39
N VAL A 1244 -19.02 -27.69 -67.13
CA VAL A 1244 -18.66 -26.27 -67.03
C VAL A 1244 -19.63 -25.58 -66.08
N HIS A 1245 -19.08 -24.82 -65.14
CA HIS A 1245 -19.88 -23.91 -64.34
C HIS A 1245 -19.90 -22.52 -65.00
N PRO A 1246 -21.08 -21.88 -65.07
CA PRO A 1246 -21.18 -20.66 -65.88
C PRO A 1246 -20.50 -19.45 -65.26
N PHE A 1247 -20.22 -19.47 -63.97
CA PHE A 1247 -19.54 -18.36 -63.35
C PHE A 1247 -18.07 -18.42 -63.74
N PRO A 1248 -17.50 -17.37 -64.34
CA PRO A 1248 -16.12 -17.42 -64.81
C PRO A 1248 -15.12 -17.48 -63.67
N ALA A 1249 -13.94 -18.02 -63.99
CA ALA A 1249 -12.91 -18.23 -63.00
C ALA A 1249 -12.33 -16.92 -62.48
N SER A 1250 -12.03 -16.00 -63.40
CA SER A 1250 -11.53 -14.68 -63.01
C SER A 1250 -12.60 -13.88 -62.26
N LEU A 1251 -13.86 -13.99 -62.69
CA LEU A 1251 -14.94 -13.32 -61.95
C LEU A 1251 -15.18 -13.98 -60.60
N TRP A 1252 -14.95 -15.29 -60.50
CA TRP A 1252 -15.03 -15.95 -59.20
C TRP A 1252 -13.90 -15.49 -58.29
N ARG A 1253 -12.71 -15.28 -58.84
CA ARG A 1253 -11.59 -14.82 -58.02
C ARG A 1253 -11.75 -13.37 -57.62
N THR A 1254 -12.44 -12.56 -58.43
CA THR A 1254 -12.87 -11.24 -57.94
C THR A 1254 -13.95 -11.39 -56.88
N ALA A 1255 -14.78 -12.44 -56.98
CA ALA A 1255 -15.92 -12.57 -56.08
C ALA A 1255 -15.50 -13.01 -54.68
N VAL A 1256 -14.37 -13.70 -54.56
CA VAL A 1256 -14.00 -14.25 -53.24
C VAL A 1256 -13.20 -13.24 -52.43
N CYS A 1257 -12.75 -12.17 -53.07
CA CYS A 1257 -12.03 -11.12 -52.35
C CYS A 1257 -12.96 -10.26 -51.52
N LEU A 1258 -14.09 -9.86 -52.09
CA LEU A 1258 -15.05 -8.93 -51.51
C LEU A 1258 -16.01 -9.37 -50.39
N PRO A 1259 -16.51 -10.66 -50.30
CA PRO A 1259 -17.86 -10.88 -49.74
C PRO A 1259 -18.00 -10.78 -48.22
N CYS A 1260 -19.16 -11.22 -47.74
CA CYS A 1260 -19.64 -11.24 -46.36
C CYS A 1260 -19.74 -9.82 -45.81
N ILE A 1261 -20.42 -8.96 -46.56
CA ILE A 1261 -20.59 -7.56 -46.19
C ILE A 1261 -22.05 -7.33 -45.76
N LEU A 1262 -22.91 -8.32 -45.96
CA LEU A 1262 -24.36 -8.12 -45.77
C LEU A 1262 -24.72 -7.83 -44.32
N TYR A 1263 -23.98 -8.41 -43.37
CA TYR A 1263 -24.13 -7.97 -41.98
C TYR A 1263 -23.24 -6.78 -41.70
N ARG A 1264 -22.11 -6.67 -42.41
CA ARG A 1264 -21.20 -5.54 -42.26
C ARG A 1264 -21.85 -4.23 -42.74
N ILE A 1265 -22.75 -4.31 -43.73
CA ILE A 1265 -23.54 -3.15 -44.10
C ILE A 1265 -24.52 -2.80 -42.98
N ASN A 1266 -25.13 -3.81 -42.37
CA ASN A 1266 -25.86 -3.56 -41.13
C ASN A 1266 -24.93 -3.20 -39.98
N GLY A 1267 -23.66 -3.59 -40.06
CA GLY A 1267 -22.65 -3.17 -39.10
C GLY A 1267 -22.14 -1.76 -39.34
N LEU A 1268 -21.75 -1.44 -40.57
CA LEU A 1268 -21.29 -0.08 -40.88
C LEU A 1268 -22.46 0.80 -41.35
N LEU A 1269 -23.56 0.75 -40.60
CA LEU A 1269 -24.53 1.82 -40.51
C LEU A 1269 -24.59 2.38 -39.11
N LEU A 1270 -24.40 1.54 -38.09
CA LEU A 1270 -24.43 1.96 -36.70
C LEU A 1270 -23.27 2.91 -36.40
N ALA A 1271 -22.10 2.62 -36.98
CA ALA A 1271 -20.93 3.48 -36.82
C ALA A 1271 -21.16 4.85 -37.47
N ASP A 1272 -21.72 4.86 -38.67
CA ASP A 1272 -22.02 6.13 -39.33
C ASP A 1272 -23.15 6.87 -38.61
N ASP A 1273 -24.07 6.12 -37.99
CA ASP A 1273 -25.11 6.75 -37.18
C ASP A 1273 -24.51 7.44 -35.96
N ILE A 1274 -23.54 6.78 -35.31
CA ILE A 1274 -22.81 7.39 -34.20
C ILE A 1274 -22.12 8.67 -34.65
N ARG A 1275 -21.51 8.64 -35.83
CA ARG A 1275 -20.94 9.83 -36.45
C ARG A 1275 -22.01 10.90 -36.69
N LYS A 1276 -23.22 10.46 -37.05
CA LYS A 1276 -24.29 11.41 -37.37
C LYS A 1276 -24.78 12.16 -36.13
N GLN A 1277 -25.06 11.45 -35.02
CA GLN A 1277 -25.51 12.19 -33.83
C GLN A 1277 -24.39 13.01 -33.22
N VAL A 1278 -23.14 12.53 -33.31
CA VAL A 1278 -22.07 13.33 -32.68
C VAL A 1278 -21.79 14.58 -33.50
N SER A 1279 -21.94 14.54 -34.83
CA SER A 1279 -21.76 15.77 -35.60
C SER A 1279 -23.03 16.60 -35.57
N ALA A 1280 -24.16 15.99 -35.17
CA ALA A 1280 -25.38 16.75 -34.98
C ALA A 1280 -25.29 17.65 -33.77
N ASP A 1281 -24.83 17.10 -32.64
CA ASP A 1281 -24.73 17.89 -31.41
C ASP A 1281 -23.31 18.39 -31.16
N LEU A 1282 -22.44 18.29 -32.15
CA LEU A 1282 -21.05 18.68 -32.00
C LEU A 1282 -20.76 20.10 -32.46
N GLY A 1283 -21.22 20.48 -33.65
CA GLY A 1283 -20.71 21.67 -34.31
C GLY A 1283 -19.55 21.31 -35.20
N LEU A 1284 -18.56 20.58 -34.66
CA LEU A 1284 -17.53 19.97 -35.48
C LEU A 1284 -18.13 18.86 -36.33
N GLY A 1285 -17.56 18.68 -37.51
CA GLY A 1285 -18.10 17.71 -38.46
C GLY A 1285 -19.21 18.29 -39.29
N ARG A 1286 -19.64 17.50 -40.27
CA ARG A 1286 -20.72 17.88 -41.15
C ARG A 1286 -21.79 16.82 -41.11
N GLN A 1287 -23.04 17.24 -41.31
CA GLN A 1287 -24.14 16.29 -41.37
C GLN A 1287 -24.23 15.60 -42.73
N GLN A 1288 -23.55 16.17 -43.73
CA GLN A 1288 -23.47 15.53 -45.04
C GLN A 1288 -22.01 15.31 -45.43
N THR A 1518 23.89 -15.31 -12.50
CA THR A 1518 22.75 -16.22 -12.37
C THR A 1518 21.77 -15.71 -11.34
N ALA A 1519 20.52 -16.21 -11.41
CA ALA A 1519 19.47 -15.74 -10.53
C ALA A 1519 19.73 -16.09 -9.08
N GLN A 1520 20.41 -17.21 -8.83
CA GLN A 1520 20.76 -17.58 -7.47
C GLN A 1520 21.89 -16.70 -6.95
N GLU A 1521 22.88 -16.41 -7.80
CA GLU A 1521 23.93 -15.46 -7.45
C GLU A 1521 23.37 -14.05 -7.26
N VAL A 1522 22.42 -13.66 -8.11
CA VAL A 1522 21.73 -12.37 -7.96
C VAL A 1522 20.98 -12.33 -6.64
N GLU A 1523 20.32 -13.43 -6.28
CA GLU A 1523 19.58 -13.52 -5.01
C GLU A 1523 20.49 -13.39 -3.81
N LYS A 1524 21.62 -14.11 -3.79
CA LYS A 1524 22.50 -14.05 -2.63
C LYS A 1524 23.16 -12.68 -2.52
N ARG A 1525 23.51 -12.08 -3.67
CA ARG A 1525 24.08 -10.72 -3.64
C ARG A 1525 23.07 -9.69 -3.18
N GLN A 1526 21.80 -9.79 -3.59
CA GLN A 1526 20.82 -8.78 -3.19
C GLN A 1526 20.41 -8.96 -1.73
N LYS A 1527 20.34 -10.21 -1.25
CA LYS A 1527 20.08 -10.41 0.18
C LYS A 1527 21.22 -9.88 1.04
N GLN A 1528 22.47 -10.16 0.64
CA GLN A 1528 23.63 -9.66 1.38
C GLN A 1528 23.67 -8.13 1.37
N LEU A 1529 23.51 -7.53 0.18
CA LEU A 1529 23.53 -6.08 0.05
C LEU A 1529 22.39 -5.45 0.83
N SER A 1530 21.19 -6.03 0.74
CA SER A 1530 20.00 -5.49 1.39
C SER A 1530 20.15 -5.48 2.91
N ILE A 1531 20.47 -6.64 3.51
CA ILE A 1531 20.50 -6.72 4.96
C ILE A 1531 21.73 -6.01 5.52
N ILE A 1532 22.89 -6.22 4.89
CA ILE A 1532 24.13 -5.70 5.45
C ILE A 1532 24.41 -4.28 4.94
N GLN A 1533 23.48 -3.70 4.18
CA GLN A 1533 23.60 -2.30 3.78
C GLN A 1533 22.41 -1.46 4.19
N ALA A 1534 21.30 -2.07 4.65
CA ALA A 1534 20.29 -1.30 5.33
C ALA A 1534 20.87 -0.74 6.63
N THR A 1535 21.17 -1.63 7.59
CA THR A 1535 21.88 -1.38 8.86
C THR A 1535 21.23 -0.35 9.79
N ASN A 1536 20.08 0.20 9.40
CA ASN A 1536 19.29 1.07 10.24
C ASN A 1536 17.83 0.69 10.14
N ALA A 1537 17.56 -0.61 10.22
CA ALA A 1537 16.21 -1.14 10.19
C ALA A 1537 15.59 -0.97 11.57
N ASN A 1538 14.50 -1.72 11.82
CA ASN A 1538 13.83 -1.71 13.12
C ASN A 1538 14.69 -2.22 14.28
N GLU A 1539 15.92 -2.65 14.00
CA GLU A 1539 16.93 -2.86 15.05
C GLU A 1539 17.32 -1.58 15.77
N ARG A 1540 17.03 -0.40 15.22
CA ARG A 1540 17.29 0.83 15.96
C ARG A 1540 16.31 1.00 17.12
N GLN A 1541 15.05 0.57 16.92
CA GLN A 1541 14.14 0.47 18.05
C GLN A 1541 14.59 -0.58 19.05
N TYR A 1542 15.30 -1.60 18.59
CA TYR A 1542 15.86 -2.58 19.52
C TYR A 1542 17.08 -2.03 20.24
N GLN A 1543 17.83 -1.13 19.59
CA GLN A 1543 18.91 -0.43 20.30
C GLN A 1543 18.33 0.46 21.40
N GLN A 1544 17.22 1.13 21.10
CA GLN A 1544 16.48 1.86 22.10
C GLN A 1544 15.96 0.93 23.19
N THR A 1545 15.56 -0.28 22.81
CA THR A 1545 15.08 -1.25 23.79
C THR A 1545 16.21 -1.72 24.71
N LYS A 1546 17.40 -1.93 24.17
CA LYS A 1546 18.50 -2.44 25.00
C LYS A 1546 19.22 -1.33 25.74
N ASN A 1547 18.92 -0.06 25.43
CA ASN A 1547 19.43 1.03 26.23
C ASN A 1547 18.32 1.66 27.08
N LEU A 1548 17.09 1.16 26.97
CA LEU A 1548 15.92 1.74 27.59
C LEU A 1548 15.86 1.76 29.11
N LEU A 1549 15.76 0.59 29.74
CA LEU A 1549 15.74 0.55 31.20
C LEU A 1549 17.12 0.44 31.80
N ILE A 1550 18.13 0.17 30.99
CA ILE A 1550 19.45 -0.25 31.48
C ILE A 1550 20.41 0.92 31.59
N GLY A 1551 20.58 1.68 30.51
CA GLY A 1551 21.60 2.71 30.48
C GLY A 1551 21.30 3.88 31.39
N PHE A 1552 20.27 4.66 31.01
CA PHE A 1552 19.72 5.86 31.66
C PHE A 1552 20.78 6.70 32.38
N ASN A 1553 21.81 7.10 31.66
CA ASN A 1553 23.04 7.56 32.28
C ASN A 1553 23.30 9.05 32.12
N PHE A 1554 24.51 9.46 32.54
CA PHE A 1554 25.25 10.69 32.23
C PHE A 1554 24.87 11.86 33.12
N LYS A 1555 25.84 12.34 33.90
CA LYS A 1555 25.68 13.45 34.83
C LYS A 1555 26.87 14.37 34.73
N HIS A 1556 26.69 15.64 35.09
CA HIS A 1556 27.79 16.57 34.97
C HIS A 1556 28.56 16.77 36.28
N GLU A 1557 27.93 17.40 37.28
CA GLU A 1557 28.52 17.66 38.58
C GLU A 1557 27.40 17.86 39.60
N ASP A 1558 27.80 18.02 40.86
CA ASP A 1558 26.94 18.53 41.92
C ASP A 1558 27.78 19.41 42.82
N GLN A 1559 27.15 20.39 43.46
CA GLN A 1559 27.80 21.20 44.48
C GLN A 1559 26.98 21.16 45.76
N LYS A 1560 27.55 21.76 46.80
CA LYS A 1560 26.91 21.80 48.11
C LYS A 1560 26.15 23.11 48.34
N GLU A 1561 25.59 23.68 47.27
CA GLU A 1561 24.78 24.87 47.35
C GLU A 1561 23.46 24.55 48.07
N PRO A 1562 22.82 25.54 48.72
CA PRO A 1562 21.62 25.23 49.52
C PRO A 1562 20.40 24.81 48.70
N ALA A 1563 20.44 24.99 47.38
CA ALA A 1563 19.37 24.49 46.52
C ALA A 1563 19.20 22.98 46.66
N THR A 1564 20.32 22.26 46.74
CA THR A 1564 20.30 20.85 47.09
C THR A 1564 19.66 20.64 48.46
N ILE A 1565 20.09 21.44 49.45
CA ILE A 1565 19.48 21.42 50.77
C ILE A 1565 18.01 21.84 50.68
N ARG A 1566 17.67 22.68 49.68
CA ARG A 1566 16.28 23.07 49.44
C ARG A 1566 15.44 21.84 49.09
N TYR A 1567 15.93 20.99 48.18
CA TYR A 1567 15.09 19.81 47.91
C TYR A 1567 15.22 18.81 49.05
N GLU A 1568 16.23 18.99 49.90
CA GLU A 1568 16.35 18.16 51.08
C GLU A 1568 15.28 18.48 52.12
N GLU A 1569 14.54 19.59 51.97
CA GLU A 1569 13.27 19.60 52.70
C GLU A 1569 12.11 19.26 51.76
N SER A 1570 12.25 19.58 50.47
CA SER A 1570 11.14 19.45 49.54
C SER A 1570 10.73 18.00 49.37
N ILE A 1571 11.72 17.14 49.08
CA ILE A 1571 11.59 15.68 49.17
C ILE A 1571 11.02 15.28 50.50
N ALA A 1572 11.60 15.84 51.57
CA ALA A 1572 11.14 15.58 52.93
C ALA A 1572 9.68 15.98 53.09
N LYS A 1573 9.33 17.17 52.59
CA LYS A 1573 7.93 17.58 52.71
C LYS A 1573 7.08 16.79 51.72
N LEU A 1574 7.67 16.40 50.58
CA LEU A 1574 6.99 15.48 49.68
C LEU A 1574 6.82 14.13 50.35
N LYS A 1575 7.83 13.73 51.14
CA LYS A 1575 7.74 12.54 51.98
C LYS A 1575 6.52 12.63 52.88
N THR A 1576 6.37 13.80 53.53
CA THR A 1576 5.21 13.99 54.39
C THR A 1576 3.94 13.99 53.59
N GLU A 1577 3.99 14.52 52.36
CA GLU A 1577 2.84 14.45 51.45
C GLU A 1577 2.48 13.02 51.15
N ILE A 1578 3.50 12.19 50.87
CA ILE A 1578 3.27 10.78 50.65
C ILE A 1578 2.80 10.12 51.95
N GLU A 1579 3.23 10.68 53.07
CA GLU A 1579 2.75 10.22 54.35
C GLU A 1579 1.68 11.13 54.94
N SER A 1580 0.97 11.93 54.13
CA SER A 1580 -0.24 12.57 54.63
C SER A 1580 -1.41 12.53 53.65
N GLY A 1581 -1.18 12.12 52.40
CA GLY A 1581 -2.28 12.15 51.45
C GLY A 1581 -3.23 10.99 51.53
N GLY A 1582 -3.04 10.08 52.48
CA GLY A 1582 -3.62 8.76 52.39
C GLY A 1582 -2.96 7.90 51.34
N MET A 1583 -1.74 8.25 50.93
CA MET A 1583 -1.11 7.58 49.81
C MET A 1583 -0.60 6.21 50.20
N LEU A 1584 0.33 6.16 51.15
CA LEU A 1584 0.85 4.90 51.65
C LEU A 1584 -0.24 4.16 52.40
N VAL A 1585 -0.32 2.85 52.21
CA VAL A 1585 -1.39 2.04 52.79
C VAL A 1585 -0.79 1.19 53.90
N PRO A 1586 -1.37 1.18 55.09
CA PRO A 1586 -0.89 0.26 56.13
C PRO A 1586 -1.19 -1.17 55.75
N HIS A 1587 -0.34 -2.09 56.19
CA HIS A 1587 -0.44 -3.47 55.72
C HIS A 1587 -1.30 -4.33 56.62
N ASP A 1588 -2.24 -3.74 57.34
CA ASP A 1588 -3.22 -4.51 58.08
C ASP A 1588 -4.64 -4.17 57.61
N SER A 1607 -25.00 35.30 40.77
CA SER A 1607 -24.95 36.66 40.25
C SER A 1607 -24.31 36.70 38.88
N MET A 1608 -25.13 36.63 37.82
CA MET A 1608 -24.59 36.60 36.46
C MET A 1608 -24.02 37.94 36.06
N MET A 1609 -24.45 39.03 36.70
CA MET A 1609 -23.83 40.32 36.47
C MET A 1609 -22.40 40.34 36.96
N GLU A 1610 -22.16 39.77 38.15
CA GLU A 1610 -20.78 39.67 38.62
C GLU A 1610 -20.00 38.63 37.83
N LEU A 1611 -20.69 37.64 37.26
CA LEU A 1611 -20.02 36.68 36.38
C LEU A 1611 -19.49 37.39 35.14
N LEU A 1612 -20.30 38.30 34.59
CA LEU A 1612 -19.83 39.12 33.48
C LEU A 1612 -18.79 40.15 33.92
N LYS A 1613 -18.88 40.62 35.16
CA LYS A 1613 -17.93 41.62 35.64
C LYS A 1613 -16.55 41.02 35.83
N GLN A 1614 -16.49 39.77 36.30
CA GLN A 1614 -15.22 39.08 36.34
C GLN A 1614 -14.81 38.63 34.94
N LEU A 1615 -15.79 38.38 34.07
CA LEU A 1615 -15.50 38.10 32.66
C LEU A 1615 -14.84 39.30 31.99
N LEU A 1616 -15.34 40.50 32.24
CA LEU A 1616 -14.77 41.72 31.69
C LEU A 1616 -14.56 42.75 32.79
N PRO A 1617 -13.47 42.63 33.56
CA PRO A 1617 -13.13 43.72 34.48
C PRO A 1617 -12.51 44.92 33.79
N TYR A 1618 -12.06 44.80 32.55
CA TYR A 1618 -11.51 45.95 31.85
C TYR A 1618 -12.55 46.61 30.97
N VAL A 1619 -13.78 46.11 30.99
CA VAL A 1619 -14.91 46.75 30.32
C VAL A 1619 -15.87 47.24 31.40
N ASN A 1620 -16.30 48.49 31.28
CA ASN A 1620 -17.01 49.16 32.36
C ASN A 1620 -18.39 48.56 32.59
N GLU A 1621 -18.86 48.65 33.83
CA GLU A 1621 -20.09 48.01 34.26
C GLU A 1621 -21.32 48.60 33.61
N ASP A 1622 -21.30 49.90 33.32
CA ASP A 1622 -22.45 50.56 32.71
C ASP A 1622 -22.73 50.02 31.31
N VAL A 1623 -21.68 49.81 30.53
CA VAL A 1623 -21.85 49.28 29.17
C VAL A 1623 -22.33 47.84 29.23
N LEU A 1624 -21.87 47.08 30.22
CA LEU A 1624 -22.32 45.71 30.39
C LEU A 1624 -23.79 45.65 30.79
N ALA A 1625 -24.22 46.58 31.65
CA ALA A 1625 -25.64 46.64 32.01
C ALA A 1625 -26.48 47.12 30.83
N LYS A 1626 -25.90 47.96 29.97
CA LYS A 1626 -26.58 48.35 28.73
C LYS A 1626 -26.75 47.15 27.81
N LYS A 1627 -25.71 46.33 27.68
CA LYS A 1627 -25.74 45.23 26.72
C LYS A 1627 -26.49 44.03 27.28
N LEU A 1628 -26.77 44.03 28.58
CA LEU A 1628 -27.45 42.89 29.18
C LEU A 1628 -28.91 42.83 28.73
N GLY A 1629 -29.71 43.81 29.17
CA GLY A 1629 -31.11 43.88 28.79
C GLY A 1629 -31.91 42.67 29.26
N ASP A 1630 -32.88 42.27 28.44
CA ASP A 1630 -33.57 41.01 28.60
C ASP A 1630 -32.69 39.82 28.23
N ARG A 1631 -31.68 40.03 27.40
CA ARG A 1631 -30.79 38.95 26.97
C ARG A 1631 -29.95 38.46 28.14
N ARG A 1632 -30.26 37.26 28.63
CA ARG A 1632 -29.52 36.66 29.73
C ARG A 1632 -28.18 36.09 29.31
N GLU A 1633 -27.95 35.94 28.01
CA GLU A 1633 -26.77 35.28 27.48
C GLU A 1633 -26.15 36.13 26.37
N LEU A 1634 -24.91 36.57 26.58
CA LEU A 1634 -24.26 37.46 25.63
C LEU A 1634 -23.59 36.69 24.50
N LEU A 1635 -23.84 37.11 23.27
CA LEU A 1635 -23.23 36.45 22.13
C LEU A 1635 -21.78 36.88 21.98
N LEU A 1636 -21.03 36.15 21.14
CA LEU A 1636 -19.63 36.45 20.92
C LEU A 1636 -19.45 37.79 20.21
N SER A 1637 -20.41 38.14 19.36
CA SER A 1637 -20.38 39.41 18.64
C SER A 1637 -20.44 40.59 19.59
N ASP A 1638 -21.06 40.41 20.75
CA ASP A 1638 -21.11 41.47 21.76
C ASP A 1638 -19.72 41.76 22.33
N LEU A 1639 -18.95 40.70 22.62
CA LEU A 1639 -17.60 40.88 23.12
C LEU A 1639 -16.69 41.43 22.02
N VAL A 1640 -16.97 41.07 20.77
CA VAL A 1640 -16.26 41.69 19.64
C VAL A 1640 -16.56 43.18 19.58
N GLU A 1641 -17.82 43.56 19.80
CA GLU A 1641 -18.20 44.96 19.82
C GLU A 1641 -17.51 45.70 20.96
N LEU A 1642 -17.38 45.04 22.11
CA LEU A 1642 -16.69 45.65 23.25
C LEU A 1642 -15.20 45.84 22.97
N ASN A 1643 -14.56 44.85 22.35
CA ASN A 1643 -13.15 45.00 21.95
C ASN A 1643 -12.98 46.09 20.92
N ALA A 1644 -13.93 46.21 19.99
CA ALA A 1644 -13.85 47.25 18.96
C ALA A 1644 -14.06 48.63 19.56
N ASP A 1645 -14.91 48.73 20.58
CA ASP A 1645 -15.04 49.97 21.33
C ASP A 1645 -13.74 50.29 22.05
N TRP A 1646 -13.08 49.26 22.58
CA TRP A 1646 -11.93 49.52 23.44
C TRP A 1646 -10.68 49.83 22.64
N VAL A 1647 -10.51 49.22 21.46
CA VAL A 1647 -9.35 49.54 20.63
C VAL A 1647 -9.53 50.88 19.96
N ALA A 1648 -10.78 51.36 19.89
CA ALA A 1648 -11.03 52.71 19.38
C ALA A 1648 -10.77 53.75 20.47
N ARG A 1649 -10.63 53.30 21.71
CA ARG A 1649 -10.42 54.23 22.82
C ARG A 1649 -9.04 54.09 23.46
N HIS A 1650 -8.27 53.08 23.09
CA HIS A 1650 -6.80 53.18 23.17
C HIS A 1650 -6.26 52.28 22.05
N GLU A 1651 -5.37 52.84 21.24
CA GLU A 1651 -4.90 52.14 20.05
C GLU A 1651 -3.54 51.49 20.22
N GLN A 1652 -2.94 51.58 21.41
CA GLN A 1652 -1.58 51.09 21.66
C GLN A 1652 -1.67 49.81 22.47
N GLU A 1653 -1.39 48.68 21.81
CA GLU A 1653 -1.41 47.37 22.44
C GLU A 1653 0.02 46.84 22.55
N THR A 1654 0.24 45.94 23.51
CA THR A 1654 1.54 45.28 23.65
C THR A 1654 1.39 43.83 23.20
N TYR A 1655 2.53 43.19 22.95
CA TYR A 1655 2.52 41.83 22.41
C TYR A 1655 3.49 40.97 23.18
N ASN A 1656 3.40 39.66 22.93
CA ASN A 1656 4.10 38.63 23.69
C ASN A 1656 4.25 37.39 22.84
N VAL A 1657 5.47 36.85 22.78
CA VAL A 1657 5.74 35.61 22.04
C VAL A 1657 6.37 34.57 22.98
N MET A 1658 5.56 33.60 23.38
CA MET A 1658 5.92 32.50 24.28
C MET A 1658 5.06 31.30 23.94
N GLY A 1659 5.58 30.10 24.22
CA GLY A 1659 4.75 28.92 24.34
C GLY A 1659 4.82 28.02 23.13
N CYS A 1660 4.01 26.95 23.19
CA CYS A 1660 3.97 25.92 22.14
C CYS A 1660 3.34 26.42 20.85
N GLY A 1661 2.69 27.57 20.89
CA GLY A 1661 2.28 28.22 19.69
C GLY A 1661 3.48 28.65 18.89
N ASP A 1662 3.29 28.72 17.59
CA ASP A 1662 4.45 28.81 16.73
C ASP A 1662 4.67 30.22 16.23
N SER A 1663 5.90 30.48 15.80
CA SER A 1663 6.16 31.58 14.89
C SER A 1663 5.68 31.27 13.48
N PHE A 1664 5.28 30.03 13.22
CA PHE A 1664 4.59 29.67 11.99
C PHE A 1664 3.11 30.06 11.98
N ASP A 1665 2.56 30.61 13.08
CA ASP A 1665 1.32 31.39 12.98
C ASP A 1665 1.50 32.57 12.06
N ASN A 1666 2.60 33.31 12.24
CA ASN A 1666 3.32 34.00 11.18
C ASN A 1666 2.52 35.14 10.56
N TYR A 1667 2.79 35.40 9.27
CA TYR A 1667 2.37 36.53 8.46
C TYR A 1667 0.94 37.03 8.65
N ASN A 1668 -0.04 36.12 8.74
CA ASN A 1668 -1.42 36.56 8.69
C ASN A 1668 -1.89 37.08 10.04
N ASP A 1669 -1.05 36.98 11.07
CA ASP A 1669 -1.31 37.63 12.33
C ASP A 1669 -0.05 38.26 12.91
N HIS A 1670 1.13 37.92 12.39
CA HIS A 1670 2.43 38.39 12.86
C HIS A 1670 3.32 38.72 11.66
N HIS A 1671 4.64 38.77 11.93
CA HIS A 1671 5.79 39.03 11.06
C HIS A 1671 5.90 40.52 10.71
N ARG A 1672 4.89 41.29 11.11
CA ARG A 1672 5.05 42.74 11.20
C ARG A 1672 4.81 43.23 12.62
N LEU A 1673 4.16 42.39 13.44
CA LEU A 1673 3.88 42.62 14.86
C LEU A 1673 3.14 43.93 15.11
N ASN A 1674 2.16 44.27 14.27
CA ASN A 1674 1.50 45.55 14.41
C ASN A 1674 0.25 45.47 15.29
N LEU A 1675 0.37 44.84 16.47
CA LEU A 1675 -0.57 44.92 17.62
C LEU A 1675 -2.01 44.54 17.28
N ASP A 1676 -2.27 43.96 16.12
CA ASP A 1676 -3.62 43.81 15.60
C ASP A 1676 -4.16 42.43 15.96
N GLU A 1677 -4.14 42.12 17.26
CA GLU A 1677 -4.72 40.86 17.75
C GLU A 1677 -6.16 41.12 18.16
N LYS A 1678 -6.94 41.71 17.25
CA LYS A 1678 -8.36 41.90 17.52
C LYS A 1678 -9.25 41.15 16.51
N GLN A 1679 -9.16 41.51 15.23
CA GLN A 1679 -9.79 40.82 14.11
C GLN A 1679 -8.90 41.00 12.88
N LEU A 1680 -9.46 40.72 11.71
CA LEU A 1680 -8.75 40.90 10.45
C LEU A 1680 -8.67 42.38 10.07
N LEU A 1703 7.11 23.12 -29.53
CA LEU A 1703 6.50 21.84 -29.19
C LEU A 1703 6.70 20.84 -30.33
N PRO A 1704 7.21 19.65 -30.01
CA PRO A 1704 7.55 18.69 -31.06
C PRO A 1704 6.33 18.10 -31.74
N ALA A 1705 6.33 18.14 -33.08
CA ALA A 1705 5.23 17.57 -33.84
C ALA A 1705 5.24 16.04 -33.79
N GLY A 1706 6.43 15.45 -33.67
CA GLY A 1706 6.51 14.03 -33.42
C GLY A 1706 6.02 13.70 -32.03
N PHE A 1707 5.04 12.78 -31.97
CA PHE A 1707 4.26 12.47 -30.75
C PHE A 1707 3.65 13.72 -30.13
N SER A 1708 3.11 14.59 -30.98
CA SER A 1708 2.43 15.79 -30.51
C SER A 1708 1.06 15.37 -30.00
N PHE A 1709 0.73 15.81 -28.79
CA PHE A 1709 -0.63 15.67 -28.27
C PHE A 1709 -1.51 16.85 -28.66
N ASP A 1710 -0.93 18.03 -28.90
CA ASP A 1710 -1.66 19.17 -29.44
C ASP A 1710 -1.39 19.41 -30.91
N ARG A 1711 -1.28 18.32 -31.67
CA ARG A 1711 -1.33 18.39 -33.13
C ARG A 1711 -2.58 19.12 -33.61
N GLN A 1712 -3.75 18.67 -33.12
CA GLN A 1712 -5.05 19.34 -33.21
C GLN A 1712 -5.43 19.74 -34.63
N PRO A 1713 -5.86 18.78 -35.49
CA PRO A 1713 -6.36 19.15 -36.82
C PRO A 1713 -7.55 20.09 -36.76
N ASP A 1714 -7.71 20.93 -37.79
CA ASP A 1714 -8.51 22.15 -37.70
C ASP A 1714 -9.97 21.87 -37.41
N LEU A 1715 -10.56 22.74 -36.59
CA LEU A 1715 -11.85 22.53 -35.94
C LEU A 1715 -13.01 22.49 -36.92
N VAL A 1716 -13.11 23.45 -37.83
CA VAL A 1716 -14.19 23.44 -38.80
C VAL A 1716 -13.60 23.18 -40.18
N GLY A 1717 -14.12 22.15 -40.86
CA GLY A 1717 -13.58 21.69 -42.12
C GLY A 1717 -13.19 20.22 -42.11
N HIS A 1718 -13.33 19.55 -40.98
CA HIS A 1718 -13.02 18.14 -40.90
C HIS A 1718 -14.32 17.37 -40.68
N PRO A 1719 -14.57 16.27 -41.42
CA PRO A 1719 -15.84 15.55 -41.30
C PRO A 1719 -16.16 14.98 -39.92
N GLY A 1720 -15.17 14.73 -39.08
CA GLY A 1720 -15.40 14.14 -37.79
C GLY A 1720 -14.91 12.71 -37.73
N PRO A 1721 -15.68 11.83 -37.12
CA PRO A 1721 -15.24 10.43 -36.99
C PRO A 1721 -15.53 9.59 -38.22
N SER A 1722 -14.46 9.11 -38.85
CA SER A 1722 -14.62 8.14 -39.92
C SER A 1722 -15.11 6.82 -39.32
N PRO A 1723 -16.17 6.22 -39.86
CA PRO A 1723 -16.85 5.12 -39.15
C PRO A 1723 -16.06 3.81 -39.12
N SER A 1724 -14.88 3.76 -39.75
CA SER A 1724 -14.02 2.57 -39.68
C SER A 1724 -13.56 2.30 -38.26
N ILE A 1725 -13.03 3.32 -37.59
CA ILE A 1725 -12.50 3.12 -36.25
C ILE A 1725 -13.63 3.05 -35.22
N ILE A 1726 -14.80 3.58 -35.57
CA ILE A 1726 -15.98 3.36 -34.73
C ILE A 1726 -16.41 1.91 -34.79
N LEU A 1727 -16.42 1.33 -36.00
CA LEU A 1727 -16.79 -0.09 -36.11
C LEU A 1727 -15.71 -1.00 -35.54
N GLN A 1728 -14.47 -0.50 -35.49
CA GLN A 1728 -13.46 -1.17 -34.66
C GLN A 1728 -13.88 -1.14 -33.20
N ALA A 1729 -14.30 0.03 -32.71
CA ALA A 1729 -14.71 0.14 -31.32
C ALA A 1729 -16.11 -0.42 -31.09
N LEU A 1730 -16.84 -0.79 -32.14
CA LEU A 1730 -18.10 -1.50 -31.97
C LEU A 1730 -17.94 -3.01 -32.13
N THR A 1731 -16.79 -3.58 -31.72
CA THR A 1731 -16.50 -5.00 -31.90
C THR A 1731 -16.09 -5.61 -30.55
N MET A 1732 -16.93 -6.51 -30.04
CA MET A 1732 -16.64 -7.23 -28.80
C MET A 1732 -15.49 -8.21 -29.00
N SER A 1733 -14.69 -8.40 -27.93
CA SER A 1733 -13.63 -9.40 -27.93
C SER A 1733 -14.14 -10.81 -27.63
N ASN A 1734 -15.42 -10.99 -27.33
CA ASN A 1734 -15.99 -12.33 -27.31
C ASN A 1734 -15.98 -12.91 -28.73
N ALA A 1735 -16.34 -12.10 -29.72
CA ALA A 1735 -16.11 -12.49 -31.10
C ALA A 1735 -14.63 -12.47 -31.44
N ASN A 1736 -13.95 -11.37 -31.07
CA ASN A 1736 -12.52 -11.13 -31.30
C ASN A 1736 -12.13 -11.29 -32.76
N ASP A 1737 -12.93 -10.74 -33.67
CA ASP A 1737 -12.71 -10.90 -35.09
C ASP A 1737 -11.54 -10.03 -35.53
N GLY A 1738 -10.32 -10.54 -35.33
CA GLY A 1738 -9.12 -9.84 -35.73
C GLY A 1738 -8.75 -8.69 -34.80
N ILE A 1739 -9.56 -7.64 -34.82
CA ILE A 1739 -9.36 -6.46 -34.00
C ILE A 1739 -10.57 -6.30 -33.09
N ASN A 1740 -10.31 -5.94 -31.84
CA ASN A 1740 -11.37 -5.87 -30.84
C ASN A 1740 -11.38 -4.48 -30.21
N LEU A 1741 -12.42 -4.26 -29.38
CA LEU A 1741 -12.61 -2.98 -28.68
C LEU A 1741 -11.50 -2.71 -27.69
N GLU A 1742 -10.84 -3.77 -27.21
CA GLU A 1742 -9.83 -3.65 -26.19
C GLU A 1742 -8.58 -2.95 -26.69
N ARG A 1743 -8.46 -2.76 -28.00
CA ARG A 1743 -7.40 -1.92 -28.54
C ARG A 1743 -7.55 -0.47 -28.07
N LEU A 1744 -8.79 0.04 -27.98
CA LEU A 1744 -8.98 1.44 -27.61
C LEU A 1744 -9.62 1.65 -26.26
N GLU A 1745 -10.23 0.61 -25.68
CA GLU A 1745 -10.84 0.71 -24.35
C GLU A 1745 -9.84 1.16 -23.30
N THR A 1746 -8.61 0.68 -23.39
CA THR A 1746 -7.60 1.01 -22.40
C THR A 1746 -7.15 2.47 -22.53
N ILE A 1747 -7.41 3.11 -23.68
CA ILE A 1747 -7.15 4.55 -23.68
C ILE A 1747 -8.33 5.28 -23.06
N GLY A 1748 -9.55 4.72 -23.21
CA GLY A 1748 -10.79 5.39 -22.85
C GLY A 1748 -10.89 5.69 -21.38
N ASP A 1749 -10.74 4.64 -20.56
CA ASP A 1749 -10.65 4.81 -19.11
C ASP A 1749 -9.49 5.70 -18.74
N SER A 1750 -8.35 5.51 -19.38
CA SER A 1750 -7.27 6.35 -18.95
C SER A 1750 -7.29 7.66 -19.56
N PHE A 1751 -8.24 7.94 -20.44
CA PHE A 1751 -8.58 9.31 -20.78
C PHE A 1751 -9.65 9.87 -19.87
N LEU A 1752 -10.61 9.03 -19.48
CA LEU A 1752 -11.85 9.56 -18.92
C LEU A 1752 -11.60 10.09 -17.52
N LYS A 1753 -10.63 9.50 -16.81
CA LYS A 1753 -10.07 10.09 -15.59
C LYS A 1753 -9.65 11.53 -15.84
N TYR A 1754 -8.72 11.73 -16.78
CA TYR A 1754 -8.30 13.08 -17.13
C TYR A 1754 -9.41 13.85 -17.85
N ALA A 1755 -10.45 13.18 -18.31
CA ALA A 1755 -11.61 13.95 -18.71
C ALA A 1755 -12.36 14.51 -17.52
N ILE A 1756 -12.58 13.71 -16.48
CA ILE A 1756 -13.41 14.14 -15.35
C ILE A 1756 -12.63 15.00 -14.38
N THR A 1757 -11.45 14.52 -13.96
CA THR A 1757 -10.77 15.03 -12.78
C THR A 1757 -10.41 16.50 -12.88
N THR A 1758 -9.87 16.92 -14.03
CA THR A 1758 -9.54 18.33 -14.22
C THR A 1758 -10.76 19.22 -14.09
N TYR A 1759 -11.90 18.77 -14.63
CA TYR A 1759 -13.19 19.41 -14.36
C TYR A 1759 -13.50 19.40 -12.86
N LEU A 1760 -13.44 18.22 -12.24
CA LEU A 1760 -13.64 18.08 -10.81
C LEU A 1760 -12.46 18.57 -10.00
N TYR A 1761 -11.44 19.16 -10.63
CA TYR A 1761 -10.48 19.93 -9.86
C TYR A 1761 -10.82 21.41 -9.91
N ILE A 1762 -11.26 21.90 -11.06
CA ILE A 1762 -11.34 23.34 -11.28
C ILE A 1762 -12.69 23.90 -10.83
N THR A 1763 -13.68 23.03 -10.63
CA THR A 1763 -14.97 23.49 -10.13
C THR A 1763 -14.98 23.66 -8.61
N TYR A 1764 -14.15 22.90 -7.89
CA TYR A 1764 -14.18 22.88 -6.43
C TYR A 1764 -12.79 23.17 -5.89
N GLU A 1765 -12.24 24.30 -6.32
CA GLU A 1765 -10.80 24.56 -6.27
C GLU A 1765 -10.22 24.71 -4.87
N ASN A 1766 -11.01 24.70 -3.81
CA ASN A 1766 -10.46 24.80 -2.46
C ASN A 1766 -11.17 23.84 -1.50
N VAL A 1767 -11.28 22.58 -1.89
CA VAL A 1767 -11.80 21.52 -1.03
C VAL A 1767 -10.78 20.39 -0.99
N HIS A 1768 -10.51 19.87 0.21
CA HIS A 1768 -9.48 18.86 0.45
C HIS A 1768 -9.79 17.57 -0.31
N GLU A 1769 -8.74 16.94 -0.86
CA GLU A 1769 -8.90 16.16 -2.08
C GLU A 1769 -9.58 14.81 -1.89
N GLY A 1770 -9.70 14.30 -0.66
CA GLY A 1770 -10.21 12.95 -0.47
C GLY A 1770 -11.69 12.85 -0.77
N LYS A 1771 -12.39 13.97 -0.69
CA LYS A 1771 -13.78 14.05 -1.08
C LYS A 1771 -13.92 13.98 -2.60
N LEU A 1772 -13.01 14.68 -3.29
CA LEU A 1772 -12.91 14.57 -4.74
C LEU A 1772 -12.54 13.15 -5.16
N SER A 1773 -11.82 12.42 -4.31
CA SER A 1773 -11.47 11.03 -4.60
C SER A 1773 -12.71 10.15 -4.60
N HIS A 1774 -13.65 10.39 -3.68
CA HIS A 1774 -14.91 9.67 -3.70
C HIS A 1774 -15.73 10.05 -4.92
N LEU A 1775 -15.63 11.32 -5.34
CA LEU A 1775 -16.29 11.76 -6.57
C LEU A 1775 -15.72 11.04 -7.80
N ARG A 1776 -14.39 10.92 -7.90
CA ARG A 1776 -13.76 10.16 -8.97
C ARG A 1776 -14.21 8.70 -8.94
N SER A 1777 -14.16 8.09 -7.75
CA SER A 1777 -14.42 6.67 -7.63
C SER A 1777 -15.88 6.33 -7.88
N LYS A 1778 -16.77 7.32 -7.77
CA LYS A 1778 -18.13 7.04 -8.19
C LYS A 1778 -18.40 7.43 -9.64
N GLN A 1779 -17.61 8.33 -10.23
CA GLN A 1779 -17.92 8.76 -11.60
C GLN A 1779 -17.13 8.04 -12.69
N VAL A 1780 -16.00 7.41 -12.37
CA VAL A 1780 -15.27 6.64 -13.38
C VAL A 1780 -15.48 5.18 -12.98
N ALA A 1781 -16.59 4.91 -12.32
CA ALA A 1781 -16.95 3.52 -12.05
C ALA A 1781 -17.37 2.86 -13.35
N ASN A 1782 -17.08 1.55 -13.44
CA ASN A 1782 -17.61 0.78 -14.56
C ASN A 1782 -19.13 0.67 -14.48
N LEU A 1783 -19.66 0.68 -13.26
CA LEU A 1783 -21.09 0.88 -13.08
C LEU A 1783 -21.52 2.25 -13.59
N ASN A 1784 -20.69 3.28 -13.37
CA ASN A 1784 -21.04 4.63 -13.80
C ASN A 1784 -21.03 4.75 -15.32
N LEU A 1785 -19.99 4.22 -15.97
CA LEU A 1785 -19.94 4.24 -17.43
C LEU A 1785 -21.01 3.33 -18.03
N TYR A 1786 -21.36 2.25 -17.33
CA TYR A 1786 -22.47 1.41 -17.76
C TYR A 1786 -23.80 2.15 -17.69
N ARG A 1787 -23.99 2.98 -16.66
CA ARG A 1787 -25.18 3.82 -16.56
C ARG A 1787 -25.21 4.85 -17.68
N LEU A 1788 -24.06 5.46 -17.98
CA LEU A 1788 -23.99 6.43 -19.06
C LEU A 1788 -24.28 5.81 -20.42
N GLY A 1789 -23.77 4.59 -20.65
CA GLY A 1789 -24.08 3.90 -21.89
C GLY A 1789 -25.49 3.37 -21.93
N ARG A 1790 -26.12 3.14 -20.77
CA ARG A 1790 -27.54 2.87 -20.74
C ARG A 1790 -28.30 4.10 -21.23
N ARG A 1791 -27.83 5.30 -20.85
CA ARG A 1791 -28.45 6.52 -21.34
C ARG A 1791 -28.25 6.71 -22.84
N LYS A 1792 -27.21 6.10 -23.41
CA LYS A 1792 -26.88 6.31 -24.82
C LYS A 1792 -27.16 5.11 -25.70
N ARG A 1793 -27.28 3.91 -25.13
CA ARG A 1793 -27.73 2.68 -25.80
C ARG A 1793 -26.81 2.30 -26.97
N LEU A 1794 -25.57 1.99 -26.61
CA LEU A 1794 -24.56 1.59 -27.59
C LEU A 1794 -24.43 0.08 -27.70
N GLY A 1795 -24.96 -0.66 -26.72
CA GLY A 1795 -24.75 -2.10 -26.67
C GLY A 1795 -25.43 -2.85 -27.79
N GLU A 1796 -26.61 -2.38 -28.21
CA GLU A 1796 -27.21 -2.94 -29.41
C GLU A 1796 -26.49 -2.46 -30.66
N TYR A 1797 -25.85 -1.28 -30.57
CA TYR A 1797 -25.06 -0.79 -31.68
C TYR A 1797 -23.74 -1.52 -31.81
N MET A 1798 -23.31 -2.19 -30.75
CA MET A 1798 -22.12 -3.01 -30.75
C MET A 1798 -22.50 -4.48 -30.87
N ILE A 1799 -21.60 -5.26 -31.45
CA ILE A 1799 -21.90 -6.63 -31.83
C ILE A 1799 -21.07 -7.57 -30.97
N ALA A 1800 -21.76 -8.50 -30.30
CA ALA A 1800 -21.15 -9.51 -29.44
C ALA A 1800 -21.61 -10.91 -29.87
N THR A 1801 -21.67 -11.14 -31.18
CA THR A 1801 -21.95 -12.47 -31.71
C THR A 1801 -20.76 -12.96 -32.53
N LYS A 1802 -20.66 -14.28 -32.64
CA LYS A 1802 -19.59 -14.93 -33.38
C LYS A 1802 -19.79 -14.73 -34.89
N PHE A 1803 -18.74 -15.04 -35.66
CA PHE A 1803 -18.82 -14.98 -37.11
C PHE A 1803 -19.24 -16.36 -37.62
N GLU A 1804 -20.54 -16.59 -37.64
CA GLU A 1804 -21.12 -17.80 -38.23
C GLU A 1804 -22.21 -17.40 -39.20
N PRO A 1805 -22.03 -17.62 -40.51
CA PRO A 1805 -23.13 -17.36 -41.46
C PRO A 1805 -24.36 -18.22 -41.24
N HIS A 1806 -24.22 -19.40 -40.62
CA HIS A 1806 -25.37 -20.28 -40.41
C HIS A 1806 -26.27 -19.74 -39.29
N ASP A 1807 -25.69 -19.40 -38.16
CA ASP A 1807 -26.44 -19.24 -36.92
C ASP A 1807 -26.81 -17.80 -36.59
N ASN A 1808 -25.83 -16.93 -36.45
CA ASN A 1808 -26.01 -15.59 -35.87
C ASN A 1808 -25.60 -14.50 -36.87
N TRP A 1809 -26.07 -14.66 -38.09
CA TRP A 1809 -25.79 -13.75 -39.20
C TRP A 1809 -27.15 -13.35 -39.79
N LEU A 1810 -27.61 -12.14 -39.46
CA LEU A 1810 -28.94 -11.70 -39.86
C LEU A 1810 -28.86 -10.41 -40.68
N PRO A 1811 -28.64 -10.50 -41.99
CA PRO A 1811 -28.69 -9.30 -42.83
C PRO A 1811 -30.12 -8.87 -43.08
N PRO A 1812 -30.33 -7.58 -43.42
CA PRO A 1812 -31.67 -7.10 -43.77
C PRO A 1812 -32.20 -7.69 -45.08
N GLN A 1895 -29.99 -11.65 -30.62
CA GLN A 1895 -29.61 -11.05 -29.34
C GLN A 1895 -28.19 -11.46 -28.95
N HIS A 1896 -27.37 -10.46 -28.63
CA HIS A 1896 -26.01 -10.67 -28.13
C HIS A 1896 -25.95 -10.17 -26.68
N SER A 1897 -25.87 -11.10 -25.74
CA SER A 1897 -25.82 -10.75 -24.33
C SER A 1897 -24.46 -10.19 -23.95
N ILE A 1898 -24.48 -9.10 -23.19
CA ILE A 1898 -23.27 -8.30 -22.96
C ILE A 1898 -22.99 -8.23 -21.47
N PRO A 1899 -21.74 -8.44 -21.03
CA PRO A 1899 -21.39 -8.14 -19.64
C PRO A 1899 -21.47 -6.65 -19.34
N ASP A 1900 -21.72 -6.35 -18.06
CA ASP A 1900 -21.96 -4.97 -17.65
C ASP A 1900 -20.70 -4.14 -17.72
N LYS A 1901 -19.55 -4.74 -17.38
CA LYS A 1901 -18.28 -4.04 -17.54
C LYS A 1901 -17.97 -3.80 -19.01
N SER A 1902 -18.33 -4.77 -19.87
CA SER A 1902 -18.05 -4.68 -21.30
C SER A 1902 -18.78 -3.49 -21.94
N ILE A 1903 -20.02 -3.23 -21.49
CA ILE A 1903 -20.73 -2.01 -21.87
C ILE A 1903 -19.93 -0.77 -21.51
N ALA A 1904 -19.39 -0.74 -20.29
CA ALA A 1904 -18.46 0.31 -19.91
C ALA A 1904 -17.23 0.28 -20.81
N ASP A 1905 -16.72 -0.92 -21.09
CA ASP A 1905 -15.62 -1.08 -22.03
C ASP A 1905 -16.04 -0.67 -23.43
N CYS A 1906 -17.34 -0.74 -23.72
CA CYS A 1906 -17.86 -0.15 -24.94
C CYS A 1906 -17.67 1.35 -24.94
N VAL A 1907 -18.21 2.04 -23.92
CA VAL A 1907 -18.52 3.47 -24.02
C VAL A 1907 -17.26 4.30 -24.18
N GLU A 1908 -16.31 4.06 -23.28
CA GLU A 1908 -15.02 4.75 -23.30
C GLU A 1908 -14.23 4.44 -24.58
N ALA A 1909 -14.48 3.26 -25.18
CA ALA A 1909 -13.85 2.90 -26.44
C ALA A 1909 -14.26 3.85 -27.56
N LEU A 1910 -15.53 4.31 -27.55
CA LEU A 1910 -15.99 5.26 -28.55
C LEU A 1910 -15.19 6.56 -28.52
N ILE A 1911 -14.63 6.89 -27.35
CA ILE A 1911 -13.87 8.12 -27.18
C ILE A 1911 -12.67 8.14 -28.10
N GLY A 1912 -12.05 6.96 -28.30
CA GLY A 1912 -10.89 6.85 -29.17
C GLY A 1912 -11.18 7.25 -30.60
N ALA A 1913 -12.45 7.08 -31.03
CA ALA A 1913 -12.87 7.45 -32.37
C ALA A 1913 -12.69 8.94 -32.64
N TYR A 1914 -12.83 9.76 -31.60
CA TYR A 1914 -12.69 11.19 -31.76
C TYR A 1914 -11.34 11.71 -31.33
N LEU A 1915 -10.38 10.82 -31.05
CA LEU A 1915 -9.35 11.23 -30.11
C LEU A 1915 -8.00 11.45 -30.80
N ILE A 1916 -7.87 11.01 -32.05
CA ILE A 1916 -6.74 11.40 -32.88
C ILE A 1916 -7.22 12.53 -33.79
N GLU A 1917 -8.34 12.27 -34.47
CA GLU A 1917 -8.78 13.07 -35.61
C GLU A 1917 -9.16 14.49 -35.19
N CYS A 1918 -9.90 14.61 -34.09
CA CYS A 1918 -10.24 15.91 -33.54
C CYS A 1918 -9.15 16.45 -32.61
N GLY A 1919 -8.09 15.67 -32.40
CA GLY A 1919 -7.19 15.95 -31.30
C GLY A 1919 -7.83 15.51 -30.01
N PRO A 1920 -7.32 15.99 -28.87
CA PRO A 1920 -7.94 15.64 -27.59
C PRO A 1920 -9.29 16.28 -27.38
N ARG A 1921 -9.55 17.42 -28.03
CA ARG A 1921 -10.56 18.37 -27.57
C ARG A 1921 -11.99 17.88 -27.75
N GLY A 1922 -12.40 17.63 -28.99
CA GLY A 1922 -13.82 17.44 -29.30
C GLY A 1922 -14.44 16.20 -28.68
N ALA A 1923 -13.63 15.23 -28.26
CA ALA A 1923 -14.15 14.06 -27.57
C ALA A 1923 -14.76 14.44 -26.23
N LEU A 1924 -14.20 15.48 -25.60
CA LEU A 1924 -14.82 16.11 -24.44
C LEU A 1924 -16.23 16.56 -24.77
N LEU A 1925 -16.41 17.13 -25.97
CA LEU A 1925 -17.74 17.45 -26.47
C LEU A 1925 -18.57 16.20 -26.63
N PHE A 1926 -17.96 15.10 -27.09
CA PHE A 1926 -18.62 13.81 -27.02
C PHE A 1926 -18.90 13.42 -25.59
N MET A 1927 -17.95 13.71 -24.69
CA MET A 1927 -18.21 13.56 -23.26
C MET A 1927 -19.32 14.49 -22.83
N ALA A 1928 -19.35 15.68 -23.43
CA ALA A 1928 -20.50 16.56 -23.24
C ALA A 1928 -21.73 15.99 -23.92
N TRP A 1929 -21.53 15.22 -25.00
CA TRP A 1929 -22.66 14.47 -25.53
C TRP A 1929 -22.98 13.32 -24.60
N LEU A 1930 -21.98 12.82 -23.87
CA LEU A 1930 -22.14 11.62 -23.05
C LEU A 1930 -22.88 11.91 -21.75
N GLY A 1931 -22.98 13.15 -21.32
CA GLY A 1931 -23.66 13.44 -20.08
C GLY A 1931 -22.76 13.66 -18.88
N VAL A 1932 -21.45 13.50 -19.02
CA VAL A 1932 -20.53 13.92 -17.98
C VAL A 1932 -19.94 15.26 -18.40
N ARG A 1933 -20.39 16.32 -17.77
CA ARG A 1933 -20.03 17.69 -18.10
C ARG A 1933 -18.60 17.93 -17.65
N VAL A 1934 -17.68 18.02 -18.61
CA VAL A 1934 -16.28 18.16 -18.24
C VAL A 1934 -15.79 19.50 -18.74
N LEU A 1935 -16.71 20.31 -19.26
CA LEU A 1935 -16.39 21.66 -19.65
C LEU A 1935 -17.26 22.64 -18.89
N PRO A 1936 -16.73 23.83 -18.57
CA PRO A 1936 -17.56 24.89 -17.99
C PRO A 1936 -18.61 25.36 -18.98
N ILE A 1937 -19.82 25.50 -18.47
CA ILE A 1937 -21.02 25.58 -19.28
C ILE A 1937 -21.46 27.03 -19.35
N THR A 1938 -21.46 27.61 -20.56
CA THR A 1938 -21.92 28.97 -20.77
C THR A 1938 -23.32 28.90 -21.37
N ARG A 1939 -24.31 29.32 -20.60
CA ARG A 1939 -25.68 29.32 -21.07
C ARG A 1939 -25.97 30.62 -21.80
N GLN A 1940 -26.55 30.51 -23.00
CA GLN A 1940 -26.73 31.66 -23.89
C GLN A 1940 -28.05 31.50 -24.64
N LEU A 1941 -28.28 32.43 -25.55
CA LEU A 1941 -29.39 32.37 -26.50
C LEU A 1941 -28.81 32.30 -27.91
N ASP A 1942 -29.69 32.40 -28.90
CA ASP A 1942 -29.32 32.19 -30.30
C ASP A 1942 -28.39 33.28 -30.82
N GLY A 1943 -27.11 32.95 -30.96
CA GLY A 1943 -26.15 33.92 -31.46
C GLY A 1943 -26.31 34.19 -32.95
N GLY A 1944 -26.54 33.15 -33.74
CA GLY A 1944 -26.72 33.30 -35.17
C GLY A 1944 -25.50 33.70 -35.96
N ASN A 1945 -24.37 33.02 -35.74
CA ASN A 1945 -23.18 33.25 -36.55
C ASN A 1945 -23.41 32.78 -37.98
N GLN A 1946 -22.78 33.47 -38.93
CA GLN A 1946 -23.00 33.18 -40.34
C GLN A 1946 -21.79 32.61 -41.06
N GLU A 1947 -20.57 32.80 -40.53
CA GLU A 1947 -19.41 32.18 -41.16
C GLU A 1947 -19.40 30.67 -40.92
N GLN A 1948 -19.67 30.26 -39.69
CA GLN A 1948 -19.68 28.86 -39.29
C GLN A 1948 -20.48 28.75 -37.99
N ARG A 1949 -20.88 27.53 -37.68
CA ARG A 1949 -21.43 27.27 -36.35
C ARG A 1949 -20.28 27.21 -35.34
N ILE A 1950 -20.52 27.73 -34.15
CA ILE A 1950 -19.49 27.76 -33.12
C ILE A 1950 -19.18 26.34 -32.66
N PRO A 1951 -17.91 25.99 -32.42
CA PRO A 1951 -17.61 24.71 -31.78
C PRO A 1951 -18.22 24.62 -30.39
N GLY A 1952 -18.68 23.44 -30.04
CA GLY A 1952 -19.39 23.27 -28.79
C GLY A 1952 -20.86 23.59 -28.86
N SER A 1953 -21.41 23.86 -30.04
CA SER A 1953 -22.82 24.18 -30.17
C SER A 1953 -23.69 22.96 -29.90
N THR A 1954 -24.86 23.21 -29.32
CA THR A 1954 -25.84 22.18 -29.04
C THR A 1954 -27.11 22.42 -29.85
N LYS A 1955 -28.08 21.54 -29.63
CA LYS A 1955 -29.34 21.63 -30.32
C LYS A 1955 -30.16 22.80 -29.77
N PRO A 1956 -31.00 23.41 -30.60
CA PRO A 1956 -31.85 24.50 -30.12
C PRO A 1956 -32.90 24.01 -29.13
N ASN A 1957 -33.03 24.73 -28.03
CA ASN A 1957 -34.01 24.37 -27.01
C ASN A 1957 -35.41 24.80 -27.43
N ALA A 1958 -36.40 24.33 -26.68
CA ALA A 1958 -37.77 24.76 -26.90
C ALA A 1958 -37.97 26.22 -26.52
N GLU A 1959 -37.13 26.74 -25.63
CA GLU A 1959 -37.06 28.16 -25.29
C GLU A 1959 -35.78 28.80 -25.83
N ASN A 1960 -35.29 28.25 -26.96
CA ASN A 1960 -34.18 28.75 -27.81
C ASN A 1960 -32.93 29.14 -27.03
N VAL A 1961 -32.60 28.36 -26.02
CA VAL A 1961 -31.38 28.54 -25.24
C VAL A 1961 -30.24 27.79 -25.91
N VAL A 1962 -29.14 28.50 -26.18
CA VAL A 1962 -27.96 27.92 -26.81
C VAL A 1962 -26.92 27.67 -25.73
N THR A 1963 -26.49 26.41 -25.63
CA THR A 1963 -25.53 25.98 -24.63
C THR A 1963 -24.16 25.87 -25.26
N VAL A 1964 -23.20 26.67 -24.79
CA VAL A 1964 -21.86 26.66 -25.37
C VAL A 1964 -20.90 26.08 -24.35
N TYR A 1965 -20.15 25.08 -24.78
CA TYR A 1965 -19.17 24.40 -23.94
C TYR A 1965 -17.81 25.01 -24.26
N GLY A 1966 -17.50 26.12 -23.62
CA GLY A 1966 -16.17 26.66 -23.72
C GLY A 1966 -15.17 25.81 -22.96
N ALA A 1967 -13.90 26.00 -23.28
CA ALA A 1967 -12.84 25.25 -22.62
C ALA A 1967 -12.69 25.68 -21.17
N TRP A 1968 -11.89 24.92 -20.43
CA TRP A 1968 -11.72 25.11 -19.00
C TRP A 1968 -11.12 26.48 -18.70
N PRO A 1969 -11.48 27.11 -17.57
CA PRO A 1969 -10.92 28.43 -17.28
C PRO A 1969 -9.43 28.35 -16.98
N THR A 1970 -8.66 29.26 -17.56
CA THR A 1970 -7.24 29.37 -17.25
C THR A 1970 -7.07 29.75 -15.78
N PRO A 1971 -6.55 28.84 -14.95
CA PRO A 1971 -6.91 28.83 -13.53
C PRO A 1971 -6.29 29.95 -12.74
N ARG A 1972 -6.95 30.25 -11.62
CA ARG A 1972 -6.41 31.17 -10.64
C ARG A 1972 -5.20 30.54 -9.96
N SER A 1973 -4.26 31.37 -9.57
CA SER A 1973 -3.18 30.91 -8.71
C SER A 1973 -3.77 30.58 -7.34
N PRO A 1974 -3.24 29.58 -6.62
CA PRO A 1974 -3.78 29.28 -5.29
C PRO A 1974 -3.32 30.25 -4.21
N LEU A 1975 -2.61 31.31 -4.58
CA LEU A 1975 -1.93 32.21 -3.65
C LEU A 1975 -3.01 33.04 -2.95
N LEU A 1976 -3.61 32.46 -1.91
CA LEU A 1976 -4.69 33.12 -1.19
C LEU A 1976 -4.14 34.27 -0.36
N HIS A 1977 -4.21 35.48 -0.91
CA HIS A 1977 -3.48 36.62 -0.37
C HIS A 1977 -4.08 37.19 0.91
N PHE A 1978 -3.99 36.44 2.01
CA PHE A 1978 -4.36 37.01 3.30
C PHE A 1978 -3.25 37.91 3.84
N ALA A 1979 -1.99 37.66 3.43
CA ALA A 1979 -0.69 38.26 3.72
C ALA A 1979 -0.33 39.30 2.67
N PRO A 1980 0.36 40.39 3.07
CA PRO A 1980 0.66 41.46 2.10
C PRO A 1980 1.78 41.12 1.14
N ASN A 1981 2.83 40.44 1.59
CA ASN A 1981 4.01 40.17 0.78
C ASN A 1981 4.19 38.67 0.58
N ALA A 1982 3.09 38.00 0.21
CA ALA A 1982 3.11 36.56 0.00
C ALA A 1982 3.96 36.15 -1.20
N THR A 1983 4.14 37.05 -2.16
CA THR A 1983 5.06 36.77 -3.27
C THR A 1983 6.50 36.74 -2.80
N GLU A 1984 6.84 37.59 -1.82
CA GLU A 1984 8.19 37.57 -1.26
C GLU A 1984 8.47 36.27 -0.54
N GLU A 1985 7.47 35.70 0.14
CA GLU A 1985 7.63 34.35 0.68
C GLU A 1985 7.66 33.30 -0.42
N LEU A 1986 6.88 33.49 -1.48
CA LEU A 1986 6.82 32.53 -2.59
C LEU A 1986 8.16 32.40 -3.28
N ASP A 1987 8.97 33.46 -3.25
CA ASP A 1987 10.35 33.34 -3.71
C ASP A 1987 11.37 33.17 -2.58
N GLN A 1988 10.97 33.38 -1.33
CA GLN A 1988 11.83 33.06 -0.18
C GLN A 1988 12.01 31.57 -0.01
N LEU A 1989 10.92 30.81 -0.10
CA LEU A 1989 10.96 29.39 0.20
C LEU A 1989 11.74 28.59 -0.83
N LEU A 1990 11.68 28.99 -2.10
CA LEU A 1990 12.12 28.13 -3.18
C LEU A 1990 13.55 28.36 -3.61
N SER A 1991 14.44 28.73 -2.67
CA SER A 1991 15.85 28.74 -3.02
C SER A 1991 16.32 27.35 -3.39
N GLY A 1992 17.05 27.23 -4.49
CA GLY A 1992 17.66 25.97 -4.86
C GLY A 1992 16.87 25.27 -5.93
N PHE A 1993 15.86 25.95 -6.46
CA PHE A 1993 14.96 25.34 -7.44
C PHE A 1993 15.42 25.59 -8.87
N GLU A 1994 16.49 26.35 -9.07
CA GLU A 1994 17.10 26.47 -10.39
C GLU A 1994 17.75 25.15 -10.81
N GLU A 1995 18.26 24.39 -9.84
CA GLU A 1995 18.68 23.03 -10.11
C GLU A 1995 17.48 22.15 -10.42
N PHE A 1996 16.35 22.41 -9.75
CA PHE A 1996 15.12 21.71 -10.07
C PHE A 1996 14.57 22.17 -11.41
N GLU A 1997 14.92 23.38 -11.83
CA GLU A 1997 14.56 23.83 -13.17
C GLU A 1997 15.39 23.09 -14.23
N GLU A 1998 16.70 23.02 -14.05
CA GLU A 1998 17.55 22.47 -15.11
C GLU A 1998 17.45 20.95 -15.18
N SER A 1999 17.35 20.27 -14.03
CA SER A 1999 17.36 18.81 -14.05
C SER A 1999 16.05 18.26 -14.58
N LEU A 2000 14.93 18.89 -14.20
CA LEU A 2000 13.65 18.49 -14.76
C LEU A 2000 13.53 18.94 -16.21
N GLY A 2001 14.11 20.09 -16.54
CA GLY A 2001 14.07 20.60 -17.89
C GLY A 2001 12.83 21.39 -18.24
N TYR A 2002 12.12 21.93 -17.26
CA TYR A 2002 10.96 22.77 -17.49
C TYR A 2002 11.09 24.05 -16.67
N LYS A 2003 10.71 25.17 -17.27
CA LYS A 2003 10.69 26.45 -16.58
C LYS A 2003 9.24 26.86 -16.29
N PHE A 2004 8.97 27.18 -15.04
CA PHE A 2004 7.63 27.55 -14.59
C PHE A 2004 7.39 29.02 -14.88
N ARG A 2005 6.12 29.39 -15.07
CA ARG A 2005 5.77 30.81 -15.15
C ARG A 2005 5.62 31.41 -13.76
N ASP A 2006 4.65 30.91 -13.00
CA ASP A 2006 4.37 31.32 -11.62
C ASP A 2006 4.58 30.10 -10.73
N ARG A 2007 5.29 30.27 -9.62
CA ARG A 2007 5.78 29.11 -8.89
C ARG A 2007 4.77 28.64 -7.86
N SER A 2008 3.54 29.17 -7.98
CA SER A 2008 2.46 28.92 -7.05
C SER A 2008 2.06 27.47 -7.02
N TYR A 2009 1.92 26.87 -8.19
CA TYR A 2009 1.56 25.46 -8.23
C TYR A 2009 2.72 24.56 -7.84
N LEU A 2010 3.96 25.01 -8.04
CA LEU A 2010 5.12 24.23 -7.61
C LEU A 2010 5.22 24.18 -6.10
N LEU A 2011 5.05 25.31 -5.42
CA LEU A 2011 5.11 25.30 -3.96
C LEU A 2011 3.76 24.96 -3.32
N GLN A 2012 2.71 24.76 -4.11
CA GLN A 2012 1.71 23.83 -3.63
C GLN A 2012 2.24 22.41 -3.69
N ALA A 2013 2.85 22.04 -4.82
CA ALA A 2013 3.30 20.66 -5.01
C ALA A 2013 4.50 20.31 -4.14
N MET A 2014 5.19 21.32 -3.62
CA MET A 2014 6.23 21.12 -2.63
C MET A 2014 5.72 21.27 -1.20
N THR A 2015 4.48 20.90 -0.94
CA THR A 2015 3.92 21.07 0.40
C THR A 2015 3.25 19.77 0.81
N HIS A 2016 3.89 19.08 1.73
CA HIS A 2016 3.33 17.91 2.41
C HIS A 2016 2.02 18.27 3.12
N ALA A 2017 1.22 17.25 3.42
CA ALA A 2017 -0.03 17.45 4.16
C ALA A 2017 0.24 17.97 5.57
N SER A 2018 1.37 17.59 6.15
CA SER A 2018 1.77 18.12 7.46
C SER A 2018 2.77 19.25 7.32
N TYR A 2019 2.73 20.00 6.22
CA TYR A 2019 3.62 21.13 6.11
C TYR A 2019 2.91 22.44 6.38
N THR A 2020 2.65 22.73 7.63
CA THR A 2020 2.06 23.99 8.10
C THR A 2020 2.88 25.28 8.09
N PRO A 2021 4.23 25.30 8.13
CA PRO A 2021 4.95 26.59 8.00
C PRO A 2021 4.67 27.40 6.75
N ASN A 2022 4.44 26.76 5.61
CA ASN A 2022 3.98 27.47 4.42
C ASN A 2022 2.51 27.82 4.64
N ARG A 2023 2.14 29.07 4.37
CA ARG A 2023 0.76 29.50 4.55
C ARG A 2023 0.16 30.15 3.31
N LEU A 2024 0.75 29.96 2.14
CA LEU A 2024 0.17 30.52 0.93
C LEU A 2024 -0.87 29.60 0.33
N THR A 2025 -0.52 28.34 0.13
CA THR A 2025 -1.22 27.38 -0.72
C THR A 2025 -1.77 26.27 0.14
N ASP A 2026 -2.19 25.18 -0.50
CA ASP A 2026 -2.59 23.96 0.19
C ASP A 2026 -1.46 22.94 0.12
N CYS A 2027 -1.79 21.70 0.51
CA CYS A 2027 -0.87 20.59 0.41
C CYS A 2027 -0.69 20.16 -1.04
N TYR A 2028 0.32 19.32 -1.29
CA TYR A 2028 0.54 18.79 -2.63
C TYR A 2028 -0.57 17.84 -3.05
N GLN A 2029 -1.29 17.28 -2.10
CA GLN A 2029 -2.33 16.31 -2.40
C GLN A 2029 -3.60 17.01 -2.84
N ARG A 2030 -3.51 17.70 -3.95
CA ARG A 2030 -4.48 18.05 -4.98
C ARG A 2030 -3.83 17.89 -6.34
N LEU A 2031 -2.50 17.87 -6.38
CA LEU A 2031 -1.75 17.69 -7.62
C LEU A 2031 -1.27 16.26 -7.76
N GLU A 2032 -1.34 15.48 -6.68
CA GLU A 2032 -1.55 14.06 -6.82
C GLU A 2032 -2.78 13.82 -7.66
N PHE A 2033 -3.88 14.48 -7.29
CA PHE A 2033 -5.21 14.14 -7.74
C PHE A 2033 -5.42 14.35 -9.22
N LEU A 2034 -4.75 15.34 -9.80
CA LEU A 2034 -4.74 15.60 -11.24
C LEU A 2034 -3.50 15.06 -11.93
N GLY A 2035 -2.36 15.04 -11.24
CA GLY A 2035 -1.15 14.48 -11.83
C GLY A 2035 -1.27 13.00 -12.15
N ASP A 2036 -2.04 12.24 -11.36
CA ASP A 2036 -2.19 10.82 -11.63
C ASP A 2036 -2.94 10.58 -12.94
N ALA A 2037 -4.03 11.33 -13.18
CA ALA A 2037 -4.78 11.16 -14.43
C ALA A 2037 -4.03 11.73 -15.63
N VAL A 2038 -3.23 12.80 -15.44
CA VAL A 2038 -2.47 13.34 -16.56
C VAL A 2038 -1.35 12.38 -16.99
N LEU A 2039 -0.51 11.92 -16.04
CA LEU A 2039 0.53 10.98 -16.45
C LEU A 2039 -0.03 9.62 -16.81
N ASP A 2040 -1.17 9.25 -16.23
CA ASP A 2040 -1.87 8.04 -16.62
C ASP A 2040 -2.30 8.10 -18.09
N TYR A 2041 -2.87 9.24 -18.52
CA TYR A 2041 -3.32 9.38 -19.90
C TYR A 2041 -2.15 9.47 -20.87
N LEU A 2042 -1.13 10.27 -20.53
CA LEU A 2042 0.03 10.43 -21.40
C LEU A 2042 0.77 9.12 -21.62
N ILE A 2043 1.04 8.39 -20.54
CA ILE A 2043 1.76 7.13 -20.68
C ILE A 2043 0.88 6.06 -21.31
N THR A 2044 -0.44 6.11 -21.09
CA THR A 2044 -1.31 5.11 -21.70
C THR A 2044 -1.43 5.33 -23.21
N ARG A 2045 -1.36 6.57 -23.66
CA ARG A 2045 -1.35 6.75 -25.11
C ARG A 2045 -0.03 6.35 -25.72
N HIS A 2046 1.09 6.73 -25.08
CA HIS A 2046 2.39 6.39 -25.67
C HIS A 2046 2.61 4.88 -25.67
N LEU A 2047 1.97 4.17 -24.75
CA LEU A 2047 1.84 2.73 -24.88
C LEU A 2047 0.97 2.35 -26.06
N TYR A 2048 -0.18 3.02 -26.24
CA TYR A 2048 -1.04 2.68 -27.37
C TYR A 2048 -0.48 3.11 -28.72
N GLU A 2049 0.03 4.33 -28.86
CA GLU A 2049 0.50 4.84 -30.14
C GLU A 2049 1.88 4.34 -30.53
N ASP A 2050 2.42 3.35 -29.82
CA ASP A 2050 3.76 2.84 -30.11
C ASP A 2050 3.78 2.13 -31.46
N PRO A 2051 4.82 2.33 -32.27
CA PRO A 2051 4.89 1.66 -33.58
C PRO A 2051 4.98 0.14 -33.51
N ARG A 2052 5.39 -0.42 -32.36
CA ARG A 2052 5.55 -1.87 -32.26
C ARG A 2052 4.18 -2.56 -32.17
N GLN A 2053 3.14 -1.80 -31.82
CA GLN A 2053 1.73 -2.21 -31.79
C GLN A 2053 1.49 -3.38 -30.85
N HIS A 2054 1.60 -3.06 -29.55
CA HIS A 2054 1.34 -4.04 -28.50
C HIS A 2054 -0.12 -4.46 -28.51
N SER A 2055 -0.36 -5.68 -28.03
CA SER A 2055 -1.62 -6.40 -27.98
C SER A 2055 -2.55 -5.79 -26.93
N PRO A 2056 -3.85 -6.09 -26.93
CA PRO A 2056 -4.72 -5.60 -25.86
C PRO A 2056 -4.34 -6.04 -24.45
N GLY A 2057 -4.17 -7.34 -24.23
CA GLY A 2057 -3.67 -7.81 -22.95
C GLY A 2057 -2.27 -7.30 -22.66
N ALA A 2058 -1.46 -7.13 -23.71
CA ALA A 2058 -0.17 -6.46 -23.57
C ALA A 2058 -0.35 -5.01 -23.18
N LEU A 2059 -1.42 -4.35 -23.64
CA LEU A 2059 -1.66 -2.96 -23.26
C LEU A 2059 -2.05 -2.85 -21.79
N THR A 2060 -2.91 -3.74 -21.31
CA THR A 2060 -3.23 -3.77 -19.88
C THR A 2060 -1.99 -4.07 -19.03
N ASP A 2061 -1.20 -5.05 -19.46
CA ASP A 2061 -0.02 -5.43 -18.68
C ASP A 2061 1.06 -4.38 -18.75
N LEU A 2062 1.16 -3.67 -19.88
CA LEU A 2062 2.13 -2.58 -19.95
C LEU A 2062 1.68 -1.34 -19.20
N ARG A 2063 0.38 -1.13 -19.00
CA ARG A 2063 -0.03 -0.11 -18.04
C ARG A 2063 0.38 -0.53 -16.64
N SER A 2064 0.02 -1.76 -16.24
CA SER A 2064 0.23 -2.16 -14.86
C SER A 2064 1.64 -2.65 -14.58
N ALA A 2065 2.55 -2.57 -15.57
CA ALA A 2065 3.95 -2.96 -15.40
C ALA A 2065 4.93 -1.89 -15.84
N LEU A 2066 4.55 -1.07 -16.83
CA LEU A 2066 5.38 0.05 -17.22
C LEU A 2066 5.48 1.07 -16.12
N VAL A 2067 4.37 1.34 -15.44
CA VAL A 2067 4.27 2.43 -14.48
C VAL A 2067 3.55 1.94 -13.24
N ASN A 2068 4.17 2.14 -12.08
CA ASN A 2068 3.44 2.24 -10.81
C ASN A 2068 4.14 3.26 -9.94
N ASN A 2069 3.67 3.37 -8.69
CA ASN A 2069 4.24 4.34 -7.75
C ASN A 2069 5.71 4.05 -7.41
N THR A 2070 6.14 2.81 -7.62
CA THR A 2070 7.53 2.45 -7.39
C THR A 2070 8.47 3.09 -8.41
N ILE A 2071 8.10 3.06 -9.71
CA ILE A 2071 8.95 3.70 -10.71
C ILE A 2071 8.83 5.22 -10.60
N PHE A 2072 7.70 5.70 -10.07
CA PHE A 2072 7.61 7.11 -9.70
C PHE A 2072 8.64 7.48 -8.64
N ALA A 2073 8.77 6.67 -7.60
CA ALA A 2073 9.81 6.91 -6.59
C ALA A 2073 11.21 6.73 -7.16
N SER A 2074 11.37 5.77 -8.06
CA SER A 2074 12.70 5.43 -8.56
C SER A 2074 13.24 6.50 -9.49
N LEU A 2075 12.42 6.96 -10.44
CA LEU A 2075 12.87 8.02 -11.31
C LEU A 2075 12.82 9.36 -10.59
N ALA A 2076 12.03 9.42 -9.51
CA ALA A 2076 12.07 10.57 -8.64
C ALA A 2076 13.44 10.69 -7.98
N VAL A 2077 13.98 9.58 -7.49
CA VAL A 2077 15.29 9.57 -6.87
C VAL A 2077 16.38 9.80 -7.91
N ARG A 2078 16.22 9.21 -9.10
CA ARG A 2078 17.19 9.43 -10.17
C ARG A 2078 17.21 10.88 -10.62
N HIS A 2079 16.06 11.52 -10.70
CA HIS A 2079 15.99 12.95 -10.96
C HIS A 2079 16.06 13.79 -9.69
N GLY A 2080 16.48 13.19 -8.58
CA GLY A 2080 16.74 13.94 -7.37
C GLY A 2080 15.52 14.55 -6.71
N PHE A 2081 14.38 13.86 -6.72
CA PHE A 2081 13.18 14.42 -6.09
C PHE A 2081 13.22 14.24 -4.59
N HIS A 2082 14.08 13.34 -4.11
CA HIS A 2082 14.48 13.38 -2.71
C HIS A 2082 15.17 14.70 -2.38
N LYS A 2083 15.99 15.21 -3.30
CA LYS A 2083 16.79 16.38 -3.06
C LYS A 2083 16.06 17.68 -3.31
N PHE A 2084 14.72 17.66 -3.38
CA PHE A 2084 13.93 18.85 -3.72
C PHE A 2084 12.61 18.95 -2.98
N PHE A 2085 12.28 18.03 -2.06
CA PHE A 2085 10.94 17.85 -1.52
C PHE A 2085 10.85 18.44 -0.10
N ARG A 2086 9.63 18.78 0.32
CA ARG A 2086 9.41 19.40 1.63
C ARG A 2086 8.35 18.65 2.42
N HIS A 2087 8.66 18.32 3.67
CA HIS A 2087 7.78 17.55 4.55
C HIS A 2087 8.17 17.72 6.00
N LEU A 2088 7.17 17.70 6.89
CA LEU A 2088 7.33 17.89 8.34
C LEU A 2088 6.48 16.90 9.15
N SER A 2089 6.63 15.61 8.88
CA SER A 2089 5.84 14.60 9.57
C SER A 2089 6.74 13.48 10.06
N PRO A 2090 6.42 12.86 11.20
CA PRO A 2090 7.34 11.91 11.82
C PRO A 2090 7.13 10.47 11.37
N GLY A 2091 8.23 9.71 11.39
CA GLY A 2091 8.24 8.32 10.95
C GLY A 2091 8.51 8.17 9.47
N LEU A 2092 7.86 9.04 8.70
CA LEU A 2092 8.03 9.08 7.25
C LEU A 2092 9.47 9.35 6.87
N ASN A 2093 10.16 10.15 7.68
CA ASN A 2093 11.49 10.60 7.30
C ASN A 2093 12.51 9.48 7.50
N ASP A 2094 12.36 8.68 8.56
CA ASP A 2094 13.24 7.52 8.72
C ASP A 2094 12.89 6.39 7.74
N VAL A 2095 11.59 6.18 7.47
CA VAL A 2095 11.16 5.15 6.51
C VAL A 2095 11.72 5.44 5.12
N ILE A 2096 11.57 6.67 4.67
CA ILE A 2096 12.03 7.01 3.34
C ILE A 2096 13.55 7.21 3.37
N ASP A 2097 14.17 7.35 4.54
CA ASP A 2097 15.63 7.26 4.55
C ASP A 2097 16.12 5.84 4.31
N ARG A 2098 15.47 4.83 4.89
CA ARG A 2098 15.85 3.45 4.59
C ARG A 2098 15.64 3.14 3.11
N PHE A 2099 14.54 3.64 2.55
CA PHE A 2099 14.25 3.46 1.14
C PHE A 2099 15.30 4.14 0.26
N VAL A 2100 15.75 5.33 0.65
CA VAL A 2100 16.73 5.93 -0.23
C VAL A 2100 18.12 5.37 0.08
N ARG A 2101 18.34 4.70 1.22
CA ARG A 2101 19.57 3.91 1.36
C ARG A 2101 19.60 2.75 0.37
N ILE A 2102 18.42 2.13 0.16
CA ILE A 2102 18.27 1.12 -0.88
C ILE A 2102 18.65 1.69 -2.24
N GLN A 2103 18.27 2.94 -2.51
CA GLN A 2103 18.74 3.56 -3.75
C GLN A 2103 20.21 4.00 -3.68
N GLN A 2104 20.74 4.27 -2.48
CA GLN A 2104 22.10 4.82 -2.35
C GLN A 2104 23.16 3.77 -2.62
N GLU A 2105 23.21 2.72 -1.79
CA GLU A 2105 24.32 1.76 -1.90
C GLU A 2105 24.21 0.90 -3.15
N ASN A 2106 23.08 0.97 -3.84
CA ASN A 2106 22.93 0.51 -5.20
C ASN A 2106 23.26 1.58 -6.22
N GLY A 2107 23.10 2.87 -5.88
CA GLY A 2107 23.39 3.94 -6.81
C GLY A 2107 22.32 4.18 -7.85
N HIS A 2108 21.16 4.68 -7.42
CA HIS A 2108 19.95 4.92 -8.22
C HIS A 2108 19.44 3.61 -8.81
N CYS A 2109 19.87 3.34 -10.05
CA CYS A 2109 19.66 2.10 -10.79
C CYS A 2109 18.21 1.74 -11.13
N ILE A 2110 18.10 0.78 -12.03
CA ILE A 2110 16.88 0.31 -12.66
C ILE A 2110 16.67 -1.12 -12.18
N SER A 2111 17.76 -1.77 -11.77
CA SER A 2111 17.79 -3.21 -11.51
C SER A 2111 16.87 -3.60 -10.37
N GLU A 2112 17.02 -2.93 -9.22
CA GLU A 2112 16.21 -3.25 -8.06
C GLU A 2112 14.76 -2.83 -8.28
N GLU A 2113 14.57 -1.71 -8.97
CA GLU A 2113 13.20 -1.25 -9.15
C GLU A 2113 12.46 -2.05 -10.22
N TYR A 2114 13.10 -2.44 -11.34
CA TYR A 2114 12.33 -3.19 -12.34
C TYR A 2114 12.19 -4.63 -11.88
N TYR A 2115 13.14 -5.08 -11.05
CA TYR A 2115 12.97 -6.33 -10.31
C TYR A 2115 11.70 -6.29 -9.47
N LEU A 2116 11.52 -5.25 -8.66
CA LEU A 2116 10.36 -5.21 -7.78
C LEU A 2116 9.08 -4.93 -8.58
N LEU A 2117 9.21 -4.29 -9.75
CA LEU A 2117 8.11 -4.29 -10.72
C LEU A 2117 7.75 -5.70 -11.16
N SER A 2118 8.77 -6.54 -11.40
CA SER A 2118 8.54 -7.92 -11.83
C SER A 2118 7.90 -8.75 -10.70
N GLU A 2119 8.06 -8.35 -9.44
CA GLU A 2119 7.12 -8.92 -8.45
C GLU A 2119 5.84 -8.10 -8.31
N GLU A 2120 5.73 -6.98 -9.03
CA GLU A 2120 4.59 -6.09 -8.78
C GLU A 2120 3.45 -6.28 -9.80
N GLU A 2121 3.68 -6.97 -10.93
CA GLU A 2121 2.50 -7.22 -11.82
C GLU A 2121 1.50 -8.17 -11.16
N GLU A 2129 7.32 0.94 -2.51
CA GLU A 2129 6.13 0.59 -1.75
C GLU A 2129 6.42 0.88 -0.28
N VAL A 2130 7.71 0.79 0.07
CA VAL A 2130 8.17 1.36 1.34
C VAL A 2130 7.78 2.82 1.49
N PRO A 2131 7.89 3.71 0.44
CA PRO A 2131 7.19 4.99 0.56
C PRO A 2131 5.86 5.02 -0.17
N LYS A 2132 5.15 6.12 -0.02
CA LYS A 2132 4.21 6.61 -1.02
C LYS A 2132 4.57 8.02 -1.46
N ALA A 2133 4.93 8.88 -0.50
CA ALA A 2133 5.01 10.32 -0.72
C ALA A 2133 6.07 10.68 -1.74
N LEU A 2134 7.27 10.14 -1.61
CA LEU A 2134 8.31 10.49 -2.56
C LEU A 2134 8.06 9.87 -3.93
N GLY A 2135 7.18 8.88 -4.02
CA GLY A 2135 6.75 8.45 -5.34
C GLY A 2135 5.84 9.51 -5.91
N ASP A 2136 4.91 9.92 -5.05
CA ASP A 2136 3.75 10.68 -5.48
C ASP A 2136 4.12 12.10 -5.91
N VAL A 2137 5.31 12.55 -5.51
CA VAL A 2137 5.77 13.89 -5.88
C VAL A 2137 5.99 13.99 -7.38
N PHE A 2138 6.34 12.89 -8.05
CA PHE A 2138 6.50 13.00 -9.50
C PHE A 2138 5.15 13.17 -10.19
N GLU A 2139 4.07 12.74 -9.54
CA GLU A 2139 2.75 13.10 -10.05
C GLU A 2139 2.45 14.58 -9.79
N SER A 2140 2.81 15.09 -8.61
CA SER A 2140 2.36 16.40 -8.18
C SER A 2140 2.98 17.50 -9.02
N ILE A 2141 4.29 17.43 -9.23
CA ILE A 2141 4.97 18.35 -10.13
C ILE A 2141 4.41 18.23 -11.55
N ALA A 2142 3.99 17.01 -11.93
CA ALA A 2142 3.34 16.80 -13.21
C ALA A 2142 2.05 17.60 -13.31
N GLY A 2143 1.26 17.61 -12.24
CA GLY A 2143 0.06 18.44 -12.22
C GLY A 2143 0.37 19.92 -12.32
N ALA A 2144 1.51 20.34 -11.77
CA ALA A 2144 1.96 21.72 -11.92
C ALA A 2144 2.20 22.02 -13.39
N ILE A 2145 2.86 21.10 -14.11
CA ILE A 2145 3.12 21.36 -15.52
C ILE A 2145 1.87 21.07 -16.34
N PHE A 2146 0.81 20.60 -15.70
CA PHE A 2146 -0.49 20.67 -16.37
C PHE A 2146 -1.02 22.10 -16.38
N LEU A 2147 -0.87 22.83 -15.28
CA LEU A 2147 -1.53 24.12 -15.19
C LEU A 2147 -0.56 25.30 -14.99
N ASP A 2148 0.73 25.04 -14.89
CA ASP A 2148 1.68 26.11 -15.17
C ASP A 2148 1.74 26.38 -16.66
N SER A 2149 1.44 25.37 -17.48
CA SER A 2149 1.56 25.45 -18.92
C SER A 2149 0.21 25.42 -19.63
N ASN A 2150 -0.89 25.64 -18.90
CA ASN A 2150 -2.24 25.85 -19.43
C ASN A 2150 -2.72 24.64 -20.26
N MET A 2151 -2.91 23.53 -19.52
CA MET A 2151 -3.56 22.31 -20.01
C MET A 2151 -2.89 21.74 -21.27
N SER A 2152 -1.58 21.87 -21.38
CA SER A 2152 -0.85 21.47 -22.58
C SER A 2152 -0.05 20.21 -22.29
N LEU A 2153 -0.54 19.10 -22.83
CA LEU A 2153 0.10 17.81 -22.59
C LEU A 2153 1.42 17.69 -23.35
N ASP A 2154 1.58 18.45 -24.44
CA ASP A 2154 2.82 18.44 -25.20
C ASP A 2154 3.99 18.98 -24.40
N VAL A 2155 3.74 19.98 -23.54
CA VAL A 2155 4.79 20.55 -22.71
C VAL A 2155 5.31 19.50 -21.73
N VAL A 2156 4.38 18.78 -21.09
CA VAL A 2156 4.71 17.71 -20.16
C VAL A 2156 5.49 16.61 -20.87
N TRP A 2157 5.09 16.26 -22.08
CA TRP A 2157 5.74 15.15 -22.77
C TRP A 2157 7.14 15.52 -23.24
N HIS A 2158 7.35 16.73 -23.79
CA HIS A 2158 8.68 17.01 -24.32
C HIS A 2158 9.65 17.28 -23.17
N VAL A 2159 9.13 17.76 -22.04
CA VAL A 2159 9.98 17.89 -20.86
C VAL A 2159 10.34 16.51 -20.31
N TYR A 2160 9.37 15.61 -20.26
CA TYR A 2160 9.56 14.33 -19.59
C TYR A 2160 10.30 13.29 -20.44
N SER A 2161 10.41 13.52 -21.76
CA SER A 2161 10.98 12.51 -22.65
C SER A 2161 12.47 12.28 -22.39
N ASN A 2162 13.26 13.36 -22.36
CA ASN A 2162 14.72 13.20 -22.24
C ASN A 2162 15.15 12.73 -20.87
N MET A 2163 14.27 12.78 -19.88
CA MET A 2163 14.53 12.24 -18.57
C MET A 2163 13.97 10.84 -18.37
N MET A 2164 12.89 10.47 -19.06
CA MET A 2164 12.24 9.19 -18.84
C MET A 2164 12.46 8.21 -20.00
N SER A 2165 13.35 8.54 -20.95
CA SER A 2165 13.60 7.65 -22.09
C SER A 2165 14.17 6.28 -21.70
N PRO A 2166 15.40 6.15 -21.13
CA PRO A 2166 16.03 4.82 -21.12
C PRO A 2166 15.32 3.79 -20.26
N GLU A 2167 14.55 4.26 -19.27
CA GLU A 2167 13.71 3.38 -18.48
C GLU A 2167 12.61 2.76 -19.34
N ILE A 2168 11.95 3.56 -20.18
CA ILE A 2168 10.81 3.01 -20.91
C ILE A 2168 11.28 2.21 -22.13
N GLU A 2169 12.43 2.57 -22.74
CA GLU A 2169 12.98 1.64 -23.73
C GLU A 2169 13.54 0.37 -23.09
N GLN A 2170 13.93 0.42 -21.81
CA GLN A 2170 14.35 -0.82 -21.16
C GLN A 2170 13.16 -1.72 -20.86
N PHE A 2171 12.05 -1.14 -20.39
CA PHE A 2171 10.88 -1.97 -20.10
C PHE A 2171 10.21 -2.40 -21.39
N SER A 2172 10.45 -1.66 -22.48
CA SER A 2172 9.99 -2.09 -23.79
C SER A 2172 10.88 -3.20 -24.35
N ASN A 2173 12.18 -3.13 -24.08
CA ASN A 2173 13.10 -4.15 -24.55
C ASN A 2173 13.11 -5.38 -23.65
N SER A 2174 12.50 -5.28 -22.47
CA SER A 2174 12.35 -6.45 -21.62
C SER A 2174 11.27 -7.39 -22.13
N VAL A 2175 10.39 -6.89 -23.00
CA VAL A 2175 9.31 -7.60 -23.70
C VAL A 2175 8.39 -8.34 -22.71
N PRO A 2176 7.47 -7.62 -22.02
CA PRO A 2176 6.46 -8.34 -21.23
C PRO A 2176 5.26 -8.78 -22.06
N LYS A 2177 5.48 -9.73 -22.98
CA LYS A 2177 4.44 -10.15 -23.92
C LYS A 2177 4.30 -11.66 -23.97
N SER A 2178 4.14 -12.31 -22.82
CA SER A 2178 4.25 -13.75 -22.74
C SER A 2178 2.87 -14.42 -22.70
N PRO A 2179 2.77 -15.70 -23.08
CA PRO A 2179 1.52 -16.47 -22.85
C PRO A 2179 1.27 -16.88 -21.39
N ILE A 2180 2.01 -16.31 -20.43
CA ILE A 2180 1.65 -16.46 -19.03
C ILE A 2180 0.28 -15.86 -18.75
N ARG A 2181 -0.14 -14.85 -19.52
CA ARG A 2181 -1.48 -14.32 -19.36
C ARG A 2181 -2.56 -15.23 -19.92
N GLU A 2182 -2.28 -15.98 -21.00
CA GLU A 2182 -3.32 -16.91 -21.43
C GLU A 2182 -3.38 -18.12 -20.51
N LEU A 2183 -2.26 -18.43 -19.84
CA LEU A 2183 -2.29 -19.42 -18.76
C LEU A 2183 -2.99 -18.88 -17.50
N LEU A 2184 -2.94 -17.57 -17.25
CA LEU A 2184 -3.79 -16.98 -16.21
C LEU A 2184 -5.26 -17.06 -16.60
N GLU A 2185 -5.56 -16.80 -17.88
CA GLU A 2185 -6.83 -17.22 -18.45
C GLU A 2185 -6.62 -18.60 -19.07
N LEU A 2186 -7.50 -19.01 -19.97
CA LEU A 2186 -7.86 -20.40 -20.23
C LEU A 2186 -8.15 -21.15 -18.93
N GLU A 2187 -8.85 -20.50 -18.00
CA GLU A 2187 -9.07 -21.02 -16.65
C GLU A 2187 -10.54 -20.83 -16.27
N PRO A 2188 -11.42 -21.77 -16.66
CA PRO A 2188 -12.69 -21.91 -15.94
C PRO A 2188 -12.44 -22.54 -14.57
N GLU A 2189 -11.77 -23.70 -14.59
CA GLU A 2189 -11.32 -24.37 -13.37
C GLU A 2189 -9.95 -25.01 -13.53
N THR A 2190 -9.16 -24.59 -14.51
CA THR A 2190 -8.06 -25.39 -15.04
C THR A 2190 -6.68 -24.78 -14.71
N ALA A 2191 -6.62 -23.65 -14.04
CA ALA A 2191 -5.31 -23.08 -13.70
C ALA A 2191 -5.29 -22.45 -12.33
N LYS A 2192 -5.82 -23.14 -11.31
CA LYS A 2192 -5.84 -22.51 -9.98
C LYS A 2192 -4.45 -22.46 -9.35
N PHE A 2193 -4.18 -21.33 -8.70
CA PHE A 2193 -2.89 -21.05 -8.08
C PHE A 2193 -3.03 -21.18 -6.58
N GLY A 2194 -2.18 -22.01 -5.97
CA GLY A 2194 -2.22 -22.20 -4.54
C GLY A 2194 -1.51 -21.09 -3.78
N LYS A 2195 -1.64 -21.16 -2.46
CA LYS A 2195 -0.94 -20.23 -1.59
C LYS A 2195 0.56 -20.52 -1.62
N PRO A 2196 1.38 -19.50 -1.36
CA PRO A 2196 2.81 -19.74 -1.19
C PRO A 2196 3.10 -20.66 -0.02
N GLU A 2197 4.00 -21.61 -0.24
CA GLU A 2197 4.39 -22.59 0.75
C GLU A 2197 5.89 -22.48 0.95
N LYS A 2198 6.29 -22.02 2.14
CA LYS A 2198 7.71 -21.76 2.40
C LYS A 2198 8.44 -23.07 2.64
N LEU A 2199 9.62 -23.16 2.05
CA LEU A 2199 10.41 -24.37 2.05
C LEU A 2199 11.35 -24.40 3.26
N ALA A 2200 12.33 -25.31 3.23
CA ALA A 2200 13.18 -25.55 4.39
C ALA A 2200 14.12 -24.37 4.65
N ASP A 2201 14.75 -23.84 3.60
CA ASP A 2201 15.69 -22.75 3.79
C ASP A 2201 15.01 -21.41 4.04
N GLY A 2202 13.74 -21.27 3.68
CA GLY A 2202 13.01 -20.04 3.92
C GLY A 2202 13.09 -19.05 2.78
N ARG A 2203 14.27 -18.92 2.16
CA ARG A 2203 14.44 -18.00 1.04
C ARG A 2203 13.88 -18.55 -0.27
N ARG A 2204 13.36 -19.77 -0.29
CA ARG A 2204 12.74 -20.32 -1.48
C ARG A 2204 11.31 -20.75 -1.15
N VAL A 2205 10.42 -20.47 -2.09
CA VAL A 2205 9.01 -20.82 -1.98
C VAL A 2205 8.69 -21.76 -3.14
N ARG A 2206 7.79 -22.71 -2.89
CA ARG A 2206 7.23 -23.54 -3.94
C ARG A 2206 5.77 -23.18 -4.13
N VAL A 2207 5.42 -22.78 -5.35
CA VAL A 2207 4.07 -22.40 -5.71
C VAL A 2207 3.45 -23.55 -6.47
N THR A 2208 2.27 -23.97 -6.04
CA THR A 2208 1.53 -25.05 -6.67
C THR A 2208 0.48 -24.49 -7.62
N VAL A 2209 0.29 -25.17 -8.75
CA VAL A 2209 -0.75 -24.87 -9.73
C VAL A 2209 -1.51 -26.16 -10.00
N ASP A 2210 -2.81 -26.16 -9.75
CA ASP A 2210 -3.64 -27.32 -10.01
C ASP A 2210 -4.44 -27.09 -11.29
N VAL A 2211 -4.46 -28.12 -12.15
CA VAL A 2211 -4.94 -28.05 -13.52
C VAL A 2211 -5.99 -29.13 -13.70
N PHE A 2212 -7.17 -28.74 -14.18
CA PHE A 2212 -8.35 -29.58 -14.20
C PHE A 2212 -8.19 -30.75 -15.17
N CYS A 2213 -8.30 -31.97 -14.64
CA CYS A 2213 -8.16 -33.25 -15.32
C CYS A 2213 -6.81 -33.44 -16.00
N LYS A 2214 -5.79 -32.67 -15.60
CA LYS A 2214 -4.44 -32.82 -16.12
C LYS A 2214 -3.37 -32.87 -15.03
N GLY A 2215 -3.67 -32.43 -13.81
CA GLY A 2215 -2.79 -32.71 -12.68
C GLY A 2215 -2.26 -31.45 -12.02
N THR A 2216 -1.32 -31.66 -11.11
CA THR A 2216 -0.76 -30.60 -10.29
C THR A 2216 0.72 -30.44 -10.58
N PHE A 2217 1.15 -29.19 -10.78
CA PHE A 2217 2.54 -28.87 -11.04
C PHE A 2217 3.03 -27.87 -10.00
N ARG A 2218 4.33 -27.91 -9.71
CA ARG A 2218 4.90 -27.07 -8.67
C ARG A 2218 6.21 -26.45 -9.13
N GLY A 2219 6.42 -25.21 -8.76
CA GLY A 2219 7.60 -24.47 -9.17
C GLY A 2219 8.32 -23.85 -8.00
N ILE A 2220 9.65 -23.87 -8.06
CA ILE A 2220 10.51 -23.35 -6.99
C ILE A 2220 10.94 -21.94 -7.37
N GLY A 2221 11.20 -21.11 -6.35
CA GLY A 2221 11.66 -19.77 -6.63
C GLY A 2221 12.24 -19.10 -5.40
N ARG A 2222 12.92 -17.99 -5.64
CA ARG A 2222 13.58 -17.20 -4.61
C ARG A 2222 12.62 -16.32 -3.82
N ASN A 2223 11.35 -16.26 -4.24
CA ASN A 2223 10.29 -15.56 -3.53
C ASN A 2223 8.97 -16.21 -3.92
N TYR A 2224 7.86 -15.49 -3.70
CA TYR A 2224 6.57 -16.03 -4.13
C TYR A 2224 6.39 -15.89 -5.63
N ARG A 2225 6.78 -14.76 -6.20
CA ARG A 2225 6.38 -14.43 -7.57
C ARG A 2225 7.23 -15.16 -8.61
N ILE A 2226 8.55 -15.25 -8.41
CA ILE A 2226 9.39 -16.00 -9.34
C ILE A 2226 9.09 -17.49 -9.23
N ALA A 2227 8.67 -17.95 -8.05
CA ALA A 2227 8.17 -19.32 -7.92
C ALA A 2227 6.87 -19.53 -8.68
N LYS A 2228 5.99 -18.52 -8.67
CA LYS A 2228 4.76 -18.60 -9.46
C LYS A 2228 5.07 -18.62 -10.95
N CYS A 2229 6.06 -17.83 -11.38
CA CYS A 2229 6.50 -17.82 -12.77
C CYS A 2229 7.10 -19.15 -13.18
N THR A 2230 7.92 -19.75 -12.30
CA THR A 2230 8.51 -21.05 -12.60
C THR A 2230 7.46 -22.15 -12.60
N ALA A 2231 6.45 -22.05 -11.73
CA ALA A 2231 5.35 -23.01 -11.75
C ALA A 2231 4.52 -22.90 -13.03
N ALA A 2232 4.29 -21.68 -13.49
CA ALA A 2232 3.59 -21.48 -14.77
C ALA A 2232 4.43 -21.97 -15.95
N LYS A 2233 5.75 -21.75 -15.89
CA LYS A 2233 6.65 -22.25 -16.94
C LYS A 2233 6.69 -23.76 -16.97
N CYS A 2234 6.68 -24.40 -15.79
CA CYS A 2234 6.63 -25.84 -15.72
C CYS A 2234 5.29 -26.38 -16.21
N ALA A 2235 4.19 -25.66 -15.92
CA ALA A 2235 2.88 -26.05 -16.43
C ALA A 2235 2.81 -25.94 -17.95
N LEU A 2236 3.45 -24.92 -18.51
CA LEU A 2236 3.48 -24.78 -19.97
C LEU A 2236 4.38 -25.85 -20.60
N ARG A 2237 5.53 -26.12 -19.98
CA ARG A 2237 6.46 -27.11 -20.49
C ARG A 2237 5.91 -28.52 -20.42
N GLN A 2238 5.07 -28.81 -19.42
CA GLN A 2238 4.48 -30.13 -19.33
C GLN A 2238 3.05 -30.15 -19.86
N LEU A 2239 2.56 -29.02 -20.36
CA LEU A 2239 1.23 -28.93 -20.94
C LEU A 2239 1.24 -28.43 -22.39
N LYS A 2240 2.16 -28.94 -23.21
CA LYS A 2240 2.21 -28.55 -24.61
C LYS A 2240 1.33 -29.47 -25.46
N THR B 358 3.08 -27.96 25.07
CA THR B 358 2.16 -28.40 26.11
C THR B 358 2.20 -29.92 26.26
N GLN B 359 3.16 -30.54 25.56
CA GLN B 359 3.34 -31.98 25.60
C GLN B 359 3.94 -32.44 26.92
N HIS B 360 4.86 -31.65 27.47
CA HIS B 360 5.60 -32.09 28.65
C HIS B 360 4.76 -32.04 29.92
N SER B 361 3.61 -31.35 29.91
CA SER B 361 2.63 -31.50 30.98
C SER B 361 2.07 -32.92 31.01
N ASN B 362 1.71 -33.45 29.84
CA ASN B 362 1.31 -34.84 29.73
C ASN B 362 2.46 -35.78 30.06
N LYS B 363 3.69 -35.39 29.71
CA LYS B 363 4.86 -36.21 30.04
C LYS B 363 5.10 -36.29 31.56
N VAL B 364 5.02 -35.15 32.25
CA VAL B 364 5.29 -35.14 33.68
C VAL B 364 4.16 -35.83 34.45
N SER B 365 2.92 -35.69 33.97
CA SER B 365 1.81 -36.40 34.60
C SER B 365 1.88 -37.90 34.31
N GLN B 366 2.32 -38.27 33.11
CA GLN B 366 2.51 -39.67 32.74
C GLN B 366 3.59 -40.33 33.59
N PHE B 367 4.69 -39.62 33.83
CA PHE B 367 5.76 -40.18 34.64
C PHE B 367 5.38 -40.28 36.12
N HIS B 368 4.63 -39.28 36.62
CA HIS B 368 4.15 -39.35 37.99
C HIS B 368 3.18 -40.51 38.18
N LYS B 369 2.28 -40.72 37.21
CA LYS B 369 1.36 -41.85 37.29
C LYS B 369 2.08 -43.18 37.07
N THR B 370 3.15 -43.17 36.27
CA THR B 370 3.88 -44.40 35.98
C THR B 370 4.67 -44.88 37.19
N LEU B 371 5.39 -43.97 37.85
CA LEU B 371 6.09 -44.37 39.07
C LEU B 371 5.24 -44.22 40.32
N LYS B 372 3.94 -43.95 40.18
CA LYS B 372 2.98 -44.29 41.21
C LYS B 372 2.17 -45.53 40.84
N ASN B 373 2.42 -46.14 39.68
CA ASN B 373 1.69 -47.31 39.23
C ASN B 373 2.37 -48.63 39.59
N ALA B 374 3.51 -48.60 40.28
CA ALA B 374 4.21 -49.82 40.62
C ALA B 374 3.50 -50.57 41.75
N THR B 375 3.84 -51.85 41.90
CA THR B 375 3.23 -52.72 42.92
C THR B 375 4.32 -53.46 43.68
N GLY B 376 5.33 -52.73 44.14
CA GLY B 376 6.45 -53.31 44.86
C GLY B 376 6.31 -53.14 46.36
N LYS B 377 6.57 -54.23 47.09
CA LYS B 377 6.52 -54.17 48.54
C LYS B 377 7.77 -53.52 49.13
N LYS B 378 8.86 -53.49 48.35
CA LYS B 378 10.07 -52.80 48.78
C LYS B 378 9.82 -51.30 48.90
N LEU B 379 8.98 -50.76 48.01
CA LEU B 379 8.59 -49.36 48.08
C LEU B 379 7.77 -49.08 49.34
N LEU B 380 6.91 -50.01 49.73
CA LEU B 380 6.11 -49.85 50.95
C LEU B 380 6.98 -49.94 52.20
N LYS B 381 7.95 -50.85 52.19
CA LYS B 381 8.94 -50.94 53.27
C LYS B 381 9.75 -49.67 53.37
N LEU B 382 10.12 -49.10 52.21
CA LEU B 382 10.76 -47.79 52.19
C LEU B 382 9.88 -46.70 52.78
N GLN B 383 8.59 -46.72 52.44
CA GLN B 383 7.69 -45.66 52.83
C GLN B 383 7.45 -45.65 54.34
N LYS B 384 7.21 -46.84 54.92
CA LYS B 384 6.87 -46.88 56.34
C LYS B 384 8.12 -46.68 57.22
N THR B 385 9.27 -47.14 56.77
CA THR B 385 10.48 -47.02 57.57
C THR B 385 10.98 -45.58 57.58
N CYS B 386 11.38 -45.13 58.78
CA CYS B 386 12.13 -43.89 58.90
C CYS B 386 13.47 -44.08 58.17
N LEU B 387 13.65 -43.35 57.07
CA LEU B 387 14.72 -43.65 56.14
C LEU B 387 16.04 -43.01 56.55
N LYS B 388 16.02 -42.29 57.67
CA LYS B 388 17.24 -41.79 58.29
C LYS B 388 17.98 -42.88 59.06
N ASN B 389 17.41 -44.08 59.14
CA ASN B 389 18.05 -45.25 59.71
C ASN B 389 19.21 -45.70 58.82
N ASN B 390 20.18 -46.38 59.46
CA ASN B 390 21.36 -46.87 58.77
C ASN B 390 21.35 -48.38 58.59
N LYS B 391 20.29 -49.06 59.04
CA LYS B 391 20.31 -50.51 59.09
C LYS B 391 20.04 -51.13 57.72
N ILE B 392 19.48 -50.37 56.79
CA ILE B 392 19.04 -50.92 55.52
C ILE B 392 20.17 -50.81 54.50
N ASP B 393 20.32 -51.85 53.68
CA ASP B 393 21.37 -51.95 52.66
C ASP B 393 20.95 -51.17 51.40
N TYR B 394 21.33 -49.88 51.38
CA TYR B 394 20.69 -48.94 50.46
C TYR B 394 21.13 -49.14 49.01
N ILE B 395 22.44 -49.34 48.78
CA ILE B 395 22.93 -49.56 47.42
C ILE B 395 22.40 -50.87 46.87
N LYS B 396 22.41 -51.92 47.72
CA LYS B 396 21.93 -53.23 47.29
C LYS B 396 20.43 -53.23 47.05
N LEU B 397 19.66 -52.55 47.91
CA LEU B 397 18.22 -52.40 47.68
C LEU B 397 17.92 -51.59 46.43
N LEU B 398 18.73 -50.58 46.14
CA LEU B 398 18.57 -49.82 44.91
C LEU B 398 18.85 -50.68 43.69
N GLY B 399 19.87 -51.55 43.77
CA GLY B 399 20.10 -52.50 42.69
C GLY B 399 18.99 -53.51 42.55
N GLU B 400 18.39 -53.91 43.67
CA GLU B 400 17.23 -54.80 43.66
C GLU B 400 16.05 -54.17 42.95
N ILE B 401 15.78 -52.89 43.24
CA ILE B 401 14.68 -52.19 42.58
C ILE B 401 15.02 -51.93 41.11
N ALA B 402 16.32 -51.77 40.78
CA ALA B 402 16.76 -51.65 39.40
C ALA B 402 16.46 -52.91 38.61
N THR B 403 16.72 -54.07 39.21
CA THR B 403 16.33 -55.33 38.58
C THR B 403 14.81 -55.51 38.58
N GLU B 404 14.13 -54.93 39.57
CA GLU B 404 12.68 -55.09 39.71
C GLU B 404 11.91 -54.34 38.63
N ASN B 405 12.23 -53.07 38.40
CA ASN B 405 11.40 -52.19 37.58
C ASN B 405 11.99 -51.93 36.20
N GLN B 406 12.78 -52.88 35.68
CA GLN B 406 13.16 -52.99 34.27
C GLN B 406 13.98 -51.78 33.79
N PHE B 407 15.07 -51.50 34.50
CA PHE B 407 15.95 -50.41 34.10
C PHE B 407 17.33 -50.66 34.69
N GLU B 408 18.21 -49.69 34.50
CA GLU B 408 19.56 -49.71 35.04
C GLU B 408 19.70 -48.59 36.06
N VAL B 409 20.11 -48.95 37.26
CA VAL B 409 20.70 -47.96 38.16
C VAL B 409 22.17 -47.84 37.78
N THR B 410 22.59 -46.63 37.43
CA THR B 410 23.95 -46.40 36.98
C THR B 410 24.65 -45.52 38.02
N TYR B 411 25.52 -46.13 38.82
CA TYR B 411 26.35 -45.39 39.75
C TYR B 411 27.54 -44.81 39.00
N VAL B 412 27.67 -43.48 39.00
CA VAL B 412 28.81 -42.80 38.38
C VAL B 412 29.46 -41.90 39.42
N ASP B 413 30.75 -42.11 39.67
CA ASP B 413 31.50 -41.24 40.56
C ASP B 413 31.90 -39.96 39.84
N ILE B 414 32.31 -38.96 40.62
CA ILE B 414 32.80 -37.70 40.07
C ILE B 414 34.28 -37.90 39.79
N GLU B 415 34.84 -37.06 38.92
CA GLU B 415 36.29 -37.03 38.74
C GLU B 415 36.94 -35.92 39.56
N GLU B 416 36.16 -35.09 40.25
CA GLU B 416 36.66 -33.88 40.88
C GLU B 416 36.21 -33.84 42.34
N LYS B 417 37.16 -33.99 43.25
CA LYS B 417 36.85 -33.90 44.67
C LYS B 417 36.60 -32.44 45.05
N THR B 418 36.00 -32.24 46.22
CA THR B 418 35.60 -30.90 46.64
C THR B 418 36.79 -30.08 47.12
N PHE B 419 36.49 -28.82 47.47
CA PHE B 419 37.44 -28.00 48.19
C PHE B 419 37.68 -28.53 49.59
N SER B 420 36.67 -29.19 50.17
CA SER B 420 36.79 -29.85 51.47
C SER B 420 37.33 -31.27 51.36
N GLY B 421 37.60 -31.75 50.14
CA GLY B 421 38.11 -33.08 49.93
C GLY B 421 37.14 -34.19 50.28
N GLN B 422 35.89 -34.04 49.85
CA GLN B 422 34.86 -35.04 50.12
C GLN B 422 34.37 -35.61 48.80
N PHE B 423 34.22 -36.92 48.76
CA PHE B 423 33.94 -37.60 47.50
C PHE B 423 32.48 -37.42 47.08
N GLN B 424 32.23 -37.42 45.77
CA GLN B 424 30.90 -37.23 45.21
C GLN B 424 30.56 -38.40 44.29
N CYS B 425 29.36 -38.94 44.45
CA CYS B 425 28.81 -39.95 43.55
C CYS B 425 27.44 -39.49 43.08
N LEU B 426 26.98 -40.06 41.97
CA LEU B 426 25.64 -39.78 41.47
C LEU B 426 25.04 -41.07 40.94
N VAL B 427 23.72 -41.10 40.90
CA VAL B 427 22.97 -42.29 40.51
C VAL B 427 22.00 -41.90 39.40
N GLN B 428 22.06 -42.62 38.30
CA GLN B 428 21.13 -42.44 37.19
C GLN B 428 20.06 -43.52 37.29
N LEU B 429 18.81 -43.09 37.41
CA LEU B 429 17.63 -43.95 37.46
C LEU B 429 17.05 -43.94 36.06
N SER B 430 17.40 -44.94 35.26
CA SER B 430 17.13 -44.90 33.82
C SER B 430 15.64 -45.13 33.50
N THR B 431 14.80 -44.19 33.87
CA THR B 431 13.39 -44.24 33.53
C THR B 431 13.11 -43.27 32.39
N LEU B 432 11.84 -43.10 32.03
CA LEU B 432 11.45 -42.16 30.98
C LEU B 432 10.42 -41.18 31.53
N PRO B 433 10.84 -39.95 31.86
CA PRO B 433 12.20 -39.39 31.86
C PRO B 433 13.06 -39.88 33.00
N VAL B 434 14.35 -39.58 32.89
CA VAL B 434 15.38 -40.18 33.74
C VAL B 434 15.39 -39.46 35.09
N GLY B 435 15.61 -40.21 36.16
CA GLY B 435 15.92 -39.58 37.43
C GLY B 435 17.41 -39.48 37.63
N VAL B 436 17.84 -38.38 38.24
CA VAL B 436 19.24 -38.19 38.61
C VAL B 436 19.29 -37.84 40.08
N CYS B 437 20.09 -38.58 40.84
CA CYS B 437 20.28 -38.28 42.25
C CYS B 437 21.77 -38.27 42.52
N HIS B 438 22.16 -37.88 43.73
CA HIS B 438 23.59 -37.72 44.02
C HIS B 438 23.81 -37.76 45.52
N GLY B 439 25.07 -37.99 45.89
CA GLY B 439 25.49 -37.98 47.26
C GLY B 439 26.93 -37.53 47.36
N SER B 440 27.28 -36.99 48.52
CA SER B 440 28.65 -36.62 48.79
C SER B 440 29.02 -37.17 50.16
N GLY B 441 29.96 -38.11 50.16
CA GLY B 441 30.38 -38.77 51.37
C GLY B 441 31.88 -38.79 51.49
N PRO B 442 32.39 -39.05 52.70
CA PRO B 442 33.85 -39.06 52.92
C PRO B 442 34.60 -40.11 52.12
N THR B 443 33.98 -41.24 51.82
CA THR B 443 34.56 -42.24 50.94
C THR B 443 33.71 -42.37 49.68
N ALA B 444 34.23 -43.12 48.71
CA ALA B 444 33.43 -43.46 47.53
C ALA B 444 32.27 -44.37 47.91
N ALA B 445 32.49 -45.24 48.90
CA ALA B 445 31.41 -46.05 49.45
C ALA B 445 30.36 -45.18 50.12
N ASP B 446 30.80 -44.16 50.86
CA ASP B 446 29.85 -43.29 51.55
C ASP B 446 29.17 -42.34 50.58
N ALA B 447 29.89 -41.88 49.56
CA ALA B 447 29.29 -41.04 48.52
C ALA B 447 28.24 -41.83 47.74
N GLN B 448 28.55 -43.08 47.41
CA GLN B 448 27.57 -43.93 46.73
C GLN B 448 26.42 -44.30 47.65
N ARG B 449 26.67 -44.43 48.96
CA ARG B 449 25.61 -44.68 49.92
C ARG B 449 24.64 -43.52 50.01
N HIS B 450 25.14 -42.28 50.07
CA HIS B 450 24.24 -41.14 50.17
C HIS B 450 23.58 -40.85 48.83
N ALA B 451 24.25 -41.24 47.73
CA ALA B 451 23.64 -41.12 46.41
C ALA B 451 22.50 -42.12 46.22
N ALA B 452 22.72 -43.37 46.64
CA ALA B 452 21.65 -44.35 46.65
C ALA B 452 20.56 -43.95 47.63
N GLN B 453 20.93 -43.27 48.72
CA GLN B 453 19.93 -42.72 49.64
C GLN B 453 19.02 -41.72 48.94
N ASN B 454 19.61 -40.74 48.25
CA ASN B 454 18.89 -39.69 47.54
C ASN B 454 18.00 -40.29 46.46
N ALA B 455 18.49 -41.32 45.78
CA ALA B 455 17.64 -42.12 44.90
C ALA B 455 16.43 -42.69 45.62
N LEU B 456 16.61 -43.21 46.84
CA LEU B 456 15.46 -43.81 47.51
C LEU B 456 14.49 -42.76 48.08
N GLU B 457 14.95 -41.61 48.60
CA GLU B 457 13.89 -40.67 48.98
C GLU B 457 13.35 -39.94 47.76
N TYR B 458 14.04 -39.96 46.64
CA TYR B 458 13.44 -39.43 45.43
C TYR B 458 12.33 -40.35 44.92
N LEU B 459 12.52 -41.66 45.09
CA LEU B 459 11.45 -42.58 44.78
C LEU B 459 10.32 -42.46 45.79
N LYS B 460 10.65 -42.31 47.07
CA LYS B 460 9.63 -42.18 48.12
C LYS B 460 8.82 -40.90 47.94
N ILE B 461 9.49 -39.81 47.54
CA ILE B 461 8.80 -38.60 47.10
C ILE B 461 7.95 -38.89 45.87
N MET B 462 8.47 -39.72 44.97
CA MET B 462 7.75 -40.01 43.74
C MET B 462 6.60 -40.98 43.98
N THR B 463 6.79 -41.96 44.87
CA THR B 463 5.78 -43.02 45.04
C THR B 463 4.73 -42.69 46.09
N LYS B 464 4.74 -41.51 46.68
CA LYS B 464 3.74 -41.17 47.68
C LYS B 464 2.38 -40.94 47.03
N LYS B 465 1.46 -41.86 47.25
CA LYS B 465 0.10 -41.71 46.73
C LYS B 465 -0.81 -41.12 47.80
#